data_8H6Q
#
_entry.id   8H6Q
#
_cell.length_a   84.613
_cell.length_b   116.611
_cell.length_c   88.115
_cell.angle_alpha   90.00
_cell.angle_beta   111.16
_cell.angle_gamma   90.00
#
_symmetry.space_group_name_H-M   'P 1 21 1'
#
loop_
_entity.id
_entity.type
_entity.pdbx_description
1 polymer 'Presilphiperfolan-8-beta-ol synthase'
2 water water
#
_entity_poly.entity_id   1
_entity_poly.type   'polypeptide(L)'
_entity_poly.pdbx_seq_one_letter_code
;GSHMAMSEKPNTQELKQQQLDPKRPPFVRVPDLFGSIMSTKPVVNPNYFAAKARGDRWIARVMNFNKAVAARNSKVDLCF
LASMWAPDAPEDRLVMMLDWNHWVFLFDDQFDEGHLKEDPAAAAEEVKQTIAIMGGNAPRYTAESNPIRYVFQQCWDRLK
AVSSQEMQQRWIDQHKRYFDQLLVQVDQQVGGENFTRDVEAYMDLRRGTIGVYPAISLSEYGAGVNVPQHVYDHPSLQEC
MKVSADLVTLVNDVLSYRKDLELGVDHNLMSLLMQRDNLSAQQAVDVIGDMVNECYRRWYLALAELPSYGEKIDYNVMKF
VEICRAVAQGNLYWSFQTGRYLGPEGHEVHETGIMYLPPAANLVVA
;
_entity_poly.pdbx_strand_id   A,B,C,D
#
# COMPACT_ATOMS: atom_id res chain seq x y z
N PRO A 25 -0.24 -33.11 -33.36
CA PRO A 25 1.10 -32.56 -33.54
C PRO A 25 1.91 -32.71 -32.27
N PRO A 26 3.24 -32.61 -32.35
CA PRO A 26 4.04 -32.72 -31.12
C PRO A 26 3.92 -31.49 -30.22
N PHE A 27 3.32 -30.39 -30.70
CA PHE A 27 3.13 -29.18 -29.92
C PHE A 27 2.11 -28.30 -30.62
N VAL A 28 1.59 -27.31 -29.88
CA VAL A 28 0.85 -26.23 -30.50
C VAL A 28 1.34 -24.91 -29.91
N ARG A 29 1.19 -23.83 -30.68
CA ARG A 29 1.42 -22.49 -30.16
C ARG A 29 0.11 -22.01 -29.56
N VAL A 30 0.08 -21.79 -28.25
CA VAL A 30 -1.16 -21.37 -27.60
C VAL A 30 -1.31 -19.85 -27.76
N PRO A 31 -2.52 -19.33 -27.79
CA PRO A 31 -2.69 -17.88 -27.83
C PRO A 31 -2.15 -17.22 -26.56
N ASP A 32 -1.81 -15.94 -26.70
CA ASP A 32 -1.48 -15.11 -25.54
C ASP A 32 -2.74 -14.91 -24.73
N LEU A 33 -2.79 -15.46 -23.51
CA LEU A 33 -3.95 -15.31 -22.64
C LEU A 33 -3.82 -14.10 -21.70
N PHE A 34 -2.69 -13.40 -21.74
CA PHE A 34 -2.39 -12.31 -20.82
C PHE A 34 -2.44 -10.96 -21.50
N GLY A 35 -3.22 -10.84 -22.59
CA GLY A 35 -3.33 -9.58 -23.28
C GLY A 35 -4.47 -8.73 -22.75
N SER A 36 -4.51 -7.48 -23.22
CA SER A 36 -5.66 -6.58 -23.01
C SER A 36 -5.93 -6.46 -21.51
N ILE A 37 -7.19 -6.63 -21.06
CA ILE A 37 -7.53 -6.44 -19.66
C ILE A 37 -6.92 -7.50 -18.75
N MET A 38 -6.36 -8.58 -19.32
CA MET A 38 -5.64 -9.57 -18.54
C MET A 38 -4.16 -9.24 -18.37
N SER A 39 -3.68 -8.12 -18.93
CA SER A 39 -2.25 -7.82 -18.95
C SER A 39 -1.77 -7.05 -17.73
N THR A 40 -2.68 -6.58 -16.89
CA THR A 40 -2.26 -5.80 -15.73
C THR A 40 -1.57 -6.71 -14.73
N LYS A 41 -0.83 -6.09 -13.84
CA LYS A 41 -0.26 -6.85 -12.72
C LYS A 41 -1.35 -7.11 -11.70
N PRO A 42 -1.65 -8.36 -11.37
CA PRO A 42 -2.75 -8.64 -10.45
C PRO A 42 -2.42 -8.22 -9.02
N VAL A 43 -3.41 -7.64 -8.35
CA VAL A 43 -3.33 -7.32 -6.94
C VAL A 43 -3.82 -8.52 -6.14
N VAL A 44 -3.06 -8.93 -5.14
CA VAL A 44 -3.39 -10.09 -4.30
C VAL A 44 -3.63 -9.59 -2.88
N ASN A 45 -4.73 -10.02 -2.28
CA ASN A 45 -5.09 -9.63 -0.91
C ASN A 45 -3.93 -9.87 0.07
N PRO A 46 -3.49 -8.85 0.82
CA PRO A 46 -2.41 -9.09 1.80
C PRO A 46 -2.82 -10.00 2.95
N ASN A 47 -4.11 -10.24 3.17
CA ASN A 47 -4.56 -11.19 4.17
C ASN A 47 -4.43 -12.64 3.73
N TYR A 48 -3.84 -12.89 2.55
CA TYR A 48 -3.71 -14.24 2.02
C TYR A 48 -3.12 -15.22 3.04
N PHE A 49 -1.99 -14.86 3.66
CA PHE A 49 -1.28 -15.82 4.51
C PHE A 49 -2.07 -16.19 5.75
N ALA A 50 -2.66 -15.20 6.43
CA ALA A 50 -3.41 -15.48 7.63
C ALA A 50 -4.73 -16.17 7.30
N ALA A 51 -5.38 -15.81 6.20
CA ALA A 51 -6.62 -16.49 5.82
C ALA A 51 -6.37 -17.93 5.44
N LYS A 52 -5.31 -18.18 4.65
CA LYS A 52 -4.96 -19.55 4.27
C LYS A 52 -4.66 -20.41 5.49
N ALA A 53 -3.91 -19.86 6.45
CA ALA A 53 -3.59 -20.61 7.66
C ALA A 53 -4.86 -21.01 8.40
N ARG A 54 -5.85 -20.13 8.47
CA ARG A 54 -7.08 -20.49 9.15
C ARG A 54 -7.90 -21.46 8.31
N GLY A 55 -8.10 -21.14 7.03
CA GLY A 55 -9.10 -21.84 6.23
C GLY A 55 -8.71 -23.24 5.81
N ASP A 56 -7.43 -23.44 5.48
CA ASP A 56 -6.98 -24.78 5.03
C ASP A 56 -7.07 -25.80 6.16
N ARG A 57 -6.70 -25.42 7.37
CA ARG A 57 -6.76 -26.43 8.41
C ARG A 57 -8.17 -26.61 8.94
N TRP A 58 -9.02 -25.58 8.82
CA TRP A 58 -10.42 -25.72 9.19
C TRP A 58 -11.13 -26.71 8.26
N ILE A 59 -10.95 -26.55 6.95
CA ILE A 59 -11.63 -27.45 6.02
C ILE A 59 -11.11 -28.87 6.18
N ALA A 60 -9.80 -29.01 6.42
CA ALA A 60 -9.22 -30.34 6.64
C ALA A 60 -9.84 -31.02 7.86
N ARG A 61 -10.16 -30.23 8.88
CA ARG A 61 -10.79 -30.74 10.09
C ARG A 61 -12.26 -31.05 9.86
N VAL A 62 -12.94 -30.21 9.09
CA VAL A 62 -14.36 -30.41 8.80
C VAL A 62 -14.56 -31.67 7.96
N MET A 63 -13.69 -31.89 6.98
CA MET A 63 -13.82 -32.97 6.02
C MET A 63 -13.02 -34.18 6.42
N ASN A 64 -12.40 -34.16 7.61
CA ASN A 64 -11.53 -35.23 8.08
C ASN A 64 -10.51 -35.63 7.02
N PHE A 65 -9.85 -34.62 6.43
CA PHE A 65 -8.77 -34.87 5.48
C PHE A 65 -7.60 -35.56 6.18
N ASN A 66 -7.05 -36.60 5.57
CA ASN A 66 -5.82 -37.17 6.08
C ASN A 66 -4.63 -36.24 5.76
N LYS A 67 -3.45 -36.62 6.23
CA LYS A 67 -2.28 -35.76 6.10
C LYS A 67 -1.98 -35.43 4.64
N ALA A 68 -2.17 -36.41 3.75
CA ALA A 68 -1.79 -36.23 2.36
C ALA A 68 -2.84 -35.47 1.56
N VAL A 69 -4.12 -35.75 1.84
CA VAL A 69 -5.19 -35.04 1.14
C VAL A 69 -5.23 -33.58 1.59
N ALA A 70 -4.89 -33.32 2.85
CA ALA A 70 -4.81 -31.96 3.33
C ALA A 70 -3.67 -31.20 2.67
N ALA A 71 -2.52 -31.85 2.50
CA ALA A 71 -1.39 -31.20 1.84
C ALA A 71 -1.69 -30.95 0.37
N ARG A 72 -2.45 -31.86 -0.24
CA ARG A 72 -2.85 -31.71 -1.63
C ARG A 72 -3.81 -30.52 -1.78
N ASN A 73 -4.70 -30.35 -0.81
CA ASN A 73 -5.65 -29.24 -0.83
C ASN A 73 -4.95 -27.92 -0.62
N SER A 74 -3.97 -27.90 0.29
CA SER A 74 -3.21 -26.68 0.53
C SER A 74 -2.49 -26.24 -0.74
N LYS A 75 -1.94 -27.20 -1.46
CA LYS A 75 -1.25 -26.94 -2.71
C LYS A 75 -2.21 -26.35 -3.73
N VAL A 76 -3.40 -26.93 -3.83
CA VAL A 76 -4.41 -26.45 -4.76
C VAL A 76 -4.65 -24.96 -4.54
N ASP A 77 -4.51 -24.51 -3.29
CA ASP A 77 -4.40 -23.11 -2.90
C ASP A 77 -5.53 -22.26 -3.48
N LEU A 78 -6.76 -22.63 -3.10
CA LEU A 78 -7.90 -21.80 -3.44
C LEU A 78 -7.83 -20.44 -2.75
N CYS A 79 -7.02 -20.31 -1.69
CA CYS A 79 -6.87 -18.99 -1.07
C CYS A 79 -6.27 -17.99 -2.04
N PHE A 80 -5.25 -18.41 -2.81
CA PHE A 80 -4.66 -17.54 -3.81
C PHE A 80 -5.72 -17.04 -4.78
N LEU A 81 -6.59 -17.94 -5.23
CA LEU A 81 -7.71 -17.57 -6.11
C LEU A 81 -8.60 -16.52 -5.45
N ALA A 82 -9.15 -16.82 -4.28
CA ALA A 82 -10.02 -15.88 -3.58
C ALA A 82 -9.31 -14.54 -3.32
N SER A 83 -8.00 -14.58 -3.11
CA SER A 83 -7.25 -13.36 -2.79
C SER A 83 -7.11 -12.43 -3.98
N MET A 84 -7.24 -12.93 -5.21
CA MET A 84 -7.25 -12.03 -6.35
C MET A 84 -8.66 -11.55 -6.70
N TRP A 85 -9.69 -12.32 -6.33
CA TRP A 85 -11.06 -11.91 -6.62
C TRP A 85 -11.43 -10.64 -5.84
N ALA A 86 -11.07 -10.56 -4.56
CA ALA A 86 -11.40 -9.43 -3.70
C ALA A 86 -10.16 -9.03 -2.91
N PRO A 87 -9.24 -8.27 -3.53
CA PRO A 87 -7.93 -8.04 -2.91
C PRO A 87 -7.93 -7.11 -1.71
N ASP A 88 -9.03 -6.46 -1.36
CA ASP A 88 -9.04 -5.78 -0.08
C ASP A 88 -10.19 -6.22 0.81
N ALA A 89 -10.71 -7.43 0.60
CA ALA A 89 -11.53 -8.08 1.61
C ALA A 89 -10.75 -8.11 2.94
N PRO A 90 -11.37 -7.76 4.06
CA PRO A 90 -10.71 -7.97 5.36
C PRO A 90 -10.55 -9.45 5.60
N GLU A 91 -9.67 -9.78 6.55
CA GLU A 91 -9.29 -11.18 6.76
C GLU A 91 -10.49 -12.08 7.00
N ASP A 92 -11.44 -11.65 7.84
CA ASP A 92 -12.58 -12.51 8.14
C ASP A 92 -13.42 -12.79 6.89
N ARG A 93 -13.61 -11.77 6.03
CA ARG A 93 -14.35 -12.01 4.80
C ARG A 93 -13.54 -12.86 3.82
N LEU A 94 -12.22 -12.70 3.79
CA LEU A 94 -11.42 -13.57 2.94
C LEU A 94 -11.48 -15.02 3.41
N VAL A 95 -11.57 -15.21 4.72
CA VAL A 95 -11.68 -16.55 5.28
C VAL A 95 -12.97 -17.21 4.78
N MET A 96 -14.06 -16.44 4.77
CA MET A 96 -15.35 -16.93 4.30
C MET A 96 -15.23 -17.32 2.83
N MET A 97 -14.59 -16.44 2.06
CA MET A 97 -14.37 -16.68 0.64
C MET A 97 -13.67 -18.02 0.47
N LEU A 98 -12.59 -18.21 1.23
CA LEU A 98 -11.86 -19.48 1.15
C LEU A 98 -12.77 -20.65 1.51
N ASP A 99 -13.52 -20.52 2.61
CA ASP A 99 -14.51 -21.53 2.97
C ASP A 99 -15.45 -21.83 1.79
N TRP A 100 -15.98 -20.78 1.13
CA TRP A 100 -16.87 -20.98 -0.01
C TRP A 100 -16.15 -21.68 -1.17
N ASN A 101 -14.91 -21.29 -1.46
CA ASN A 101 -14.19 -21.97 -2.54
C ASN A 101 -14.03 -23.44 -2.22
N HIS A 102 -13.69 -23.76 -0.97
CA HIS A 102 -13.61 -25.17 -0.60
C HIS A 102 -14.96 -25.85 -0.74
N TRP A 103 -16.04 -25.17 -0.32
CA TRP A 103 -17.38 -25.74 -0.50
C TRP A 103 -17.67 -26.04 -1.97
N VAL A 104 -17.52 -25.04 -2.83
CA VAL A 104 -17.81 -25.19 -4.25
C VAL A 104 -17.06 -26.37 -4.87
N PHE A 105 -15.76 -26.43 -4.57
CA PHE A 105 -14.90 -27.49 -5.09
C PHE A 105 -15.41 -28.86 -4.70
N LEU A 106 -15.76 -29.04 -3.42
CA LEU A 106 -16.21 -30.34 -2.95
C LEU A 106 -17.63 -30.63 -3.43
N PHE A 107 -18.49 -29.60 -3.42
CA PHE A 107 -19.86 -29.72 -3.91
C PHE A 107 -19.90 -30.11 -5.37
N ASP A 108 -19.14 -29.38 -6.20
CA ASP A 108 -19.15 -29.56 -7.64
C ASP A 108 -18.69 -30.97 -8.04
N ASP A 109 -17.69 -31.49 -7.34
CA ASP A 109 -17.18 -32.82 -7.66
C ASP A 109 -18.27 -33.90 -7.55
N GLN A 110 -19.25 -33.70 -6.66
CA GLN A 110 -20.34 -34.66 -6.52
C GLN A 110 -21.07 -34.86 -7.85
N PHE A 111 -21.24 -33.77 -8.60
CA PHE A 111 -21.98 -33.78 -9.85
C PHE A 111 -21.11 -34.12 -11.03
N ASP A 112 -19.83 -33.75 -11.00
CA ASP A 112 -18.93 -34.01 -12.12
C ASP A 112 -18.39 -35.43 -12.08
N GLU A 113 -18.03 -35.93 -10.90
CA GLU A 113 -17.44 -37.28 -10.82
C GLU A 113 -17.97 -38.16 -9.70
N GLY A 114 -18.65 -37.62 -8.70
CA GLY A 114 -19.06 -38.38 -7.55
C GLY A 114 -20.44 -39.00 -7.71
N HIS A 115 -21.13 -39.12 -6.58
CA HIS A 115 -22.35 -39.92 -6.47
C HIS A 115 -23.56 -39.30 -7.16
N LEU A 116 -23.52 -38.04 -7.54
CA LEU A 116 -24.64 -37.39 -8.20
C LEU A 116 -24.48 -37.33 -9.73
N LYS A 117 -23.36 -37.82 -10.26
CA LYS A 117 -23.02 -37.58 -11.66
C LYS A 117 -24.03 -38.20 -12.61
N GLU A 118 -24.66 -39.32 -12.22
CA GLU A 118 -25.56 -40.02 -13.11
C GLU A 118 -26.88 -40.31 -12.41
N ASP A 119 -27.30 -39.41 -11.52
CA ASP A 119 -28.47 -39.63 -10.67
C ASP A 119 -29.30 -38.36 -10.64
N PRO A 120 -30.14 -38.14 -11.64
CA PRO A 120 -30.92 -36.90 -11.68
C PRO A 120 -31.78 -36.68 -10.46
N ALA A 121 -32.32 -37.74 -9.84
CA ALA A 121 -33.17 -37.54 -8.66
C ALA A 121 -32.35 -37.18 -7.43
N ALA A 122 -31.23 -37.85 -7.21
CA ALA A 122 -30.37 -37.48 -6.09
C ALA A 122 -29.78 -36.10 -6.31
N ALA A 123 -29.43 -35.76 -7.56
CA ALA A 123 -28.88 -34.44 -7.87
C ALA A 123 -29.90 -33.35 -7.58
N ALA A 124 -31.15 -33.54 -8.02
CA ALA A 124 -32.20 -32.57 -7.72
C ALA A 124 -32.45 -32.46 -6.22
N GLU A 125 -32.34 -33.57 -5.48
CA GLU A 125 -32.57 -33.51 -4.05
C GLU A 125 -31.45 -32.76 -3.34
N GLU A 126 -30.20 -32.99 -3.75
CA GLU A 126 -29.08 -32.22 -3.18
C GLU A 126 -29.25 -30.74 -3.42
N VAL A 127 -29.63 -30.36 -4.65
CA VAL A 127 -29.82 -28.96 -4.98
C VAL A 127 -30.93 -28.36 -4.14
N LYS A 128 -32.04 -29.09 -4.01
CA LYS A 128 -33.14 -28.63 -3.17
C LYS A 128 -32.70 -28.42 -1.72
N GLN A 129 -31.96 -29.39 -1.15
CA GLN A 129 -31.57 -29.26 0.25
C GLN A 129 -30.52 -28.16 0.44
N THR A 130 -29.69 -27.90 -0.57
CA THR A 130 -28.70 -26.84 -0.46
C THR A 130 -29.35 -25.46 -0.63
N ILE A 131 -30.38 -25.40 -1.48
CA ILE A 131 -31.12 -24.16 -1.66
C ILE A 131 -31.87 -23.83 -0.36
N ALA A 132 -32.36 -24.85 0.33
CA ALA A 132 -33.08 -24.67 1.59
C ALA A 132 -32.20 -24.09 2.69
N ILE A 133 -30.88 -24.26 2.59
CA ILE A 133 -29.97 -23.65 3.56
C ILE A 133 -30.11 -22.13 3.54
N MET A 134 -30.42 -21.56 2.38
CA MET A 134 -30.40 -20.11 2.21
C MET A 134 -31.76 -19.53 2.60
N GLY A 135 -32.03 -19.59 3.91
CA GLY A 135 -33.25 -19.02 4.46
C GLY A 135 -34.47 -19.89 4.32
N GLY A 136 -34.34 -21.13 3.87
CA GLY A 136 -35.43 -22.08 3.82
C GLY A 136 -35.50 -22.95 5.06
N ASN A 137 -35.99 -24.18 4.89
CA ASN A 137 -36.35 -25.01 6.03
C ASN A 137 -35.24 -25.97 6.44
N ALA A 138 -34.01 -25.75 5.95
CA ALA A 138 -32.91 -26.65 6.26
C ALA A 138 -32.71 -26.76 7.77
N PRO A 139 -32.21 -27.91 8.24
CA PRO A 139 -31.79 -27.98 9.64
C PRO A 139 -30.47 -27.27 9.86
N ARG A 140 -30.05 -27.21 11.11
CA ARG A 140 -28.75 -26.68 11.50
C ARG A 140 -27.75 -27.82 11.35
N TYR A 141 -26.95 -27.79 10.29
CA TYR A 141 -26.00 -28.85 10.02
C TYR A 141 -24.78 -28.75 10.95
N THR A 142 -24.06 -29.86 11.07
CA THR A 142 -22.77 -29.91 11.73
C THR A 142 -21.77 -30.55 10.79
N ALA A 143 -20.49 -30.41 11.10
CA ALA A 143 -19.48 -31.10 10.32
C ALA A 143 -19.70 -32.61 10.34
N GLU A 144 -20.22 -33.13 11.45
CA GLU A 144 -20.46 -34.58 11.53
C GLU A 144 -21.65 -35.00 10.67
N SER A 145 -22.72 -34.19 10.65
CA SER A 145 -23.97 -34.67 10.06
C SER A 145 -24.01 -34.49 8.55
N ASN A 146 -23.28 -33.52 8.01
CA ASN A 146 -23.18 -33.30 6.57
C ASN A 146 -22.15 -32.20 6.34
N PRO A 147 -20.88 -32.56 6.15
CA PRO A 147 -19.82 -31.53 6.17
C PRO A 147 -19.91 -30.52 5.04
N ILE A 148 -20.23 -30.97 3.82
CA ILE A 148 -20.31 -30.02 2.71
C ILE A 148 -21.46 -29.05 2.92
N ARG A 149 -22.66 -29.56 3.26
CA ARG A 149 -23.76 -28.65 3.56
C ARG A 149 -23.43 -27.76 4.75
N TYR A 150 -22.70 -28.30 5.73
CA TYR A 150 -22.29 -27.49 6.88
C TYR A 150 -21.48 -26.27 6.45
N VAL A 151 -20.49 -26.45 5.57
CA VAL A 151 -19.68 -25.33 5.12
C VAL A 151 -20.54 -24.28 4.42
N PHE A 152 -21.41 -24.73 3.50
CA PHE A 152 -22.27 -23.78 2.81
C PHE A 152 -23.14 -23.03 3.80
N GLN A 153 -23.59 -23.70 4.86
CA GLN A 153 -24.41 -23.03 5.86
C GLN A 153 -23.60 -21.99 6.63
N GLN A 154 -22.36 -22.32 7.01
CA GLN A 154 -21.51 -21.36 7.71
C GLN A 154 -21.23 -20.14 6.84
N CYS A 155 -21.01 -20.36 5.54
CA CYS A 155 -20.87 -19.24 4.61
C CYS A 155 -22.14 -18.43 4.52
N TRP A 156 -23.29 -19.10 4.34
CA TRP A 156 -24.53 -18.34 4.22
C TRP A 156 -24.80 -17.50 5.47
N ASP A 157 -24.53 -18.07 6.65
CA ASP A 157 -24.71 -17.32 7.89
C ASP A 157 -23.96 -15.99 7.85
N ARG A 158 -22.69 -16.04 7.45
CA ARG A 158 -21.88 -14.83 7.43
C ARG A 158 -22.33 -13.88 6.32
N LEU A 159 -22.70 -14.44 5.17
CA LEU A 159 -23.20 -13.63 4.06
C LEU A 159 -24.41 -12.83 4.49
N LYS A 160 -25.40 -13.49 5.08
CA LYS A 160 -26.65 -12.85 5.47
C LYS A 160 -26.43 -11.81 6.56
N ALA A 161 -25.51 -12.07 7.49
CA ALA A 161 -25.28 -11.16 8.60
C ALA A 161 -24.83 -9.77 8.17
N VAL A 162 -24.23 -9.62 6.98
CA VAL A 162 -23.73 -8.32 6.56
C VAL A 162 -24.31 -7.89 5.21
N SER A 163 -25.35 -8.54 4.73
CA SER A 163 -25.88 -8.20 3.42
C SER A 163 -27.36 -7.87 3.52
N SER A 164 -27.77 -6.88 2.73
CA SER A 164 -29.18 -6.53 2.61
C SER A 164 -29.96 -7.68 2.01
N GLN A 165 -31.28 -7.64 2.19
CA GLN A 165 -32.16 -8.64 1.60
C GLN A 165 -31.95 -8.75 0.09
N GLU A 166 -31.84 -7.60 -0.57
CA GLU A 166 -31.62 -7.60 -2.02
C GLU A 166 -30.33 -8.34 -2.38
N MET A 167 -29.27 -8.17 -1.59
CA MET A 167 -28.02 -8.86 -1.88
C MET A 167 -28.09 -10.32 -1.47
N GLN A 168 -28.83 -10.64 -0.41
CA GLN A 168 -29.10 -12.05 -0.09
C GLN A 168 -29.80 -12.76 -1.24
N GLN A 169 -30.83 -12.11 -1.80
CA GLN A 169 -31.55 -12.70 -2.93
C GLN A 169 -30.66 -12.82 -4.16
N ARG A 170 -29.77 -11.85 -4.39
CA ARG A 170 -28.86 -11.97 -5.55
C ARG A 170 -27.93 -13.17 -5.40
N TRP A 171 -27.36 -13.36 -4.21
CA TRP A 171 -26.56 -14.55 -3.94
C TRP A 171 -27.34 -15.84 -4.18
N ILE A 172 -28.57 -15.88 -3.66
CA ILE A 172 -29.43 -17.04 -3.89
C ILE A 172 -29.63 -17.27 -5.38
N ASP A 173 -29.96 -16.21 -6.10
CA ASP A 173 -30.32 -16.34 -7.51
C ASP A 173 -29.13 -16.78 -8.34
N GLN A 174 -27.94 -16.26 -8.04
CA GLN A 174 -26.77 -16.66 -8.80
C GLN A 174 -26.37 -18.10 -8.47
N HIS A 175 -26.54 -18.51 -7.22
CA HIS A 175 -26.29 -19.92 -6.90
C HIS A 175 -27.29 -20.83 -7.61
N LYS A 176 -28.55 -20.38 -7.73
CA LYS A 176 -29.55 -21.17 -8.46
C LYS A 176 -29.23 -21.29 -9.94
N ARG A 177 -28.61 -20.27 -10.53
CA ARG A 177 -28.18 -20.36 -11.93
C ARG A 177 -27.14 -21.46 -12.10
N TYR A 178 -26.21 -21.55 -11.16
CA TYR A 178 -25.20 -22.61 -11.17
C TYR A 178 -25.84 -23.98 -10.93
N PHE A 179 -26.69 -24.10 -9.89
CA PHE A 179 -27.34 -25.38 -9.59
C PHE A 179 -28.17 -25.87 -10.77
N ASP A 180 -28.97 -24.98 -11.38
CA ASP A 180 -29.78 -25.36 -12.54
C ASP A 180 -28.93 -25.99 -13.63
N GLN A 181 -27.78 -25.37 -13.95
CA GLN A 181 -26.94 -25.89 -15.01
C GLN A 181 -26.30 -27.22 -14.63
N LEU A 182 -26.02 -27.43 -13.33
CA LEU A 182 -25.59 -28.75 -12.88
C LEU A 182 -26.64 -29.80 -13.15
N LEU A 183 -27.92 -29.46 -12.89
CA LEU A 183 -29.00 -30.42 -13.14
C LEU A 183 -29.13 -30.73 -14.62
N VAL A 184 -28.94 -29.72 -15.48
CA VAL A 184 -28.92 -29.94 -16.93
C VAL A 184 -27.79 -30.90 -17.29
N GLN A 185 -26.62 -30.69 -16.70
CA GLN A 185 -25.48 -31.58 -16.94
C GLN A 185 -25.81 -33.04 -16.59
N VAL A 186 -26.45 -33.26 -15.44
CA VAL A 186 -26.73 -34.63 -15.03
C VAL A 186 -27.75 -35.26 -15.96
N ASP A 187 -28.80 -34.51 -16.33
CA ASP A 187 -29.79 -34.97 -17.31
C ASP A 187 -29.11 -35.38 -18.61
N GLN A 188 -28.20 -34.54 -19.11
CA GLN A 188 -27.50 -34.88 -20.34
C GLN A 188 -26.63 -36.11 -20.16
N GLN A 189 -26.02 -36.27 -18.99
CA GLN A 189 -25.15 -37.43 -18.75
C GLN A 189 -25.94 -38.73 -18.83
N VAL A 190 -27.11 -38.80 -18.19
CA VAL A 190 -27.87 -40.05 -18.23
C VAL A 190 -28.64 -40.23 -19.53
N GLY A 191 -28.90 -39.14 -20.27
CA GLY A 191 -29.62 -39.24 -21.52
C GLY A 191 -28.80 -39.83 -22.66
N GLY A 192 -27.47 -39.87 -22.51
CA GLY A 192 -26.63 -40.59 -23.46
C GLY A 192 -26.57 -40.01 -24.85
N GLU A 193 -26.92 -38.75 -25.05
CA GLU A 193 -26.78 -38.14 -26.35
C GLU A 193 -25.32 -37.82 -26.63
N ASN A 194 -25.00 -37.63 -27.91
CA ASN A 194 -23.66 -37.28 -28.30
C ASN A 194 -23.26 -35.90 -27.76
N PHE A 195 -21.98 -35.77 -27.43
CA PHE A 195 -21.38 -34.47 -27.13
C PHE A 195 -21.82 -33.45 -28.17
N THR A 196 -22.20 -32.26 -27.70
CA THR A 196 -22.71 -31.24 -28.62
C THR A 196 -21.67 -30.87 -29.65
N ARG A 197 -22.16 -30.26 -30.73
CA ARG A 197 -21.32 -29.77 -31.82
C ARG A 197 -21.70 -28.30 -32.05
N ASP A 198 -22.41 -27.73 -31.09
CA ASP A 198 -22.87 -26.36 -31.12
C ASP A 198 -22.05 -25.57 -30.09
N VAL A 199 -21.18 -24.69 -30.57
CA VAL A 199 -20.30 -23.94 -29.66
C VAL A 199 -21.14 -23.12 -28.68
N GLU A 200 -22.24 -22.56 -29.17
CA GLU A 200 -23.13 -21.77 -28.35
C GLU A 200 -23.61 -22.60 -27.16
N ALA A 201 -24.06 -23.82 -27.43
CA ALA A 201 -24.53 -24.71 -26.38
C ALA A 201 -23.39 -25.13 -25.46
N TYR A 202 -22.22 -25.41 -26.04
CA TYR A 202 -21.06 -25.75 -25.23
C TYR A 202 -20.74 -24.62 -24.24
N MET A 203 -20.62 -23.39 -24.76
CA MET A 203 -20.24 -22.27 -23.93
C MET A 203 -21.31 -21.97 -22.89
N ASP A 204 -22.59 -22.11 -23.26
CA ASP A 204 -23.66 -21.81 -22.32
C ASP A 204 -23.69 -22.78 -21.15
N LEU A 205 -23.48 -24.07 -21.38
CA LEU A 205 -23.45 -24.98 -20.25
C LEU A 205 -22.22 -24.73 -19.38
N ARG A 206 -21.08 -24.48 -20.02
CA ARG A 206 -19.86 -24.20 -19.26
C ARG A 206 -19.99 -22.94 -18.42
N ARG A 207 -20.62 -21.88 -18.98
CA ARG A 207 -20.81 -20.66 -18.23
C ARG A 207 -21.61 -20.92 -16.97
N GLY A 208 -22.59 -21.81 -17.05
CA GLY A 208 -23.41 -22.12 -15.90
C GLY A 208 -22.71 -23.00 -14.89
N THR A 209 -21.99 -24.03 -15.35
CA THR A 209 -21.41 -24.99 -14.42
C THR A 209 -20.03 -24.59 -13.89
N ILE A 210 -19.40 -23.61 -14.52
CA ILE A 210 -18.08 -23.14 -14.10
C ILE A 210 -18.13 -22.53 -12.70
N GLY A 211 -19.28 -21.95 -12.36
CA GLY A 211 -19.45 -21.33 -11.05
C GLY A 211 -19.00 -19.89 -10.95
N VAL A 212 -18.72 -19.26 -12.09
CA VAL A 212 -18.27 -17.88 -12.11
C VAL A 212 -19.32 -16.90 -11.61
N TYR A 213 -20.59 -17.18 -11.86
CA TYR A 213 -21.66 -16.29 -11.42
C TYR A 213 -21.78 -16.24 -9.91
N PRO A 214 -21.88 -17.36 -9.18
CA PRO A 214 -21.84 -17.26 -7.72
C PRO A 214 -20.51 -16.77 -7.19
N ALA A 215 -19.41 -16.97 -7.91
CA ALA A 215 -18.13 -16.42 -7.48
C ALA A 215 -18.14 -14.90 -7.48
N ILE A 216 -18.84 -14.30 -8.44
CA ILE A 216 -18.98 -12.85 -8.47
C ILE A 216 -19.86 -12.38 -7.32
N SER A 217 -20.91 -13.14 -6.99
CA SER A 217 -21.68 -12.83 -5.77
C SER A 217 -20.81 -12.89 -4.54
N LEU A 218 -19.96 -13.92 -4.44
CA LEU A 218 -19.08 -14.01 -3.28
C LEU A 218 -18.15 -12.82 -3.20
N SER A 219 -17.64 -12.38 -4.36
CA SER A 219 -16.71 -11.27 -4.36
C SER A 219 -17.40 -9.94 -4.05
N GLU A 220 -18.69 -9.85 -4.37
CA GLU A 220 -19.46 -8.68 -4.04
C GLU A 220 -19.53 -8.60 -2.50
N TYR A 221 -19.43 -9.75 -1.84
CA TYR A 221 -19.46 -9.81 -0.38
C TYR A 221 -18.07 -9.62 0.20
N GLY A 222 -17.06 -10.13 -0.51
CA GLY A 222 -15.69 -10.03 -0.04
C GLY A 222 -15.14 -8.63 -0.19
N ALA A 223 -15.69 -7.89 -1.15
CA ALA A 223 -15.25 -6.53 -1.42
C ALA A 223 -16.25 -5.47 -0.93
N GLY A 224 -17.37 -5.87 -0.35
CA GLY A 224 -18.31 -4.88 0.16
C GLY A 224 -18.87 -3.98 -0.91
N VAL A 225 -19.15 -4.53 -2.09
CA VAL A 225 -19.67 -3.80 -3.22
C VAL A 225 -21.16 -4.05 -3.30
N ASN A 226 -21.94 -2.98 -3.50
CA ASN A 226 -23.40 -3.09 -3.48
C ASN A 226 -23.96 -2.28 -4.65
N VAL A 227 -23.91 -2.89 -5.82
CA VAL A 227 -24.59 -2.36 -7.00
C VAL A 227 -26.10 -2.59 -6.85
N PRO A 228 -26.94 -1.59 -7.04
CA PRO A 228 -28.40 -1.82 -6.92
C PRO A 228 -28.92 -2.69 -8.04
N GLN A 229 -29.98 -3.46 -7.71
CA GLN A 229 -30.42 -4.54 -8.60
C GLN A 229 -30.75 -4.04 -10.00
N HIS A 230 -31.39 -2.87 -10.11
CA HIS A 230 -31.78 -2.40 -11.44
C HIS A 230 -30.55 -2.09 -12.30
N VAL A 231 -29.44 -1.72 -11.69
CA VAL A 231 -28.20 -1.51 -12.44
C VAL A 231 -27.51 -2.84 -12.76
N TYR A 232 -27.44 -3.73 -11.77
CA TYR A 232 -26.88 -5.06 -11.96
C TYR A 232 -27.53 -5.78 -13.13
N ASP A 233 -28.85 -5.65 -13.25
CA ASP A 233 -29.59 -6.33 -14.30
C ASP A 233 -29.50 -5.63 -15.64
N HIS A 234 -28.83 -4.48 -15.73
CA HIS A 234 -28.63 -3.88 -17.05
C HIS A 234 -27.87 -4.86 -17.93
N PRO A 235 -28.23 -4.96 -19.22
CA PRO A 235 -27.55 -5.94 -20.09
C PRO A 235 -26.05 -5.76 -20.16
N SER A 236 -25.55 -4.53 -19.98
CA SER A 236 -24.11 -4.32 -20.02
C SER A 236 -23.41 -5.06 -18.89
N LEU A 237 -23.95 -4.98 -17.67
CA LEU A 237 -23.30 -5.64 -16.55
C LEU A 237 -23.50 -7.16 -16.60
N GLN A 238 -24.66 -7.60 -17.12
CA GLN A 238 -24.83 -9.03 -17.36
C GLN A 238 -23.84 -9.53 -18.39
N GLU A 239 -23.53 -8.72 -19.40
CA GLU A 239 -22.54 -9.14 -20.39
C GLU A 239 -21.12 -9.14 -19.81
N CYS A 240 -20.83 -8.24 -18.87
CA CYS A 240 -19.53 -8.27 -18.21
C CYS A 240 -19.35 -9.56 -17.43
N MET A 241 -20.41 -10.02 -16.75
CA MET A 241 -20.38 -11.31 -16.06
C MET A 241 -20.20 -12.45 -17.05
N LYS A 242 -20.93 -12.39 -18.17
CA LYS A 242 -20.82 -13.40 -19.21
C LYS A 242 -19.43 -13.46 -19.81
N VAL A 243 -18.82 -12.29 -20.06
CA VAL A 243 -17.44 -12.27 -20.57
C VAL A 243 -16.50 -12.90 -19.56
N SER A 244 -16.65 -12.55 -18.27
CA SER A 244 -15.83 -13.15 -17.22
C SER A 244 -15.94 -14.67 -17.26
N ALA A 245 -17.17 -15.20 -17.32
CA ALA A 245 -17.37 -16.64 -17.36
C ALA A 245 -16.77 -17.26 -18.62
N ASP A 246 -16.94 -16.61 -19.77
CA ASP A 246 -16.38 -17.14 -21.02
C ASP A 246 -14.86 -17.19 -20.97
N LEU A 247 -14.24 -16.14 -20.42
CA LEU A 247 -12.79 -16.11 -20.33
C LEU A 247 -12.27 -17.25 -19.48
N VAL A 248 -12.92 -17.51 -18.34
CA VAL A 248 -12.51 -18.62 -17.49
C VAL A 248 -12.64 -19.94 -18.23
N THR A 249 -13.76 -20.14 -18.94
CA THR A 249 -13.98 -21.35 -19.75
C THR A 249 -12.91 -21.50 -20.82
N LEU A 250 -12.66 -20.43 -21.58
CA LEU A 250 -11.71 -20.49 -22.70
C LEU A 250 -10.29 -20.70 -22.22
N VAL A 251 -9.87 -20.00 -21.17
CA VAL A 251 -8.55 -20.25 -20.60
C VAL A 251 -8.42 -21.70 -20.15
N ASN A 252 -9.43 -22.21 -19.44
CA ASN A 252 -9.41 -23.60 -19.00
C ASN A 252 -9.30 -24.56 -20.18
N ASP A 253 -10.02 -24.28 -21.26
CA ASP A 253 -9.96 -25.14 -22.45
C ASP A 253 -8.57 -25.16 -23.05
N VAL A 254 -7.92 -24.00 -23.18
CA VAL A 254 -6.56 -23.97 -23.72
C VAL A 254 -5.59 -24.70 -22.80
N LEU A 255 -5.59 -24.33 -21.52
CA LEU A 255 -4.56 -24.84 -20.63
C LEU A 255 -4.70 -26.34 -20.36
N SER A 256 -5.92 -26.86 -20.42
CA SER A 256 -6.14 -28.27 -20.12
C SER A 256 -5.94 -29.20 -21.31
N TYR A 257 -5.55 -28.69 -22.48
CA TYR A 257 -5.52 -29.54 -23.67
C TYR A 257 -4.56 -30.72 -23.49
N ARG A 258 -3.33 -30.46 -23.00
CA ARG A 258 -2.37 -31.54 -22.82
C ARG A 258 -2.90 -32.61 -21.90
N LYS A 259 -3.41 -32.22 -20.73
CA LYS A 259 -3.96 -33.19 -19.78
C LYS A 259 -5.19 -33.89 -20.34
N ASP A 260 -6.00 -33.19 -21.13
CA ASP A 260 -7.15 -33.82 -21.78
C ASP A 260 -6.70 -34.90 -22.74
N LEU A 261 -5.67 -34.60 -23.55
CA LEU A 261 -5.08 -35.62 -24.41
C LEU A 261 -4.52 -36.77 -23.59
N GLU A 262 -3.74 -36.46 -22.55
CA GLU A 262 -3.17 -37.48 -21.67
C GLU A 262 -4.24 -38.42 -21.15
N LEU A 263 -5.35 -37.86 -20.67
CA LEU A 263 -6.42 -38.63 -20.05
C LEU A 263 -7.47 -39.13 -21.04
N GLY A 264 -7.38 -38.74 -22.31
CA GLY A 264 -8.27 -39.26 -23.33
C GLY A 264 -9.65 -38.64 -23.40
N VAL A 265 -9.83 -37.49 -22.76
CA VAL A 265 -11.12 -36.80 -22.78
C VAL A 265 -11.39 -36.24 -24.17
N ASP A 266 -12.66 -36.23 -24.58
CA ASP A 266 -13.01 -35.74 -25.91
C ASP A 266 -14.07 -34.64 -25.87
N HIS A 267 -14.65 -34.41 -24.69
CA HIS A 267 -15.68 -33.39 -24.54
C HIS A 267 -15.08 -32.05 -24.14
N ASN A 268 -14.54 -31.32 -25.12
CA ASN A 268 -13.94 -30.02 -24.84
C ASN A 268 -14.01 -29.18 -26.10
N LEU A 269 -13.61 -27.91 -25.97
CA LEU A 269 -13.81 -26.98 -27.06
C LEU A 269 -12.87 -27.29 -28.22
N MET A 270 -11.64 -27.71 -27.92
CA MET A 270 -10.68 -28.08 -28.97
C MET A 270 -11.26 -29.16 -29.89
N SER A 271 -11.79 -30.23 -29.31
CA SER A 271 -12.34 -31.33 -30.10
C SER A 271 -13.58 -30.90 -30.87
N LEU A 272 -14.45 -30.11 -30.23
CA LEU A 272 -15.63 -29.60 -30.91
C LEU A 272 -15.24 -28.81 -32.15
N LEU A 273 -14.29 -27.87 -32.00
CA LEU A 273 -13.88 -27.05 -33.13
C LEU A 273 -13.20 -27.87 -34.21
N MET A 274 -12.31 -28.79 -33.81
CA MET A 274 -11.62 -29.63 -34.78
C MET A 274 -12.62 -30.46 -35.59
N GLN A 275 -13.56 -31.11 -34.90
CA GLN A 275 -14.57 -31.91 -35.58
C GLN A 275 -15.44 -31.06 -36.51
N ARG A 276 -15.93 -29.92 -36.01
CA ARG A 276 -16.94 -29.17 -36.76
C ARG A 276 -16.36 -28.63 -38.06
N ASP A 277 -15.26 -27.88 -37.99
CA ASP A 277 -14.70 -27.22 -39.17
C ASP A 277 -13.51 -27.95 -39.76
N ASN A 278 -13.25 -29.21 -39.36
CA ASN A 278 -12.17 -30.02 -39.93
C ASN A 278 -10.81 -29.33 -39.76
N LEU A 279 -10.55 -28.88 -38.53
CA LEU A 279 -9.34 -28.11 -38.23
C LEU A 279 -8.26 -28.99 -37.63
N SER A 280 -7.01 -28.59 -37.86
CA SER A 280 -5.90 -29.12 -37.08
C SER A 280 -5.97 -28.58 -35.65
N ALA A 281 -5.18 -29.20 -34.78
CA ALA A 281 -5.10 -28.74 -33.39
C ALA A 281 -4.67 -27.28 -33.33
N GLN A 282 -3.67 -26.92 -34.13
CA GLN A 282 -3.19 -25.54 -34.13
C GLN A 282 -4.27 -24.59 -34.61
N GLN A 283 -4.97 -24.94 -35.69
CA GLN A 283 -6.04 -24.08 -36.19
C GLN A 283 -7.14 -23.92 -35.14
N ALA A 284 -7.45 -24.99 -34.41
CA ALA A 284 -8.49 -24.93 -33.39
C ALA A 284 -8.08 -24.06 -32.21
N VAL A 285 -6.81 -24.16 -31.82
CA VAL A 285 -6.29 -23.35 -30.73
C VAL A 285 -6.37 -21.89 -31.16
N ASP A 286 -6.04 -21.62 -32.41
CA ASP A 286 -6.08 -20.26 -32.94
C ASP A 286 -7.50 -19.69 -32.86
N VAL A 287 -8.52 -20.52 -33.10
CA VAL A 287 -9.90 -20.04 -33.00
C VAL A 287 -10.26 -19.71 -31.55
N ILE A 288 -9.82 -20.55 -30.61
CA ILE A 288 -10.05 -20.21 -29.21
C ILE A 288 -9.38 -18.88 -28.88
N GLY A 289 -8.17 -18.67 -29.40
CA GLY A 289 -7.54 -17.36 -29.29
C GLY A 289 -8.41 -16.23 -29.82
N ASP A 290 -9.00 -16.43 -31.00
CA ASP A 290 -9.93 -15.42 -31.54
C ASP A 290 -11.08 -15.19 -30.58
N MET A 291 -11.59 -16.25 -29.96
CA MET A 291 -12.70 -16.13 -29.03
C MET A 291 -12.31 -15.35 -27.78
N VAL A 292 -11.07 -15.57 -27.28
CA VAL A 292 -10.60 -14.81 -26.13
C VAL A 292 -10.56 -13.32 -26.46
N ASN A 293 -9.99 -12.97 -27.61
CA ASN A 293 -9.90 -11.55 -27.97
C ASN A 293 -11.27 -10.96 -28.26
N GLU A 294 -12.20 -11.76 -28.79
CA GLU A 294 -13.57 -11.28 -28.95
C GLU A 294 -14.24 -11.04 -27.59
N CYS A 295 -13.83 -11.76 -26.54
CA CYS A 295 -14.31 -11.43 -25.20
C CYS A 295 -13.95 -9.99 -24.83
N TYR A 296 -12.70 -9.58 -25.12
CA TYR A 296 -12.27 -8.23 -24.78
C TYR A 296 -13.05 -7.19 -25.57
N ARG A 297 -13.29 -7.47 -26.85
CA ARG A 297 -14.13 -6.57 -27.65
C ARG A 297 -15.52 -6.43 -27.06
N ARG A 298 -16.17 -7.57 -26.75
CA ARG A 298 -17.50 -7.56 -26.14
C ARG A 298 -17.53 -6.76 -24.84
N TRP A 299 -16.48 -6.92 -24.03
CA TRP A 299 -16.38 -6.23 -22.74
C TRP A 299 -16.51 -4.71 -22.91
N TYR A 300 -15.67 -4.13 -23.76
CA TYR A 300 -15.67 -2.69 -23.98
C TYR A 300 -16.94 -2.22 -24.68
N LEU A 301 -17.46 -2.99 -25.63
CA LEU A 301 -18.72 -2.61 -26.27
C LEU A 301 -19.86 -2.59 -25.25
N ALA A 302 -19.83 -3.50 -24.28
CA ALA A 302 -20.86 -3.49 -23.26
C ALA A 302 -20.72 -2.27 -22.36
N LEU A 303 -19.48 -1.93 -22.01
CA LEU A 303 -19.25 -0.77 -21.16
C LEU A 303 -19.67 0.51 -21.87
N ALA A 304 -19.44 0.60 -23.18
CA ALA A 304 -19.91 1.77 -23.93
C ALA A 304 -21.41 1.98 -23.80
N GLU A 305 -22.19 0.90 -23.67
CA GLU A 305 -23.64 1.01 -23.56
C GLU A 305 -24.14 1.18 -22.13
N LEU A 306 -23.26 1.02 -21.15
CA LEU A 306 -23.67 1.09 -19.75
C LEU A 306 -23.94 2.54 -19.34
N PRO A 307 -25.15 2.87 -18.89
CA PRO A 307 -25.42 4.25 -18.46
C PRO A 307 -24.68 4.58 -17.19
N SER A 308 -24.50 5.89 -16.98
CA SER A 308 -24.10 6.40 -15.67
C SER A 308 -25.33 6.56 -14.79
N TYR A 309 -25.19 6.21 -13.51
CA TYR A 309 -26.24 6.41 -12.52
C TYR A 309 -25.82 7.39 -11.43
N GLY A 310 -24.91 8.30 -11.77
CA GLY A 310 -24.37 9.22 -10.79
C GLY A 310 -23.17 8.62 -10.06
N GLU A 311 -22.44 9.51 -9.38
CA GLU A 311 -21.15 9.16 -8.77
C GLU A 311 -21.28 7.98 -7.80
N LYS A 312 -22.22 8.08 -6.85
CA LYS A 312 -22.24 7.11 -5.75
C LYS A 312 -22.51 5.70 -6.25
N ILE A 313 -23.41 5.56 -7.21
CA ILE A 313 -23.66 4.23 -7.77
C ILE A 313 -22.54 3.81 -8.71
N ASP A 314 -22.08 4.73 -9.57
CA ASP A 314 -21.04 4.39 -10.56
C ASP A 314 -19.77 3.93 -9.88
N TYR A 315 -19.46 4.50 -8.72
CA TYR A 315 -18.30 4.08 -7.94
C TYR A 315 -18.37 2.58 -7.64
N ASN A 316 -19.55 2.08 -7.25
CA ASN A 316 -19.73 0.66 -6.98
C ASN A 316 -19.75 -0.13 -8.28
N VAL A 317 -20.30 0.46 -9.35
CA VAL A 317 -20.33 -0.21 -10.64
C VAL A 317 -18.91 -0.46 -11.13
N MET A 318 -18.03 0.52 -10.95
CA MET A 318 -16.65 0.34 -11.39
C MET A 318 -15.95 -0.75 -10.59
N LYS A 319 -16.25 -0.85 -9.29
CA LYS A 319 -15.69 -1.95 -8.51
C LYS A 319 -16.31 -3.28 -8.92
N PHE A 320 -17.59 -3.30 -9.29
CA PHE A 320 -18.20 -4.54 -9.75
C PHE A 320 -17.56 -4.97 -11.06
N VAL A 321 -17.35 -4.03 -11.97
CA VAL A 321 -16.66 -4.34 -13.22
C VAL A 321 -15.28 -4.92 -12.93
N GLU A 322 -14.57 -4.36 -11.95
CA GLU A 322 -13.26 -4.90 -11.62
C GLU A 322 -13.38 -6.33 -11.06
N ILE A 323 -14.41 -6.61 -10.28
CA ILE A 323 -14.62 -7.98 -9.79
C ILE A 323 -14.76 -8.95 -10.97
N CYS A 324 -15.56 -8.58 -11.97
CA CYS A 324 -15.70 -9.45 -13.15
C CYS A 324 -14.35 -9.71 -13.81
N ARG A 325 -13.54 -8.66 -13.94
CA ARG A 325 -12.21 -8.82 -14.55
C ARG A 325 -11.32 -9.69 -13.66
N ALA A 326 -11.34 -9.44 -12.36
CA ALA A 326 -10.42 -10.12 -11.44
C ALA A 326 -10.77 -11.59 -11.28
N VAL A 327 -12.06 -11.96 -11.40
CA VAL A 327 -12.42 -13.38 -11.32
C VAL A 327 -11.77 -14.13 -12.48
N ALA A 328 -11.77 -13.54 -13.66
CA ALA A 328 -11.11 -14.17 -14.81
C ALA A 328 -9.59 -14.07 -14.71
N GLN A 329 -9.04 -12.89 -14.36
CA GLN A 329 -7.59 -12.80 -14.21
C GLN A 329 -7.11 -13.68 -13.06
N GLY A 330 -7.90 -13.79 -11.99
CA GLY A 330 -7.52 -14.69 -10.90
C GLY A 330 -7.44 -16.14 -11.34
N ASN A 331 -8.46 -16.60 -12.08
CA ASN A 331 -8.41 -17.96 -12.61
C ASN A 331 -7.14 -18.21 -13.41
N LEU A 332 -6.79 -17.26 -14.28
CA LEU A 332 -5.61 -17.43 -15.13
C LEU A 332 -4.33 -17.57 -14.30
N TYR A 333 -4.09 -16.62 -13.39
CA TYR A 333 -2.84 -16.65 -12.64
C TYR A 333 -2.79 -17.82 -11.67
N TRP A 334 -3.91 -18.11 -11.02
CA TRP A 334 -3.99 -19.24 -10.10
C TRP A 334 -3.77 -20.57 -10.84
N SER A 335 -4.34 -20.71 -12.05
CA SER A 335 -4.14 -21.94 -12.82
C SER A 335 -2.66 -22.20 -13.05
N PHE A 336 -1.90 -21.17 -13.46
CA PHE A 336 -0.47 -21.35 -13.66
C PHE A 336 0.26 -21.55 -12.34
N GLN A 337 -0.03 -20.69 -11.35
CA GLN A 337 0.73 -20.71 -10.08
C GLN A 337 0.69 -22.08 -9.42
N THR A 338 -0.49 -22.72 -9.40
CA THR A 338 -0.70 -23.98 -8.72
C THR A 338 -0.45 -25.21 -9.60
N GLY A 339 -0.06 -25.02 -10.86
CA GLY A 339 0.19 -26.18 -11.72
C GLY A 339 -1.04 -27.01 -12.01
N ARG A 340 -2.21 -26.38 -11.96
CA ARG A 340 -3.50 -27.08 -12.06
C ARG A 340 -3.57 -28.00 -13.29
N TYR A 341 -3.14 -27.49 -14.44
CA TYR A 341 -3.25 -28.22 -15.70
C TYR A 341 -1.91 -28.66 -16.26
N LEU A 342 -0.82 -27.99 -15.89
CA LEU A 342 0.44 -28.15 -16.58
C LEU A 342 1.60 -28.37 -15.63
N GLY A 343 1.33 -28.52 -14.33
CA GLY A 343 2.37 -28.78 -13.36
C GLY A 343 3.26 -27.58 -13.15
N PRO A 344 4.28 -27.72 -12.30
CA PRO A 344 5.15 -26.58 -12.00
C PRO A 344 5.89 -26.05 -13.21
N GLU A 345 5.95 -26.81 -14.30
CA GLU A 345 6.59 -26.38 -15.53
C GLU A 345 5.68 -25.62 -16.48
N GLY A 346 4.37 -25.56 -16.19
CA GLY A 346 3.46 -24.81 -17.05
C GLY A 346 3.84 -23.36 -17.24
N HIS A 347 4.62 -22.78 -16.32
CA HIS A 347 5.08 -21.41 -16.47
C HIS A 347 5.85 -21.23 -17.78
N GLU A 348 6.54 -22.28 -18.22
CA GLU A 348 7.25 -22.23 -19.50
C GLU A 348 6.28 -22.09 -20.68
N VAL A 349 5.07 -22.64 -20.57
CA VAL A 349 4.07 -22.45 -21.62
C VAL A 349 3.72 -20.98 -21.72
N HIS A 350 3.49 -20.34 -20.56
CA HIS A 350 3.32 -18.90 -20.51
C HIS A 350 4.50 -18.20 -21.16
N GLU A 351 5.72 -18.53 -20.74
CA GLU A 351 6.90 -17.80 -21.22
C GLU A 351 7.08 -17.94 -22.73
N THR A 352 6.93 -19.15 -23.27
CA THR A 352 7.24 -19.41 -24.68
C THR A 352 6.03 -19.43 -25.60
N GLY A 353 4.82 -19.61 -25.07
CA GLY A 353 3.68 -19.85 -25.93
C GLY A 353 3.62 -21.23 -26.55
N ILE A 354 4.50 -22.14 -26.15
CA ILE A 354 4.56 -23.49 -26.72
C ILE A 354 4.07 -24.50 -25.68
N MET A 355 3.08 -25.31 -26.06
CA MET A 355 2.59 -26.43 -25.28
C MET A 355 2.95 -27.74 -25.98
N TYR A 356 3.79 -28.55 -25.37
CA TYR A 356 4.14 -29.86 -25.93
C TYR A 356 3.06 -30.87 -25.57
N LEU A 357 2.73 -31.75 -26.54
CA LEU A 357 1.62 -32.68 -26.38
C LEU A 357 2.15 -34.12 -26.34
N PRO A 358 1.50 -35.02 -25.57
CA PRO A 358 1.98 -36.40 -25.36
C PRO A 358 2.11 -37.19 -26.66
N PRO B 26 0.34 -36.00 27.94
CA PRO B 26 1.01 -34.88 28.61
C PRO B 26 1.28 -33.72 27.66
N PHE B 27 1.75 -32.60 28.20
CA PHE B 27 1.95 -31.40 27.40
C PHE B 27 2.93 -30.48 28.12
N VAL B 28 3.38 -29.46 27.40
CA VAL B 28 3.98 -28.29 28.03
C VAL B 28 3.26 -27.06 27.49
N ARG B 29 3.18 -26.03 28.32
CA ARG B 29 2.67 -24.73 27.89
C ARG B 29 3.85 -23.91 27.41
N VAL B 30 3.92 -23.65 26.10
CA VAL B 30 5.07 -22.92 25.59
C VAL B 30 4.92 -21.46 25.97
N PRO B 31 6.01 -20.77 26.28
CA PRO B 31 5.92 -19.33 26.48
C PRO B 31 5.46 -18.64 25.21
N ASP B 32 4.79 -17.51 25.40
CA ASP B 32 4.42 -16.63 24.29
C ASP B 32 5.68 -16.19 23.55
N LEU B 33 5.75 -16.51 22.25
CA LEU B 33 6.89 -16.12 21.43
C LEU B 33 6.60 -14.89 20.58
N PHE B 34 5.39 -14.35 20.67
CA PHE B 34 4.93 -13.24 19.85
C PHE B 34 4.78 -11.95 20.66
N GLY B 35 5.52 -11.80 21.76
CA GLY B 35 5.47 -10.57 22.52
C GLY B 35 6.42 -9.49 21.98
N SER B 36 6.22 -8.28 22.50
CA SER B 36 7.18 -7.18 22.32
C SER B 36 7.40 -6.93 20.82
N ILE B 37 8.64 -6.79 20.37
CA ILE B 37 8.95 -6.50 18.99
C ILE B 37 8.52 -7.60 18.03
N MET B 38 8.14 -8.78 18.55
CA MET B 38 7.57 -9.83 17.73
C MET B 38 6.06 -9.73 17.59
N SER B 39 5.42 -8.77 18.25
CA SER B 39 3.95 -8.73 18.28
C SER B 39 3.33 -7.91 17.15
N THR B 40 4.11 -7.25 16.32
CA THR B 40 3.55 -6.43 15.25
C THR B 40 3.07 -7.32 14.11
N LYS B 41 2.22 -6.75 13.27
CA LYS B 41 1.71 -7.46 12.10
C LYS B 41 2.84 -7.51 11.08
N PRO B 42 3.26 -8.73 10.69
CA PRO B 42 4.37 -8.89 9.73
C PRO B 42 4.04 -8.46 8.31
N VAL B 43 4.96 -7.71 7.71
CA VAL B 43 4.82 -7.25 6.33
C VAL B 43 5.52 -8.25 5.42
N VAL B 44 4.86 -8.66 4.34
CA VAL B 44 5.37 -9.70 3.46
C VAL B 44 5.52 -9.13 2.05
N ASN B 45 6.66 -9.41 1.42
CA ASN B 45 6.96 -8.88 0.09
C ASN B 45 5.85 -9.24 -0.89
N PRO B 46 5.25 -8.26 -1.59
CA PRO B 46 4.23 -8.59 -2.61
C PRO B 46 4.77 -9.36 -3.79
N ASN B 47 6.09 -9.39 -3.99
CA ASN B 47 6.68 -10.20 -5.06
C ASN B 47 6.77 -11.67 -4.69
N TYR B 48 6.24 -12.06 -3.53
CA TYR B 48 6.30 -13.44 -3.06
C TYR B 48 5.88 -14.42 -4.15
N PHE B 49 4.72 -14.19 -4.77
CA PHE B 49 4.19 -15.19 -5.69
C PHE B 49 5.06 -15.34 -6.93
N ALA B 50 5.44 -14.20 -7.54
CA ALA B 50 6.24 -14.27 -8.76
C ALA B 50 7.62 -14.85 -8.49
N ALA B 51 8.23 -14.48 -7.35
CA ALA B 51 9.54 -15.03 -7.01
C ALA B 51 9.46 -16.52 -6.71
N LYS B 52 8.40 -16.94 -6.01
CA LYS B 52 8.23 -18.37 -5.71
C LYS B 52 8.06 -19.18 -6.98
N ALA B 53 7.26 -18.68 -7.92
CA ALA B 53 7.05 -19.36 -9.19
C ALA B 53 8.34 -19.52 -9.97
N ARG B 54 9.31 -18.64 -9.77
CA ARG B 54 10.60 -18.78 -10.45
C ARG B 54 11.57 -19.67 -9.68
N GLY B 55 11.79 -19.35 -8.40
CA GLY B 55 12.89 -19.95 -7.68
C GLY B 55 12.67 -21.41 -7.30
N ASP B 56 11.42 -21.80 -7.07
CA ASP B 56 11.16 -23.19 -6.65
C ASP B 56 11.44 -24.17 -7.79
N ARG B 57 10.95 -23.87 -9.00
CA ARG B 57 11.21 -24.80 -10.10
C ARG B 57 12.66 -24.73 -10.55
N TRP B 58 13.32 -23.58 -10.34
CA TRP B 58 14.74 -23.47 -10.69
C TRP B 58 15.59 -24.37 -9.80
N ILE B 59 15.37 -24.33 -8.48
CA ILE B 59 16.17 -25.18 -7.61
C ILE B 59 15.87 -26.65 -7.87
N ALA B 60 14.61 -26.98 -8.17
CA ALA B 60 14.27 -28.37 -8.43
C ALA B 60 15.02 -28.87 -9.66
N ARG B 61 15.17 -28.02 -10.67
CA ARG B 61 15.94 -28.37 -11.86
C ARG B 61 17.42 -28.48 -11.56
N VAL B 62 17.97 -27.49 -10.86
CA VAL B 62 19.41 -27.51 -10.57
C VAL B 62 19.76 -28.72 -9.72
N MET B 63 18.94 -29.02 -8.73
CA MET B 63 19.22 -30.14 -7.81
C MET B 63 18.70 -31.51 -8.23
N ASN B 64 18.01 -31.57 -9.36
CA ASN B 64 17.48 -32.83 -9.88
C ASN B 64 16.38 -33.40 -8.99
N PHE B 65 15.74 -32.54 -8.21
CA PHE B 65 14.66 -32.97 -7.33
C PHE B 65 13.62 -33.73 -8.13
N ASN B 66 13.16 -34.84 -7.60
CA ASN B 66 12.07 -35.57 -8.26
C ASN B 66 10.78 -34.76 -8.09
N LYS B 67 9.66 -35.27 -8.61
CA LYS B 67 8.41 -34.52 -8.46
C LYS B 67 7.97 -34.43 -7.00
N ALA B 68 8.20 -35.49 -6.22
CA ALA B 68 7.79 -35.50 -4.83
C ALA B 68 8.68 -34.61 -3.97
N VAL B 69 10.00 -34.67 -4.21
CA VAL B 69 10.93 -33.85 -3.46
C VAL B 69 10.75 -32.38 -3.80
N ALA B 70 10.55 -32.07 -5.08
CA ALA B 70 10.25 -30.69 -5.47
C ALA B 70 8.97 -30.20 -4.80
N ALA B 71 7.94 -31.05 -4.73
CA ALA B 71 6.69 -30.65 -4.09
C ALA B 71 6.90 -30.38 -2.60
N ARG B 72 7.64 -31.27 -1.91
CA ARG B 72 7.92 -31.03 -0.49
C ARG B 72 8.72 -29.75 -0.30
N ASN B 73 9.72 -29.50 -1.16
CA ASN B 73 10.50 -28.27 -1.04
C ASN B 73 9.61 -27.04 -1.18
N SER B 74 8.65 -27.11 -2.09
CA SER B 74 7.72 -26.02 -2.32
C SER B 74 6.93 -25.76 -1.04
N LYS B 75 6.49 -26.83 -0.40
CA LYS B 75 5.73 -26.73 0.84
C LYS B 75 6.58 -26.02 1.88
N VAL B 76 7.82 -26.49 2.05
CA VAL B 76 8.75 -25.89 3.01
C VAL B 76 8.74 -24.36 2.89
N ASP B 77 8.60 -23.86 1.66
CA ASP B 77 8.31 -22.44 1.35
C ASP B 77 9.33 -21.47 1.97
N LEU B 78 10.59 -21.66 1.60
CA LEU B 78 11.62 -20.69 1.97
C LEU B 78 11.34 -19.31 1.38
N CYS B 79 10.50 -19.22 0.33
CA CYS B 79 10.19 -17.91 -0.25
C CYS B 79 9.42 -17.04 0.74
N PHE B 80 8.49 -17.64 1.50
CA PHE B 80 7.76 -16.92 2.52
C PHE B 80 8.70 -16.31 3.54
N LEU B 81 9.68 -17.11 4.01
CA LEU B 81 10.71 -16.63 4.93
C LEU B 81 11.45 -15.42 4.34
N ALA B 82 12.01 -15.57 3.15
CA ALA B 82 12.77 -14.49 2.54
C ALA B 82 11.88 -13.26 2.32
N SER B 83 10.60 -13.49 2.01
CA SER B 83 9.69 -12.38 1.73
C SER B 83 9.42 -11.52 2.96
N MET B 84 9.58 -12.06 4.17
CA MET B 84 9.48 -11.19 5.35
C MET B 84 10.81 -10.55 5.75
N TRP B 85 11.93 -11.13 5.34
CA TRP B 85 13.23 -10.52 5.65
C TRP B 85 13.39 -9.18 4.96
N ALA B 86 12.98 -9.09 3.69
CA ALA B 86 13.12 -7.86 2.90
C ALA B 86 11.83 -7.66 2.12
N PRO B 87 10.79 -7.12 2.77
CA PRO B 87 9.48 -7.02 2.11
C PRO B 87 9.41 -6.02 0.97
N ASP B 88 10.38 -5.13 0.80
CA ASP B 88 10.32 -4.29 -0.39
C ASP B 88 11.43 -4.59 -1.38
N ALA B 89 12.04 -5.78 -1.27
CA ALA B 89 13.01 -6.21 -2.27
C ALA B 89 12.32 -6.32 -3.63
N PRO B 90 12.94 -5.81 -4.70
CA PRO B 90 12.38 -6.03 -6.04
C PRO B 90 12.38 -7.51 -6.36
N GLU B 91 11.56 -7.91 -7.34
CA GLU B 91 11.39 -9.33 -7.65
C GLU B 91 12.72 -10.03 -7.93
N ASP B 92 13.60 -9.42 -8.73
CA ASP B 92 14.82 -10.16 -9.06
C ASP B 92 15.70 -10.37 -7.83
N ARG B 93 15.75 -9.39 -6.93
CA ARG B 93 16.50 -9.58 -5.69
C ARG B 93 15.81 -10.60 -4.78
N LEU B 94 14.48 -10.59 -4.70
CA LEU B 94 13.79 -11.61 -3.91
C LEU B 94 14.10 -13.00 -4.45
N VAL B 95 14.23 -13.11 -5.76
CA VAL B 95 14.57 -14.39 -6.38
C VAL B 95 15.93 -14.85 -5.84
N MET B 96 16.92 -13.96 -5.92
CA MET B 96 18.25 -14.27 -5.43
C MET B 96 18.16 -14.74 -3.98
N MET B 97 17.42 -14.00 -3.18
CA MET B 97 17.22 -14.32 -1.77
C MET B 97 16.70 -15.75 -1.64
N LEU B 98 15.75 -16.12 -2.49
CA LEU B 98 15.19 -17.47 -2.44
C LEU B 98 16.25 -18.50 -2.81
N ASP B 99 17.00 -18.24 -3.90
CA ASP B 99 18.13 -19.10 -4.26
C ASP B 99 19.10 -19.28 -3.09
N TRP B 100 19.45 -18.17 -2.41
CA TRP B 100 20.35 -18.25 -1.26
C TRP B 100 19.75 -19.10 -0.15
N ASN B 101 18.45 -18.94 0.13
CA ASN B 101 17.86 -19.76 1.18
C ASN B 101 17.90 -21.24 0.82
N HIS B 102 17.65 -21.57 -0.44
CA HIS B 102 17.80 -22.96 -0.86
C HIS B 102 19.23 -23.41 -0.73
N TRP B 103 20.20 -22.55 -1.10
CA TRP B 103 21.60 -22.92 -0.95
C TRP B 103 21.92 -23.25 0.49
N VAL B 104 21.56 -22.37 1.43
CA VAL B 104 22.03 -22.55 2.80
C VAL B 104 21.38 -23.78 3.44
N PHE B 105 20.13 -24.10 3.08
CA PHE B 105 19.55 -25.34 3.62
C PHE B 105 20.27 -26.56 3.08
N LEU B 106 20.59 -26.58 1.78
CA LEU B 106 21.31 -27.72 1.21
C LEU B 106 22.74 -27.78 1.71
N PHE B 107 23.41 -26.62 1.77
CA PHE B 107 24.78 -26.55 2.28
C PHE B 107 24.86 -27.03 3.73
N ASP B 108 23.98 -26.51 4.57
CA ASP B 108 24.03 -26.77 6.01
C ASP B 108 23.79 -28.24 6.32
N ASP B 109 22.88 -28.88 5.58
CA ASP B 109 22.60 -30.30 5.79
C ASP B 109 23.86 -31.15 5.67
N GLN B 110 24.80 -30.76 4.81
CA GLN B 110 26.01 -31.55 4.62
C GLN B 110 26.79 -31.68 5.92
N PHE B 111 26.77 -30.63 6.76
CA PHE B 111 27.47 -30.56 8.04
C PHE B 111 26.64 -31.12 9.19
N ASP B 112 25.32 -30.92 9.18
CA ASP B 112 24.50 -31.37 10.29
C ASP B 112 24.18 -32.87 10.20
N GLU B 113 23.94 -33.38 8.99
CA GLU B 113 23.46 -34.74 8.81
C GLU B 113 24.22 -35.52 7.76
N GLY B 114 24.87 -34.86 6.79
CA GLY B 114 25.39 -35.49 5.60
C GLY B 114 26.84 -35.87 5.68
N HIS B 115 27.51 -35.81 4.51
CA HIS B 115 28.82 -36.42 4.36
C HIS B 115 29.92 -35.68 5.11
N LEU B 116 29.71 -34.42 5.52
CA LEU B 116 30.73 -33.68 6.26
C LEU B 116 30.52 -33.75 7.77
N LYS B 117 29.49 -34.49 8.22
CA LYS B 117 29.07 -34.39 9.62
C LYS B 117 30.18 -34.75 10.59
N GLU B 118 30.98 -35.74 10.24
CA GLU B 118 32.02 -36.22 11.14
C GLU B 118 33.38 -36.27 10.44
N ASP B 119 33.61 -35.36 9.50
CA ASP B 119 34.84 -35.37 8.69
C ASP B 119 35.45 -33.98 8.75
N PRO B 120 36.28 -33.70 9.76
CA PRO B 120 36.87 -32.35 9.87
C PRO B 120 37.66 -31.92 8.66
N ALA B 121 38.49 -32.81 8.09
CA ALA B 121 39.29 -32.44 6.93
C ALA B 121 38.42 -32.07 5.74
N ALA B 122 37.42 -32.90 5.42
CA ALA B 122 36.55 -32.60 4.29
C ALA B 122 35.69 -31.37 4.57
N ALA B 123 35.25 -31.18 5.83
CA ALA B 123 34.47 -30.00 6.16
C ALA B 123 35.28 -28.74 5.95
N ALA B 124 36.56 -28.76 6.36
CA ALA B 124 37.44 -27.61 6.15
C ALA B 124 37.65 -27.32 4.67
N GLU B 125 37.79 -28.36 3.85
CA GLU B 125 37.98 -28.17 2.42
C GLU B 125 36.74 -27.60 1.76
N GLU B 126 35.55 -28.05 2.19
CA GLU B 126 34.30 -27.50 1.64
C GLU B 126 34.19 -26.00 1.93
N VAL B 127 34.45 -25.61 3.18
CA VAL B 127 34.47 -24.20 3.55
C VAL B 127 35.48 -23.43 2.72
N LYS B 128 36.68 -24.00 2.56
CA LYS B 128 37.72 -23.33 1.78
C LYS B 128 37.27 -23.12 0.35
N GLN B 129 36.73 -24.16 -0.28
CA GLN B 129 36.28 -24.05 -1.66
C GLN B 129 35.07 -23.11 -1.79
N THR B 130 34.17 -23.12 -0.82
CA THR B 130 33.03 -22.23 -0.90
C THR B 130 33.45 -20.77 -0.68
N ILE B 131 34.38 -20.53 0.25
CA ILE B 131 34.90 -19.17 0.43
C ILE B 131 35.57 -18.67 -0.84
N ALA B 132 36.29 -19.55 -1.54
CA ALA B 132 37.00 -19.15 -2.76
C ALA B 132 36.05 -18.66 -3.84
N ILE B 133 34.77 -19.03 -3.76
CA ILE B 133 33.80 -18.52 -4.73
C ILE B 133 33.70 -17.00 -4.67
N MET B 134 33.86 -16.42 -3.47
CA MET B 134 33.63 -14.97 -3.30
C MET B 134 34.91 -14.20 -3.58
N GLY B 135 35.24 -14.12 -4.87
CA GLY B 135 36.38 -13.37 -5.33
C GLY B 135 37.72 -14.06 -5.18
N GLY B 136 37.73 -15.32 -4.74
CA GLY B 136 38.95 -16.09 -4.63
C GLY B 136 39.26 -16.80 -5.93
N ASN B 137 39.93 -17.93 -5.82
CA ASN B 137 40.42 -18.65 -6.99
C ASN B 137 39.49 -19.77 -7.44
N ALA B 138 38.20 -19.70 -7.08
CA ALA B 138 37.27 -20.75 -7.43
C ALA B 138 37.15 -20.91 -8.94
N PRO B 139 36.95 -22.13 -9.43
CA PRO B 139 36.59 -22.32 -10.83
C PRO B 139 35.17 -21.82 -11.07
N ARG B 140 34.75 -21.81 -12.32
CA ARG B 140 33.34 -21.58 -12.61
C ARG B 140 32.59 -22.89 -12.45
N TYR B 141 31.65 -22.94 -11.51
CA TYR B 141 30.86 -24.14 -11.30
C TYR B 141 29.69 -24.18 -12.26
N THR B 142 29.25 -25.39 -12.58
CA THR B 142 28.02 -25.63 -13.31
C THR B 142 27.08 -26.43 -12.42
N ALA B 143 25.80 -26.47 -12.81
CA ALA B 143 24.86 -27.30 -12.08
C ALA B 143 25.30 -28.76 -12.10
N GLU B 144 25.93 -29.17 -13.19
CA GLU B 144 26.37 -30.55 -13.34
C GLU B 144 27.68 -30.90 -12.62
N SER B 145 28.54 -29.91 -12.40
CA SER B 145 29.81 -30.18 -11.73
C SER B 145 29.69 -30.10 -10.21
N ASN B 146 28.89 -29.18 -9.69
CA ASN B 146 28.70 -29.06 -8.25
C ASN B 146 27.49 -28.18 -8.00
N PRO B 147 26.30 -28.77 -7.91
CA PRO B 147 25.08 -27.96 -7.90
C PRO B 147 25.00 -27.01 -6.71
N ILE B 148 25.41 -27.43 -5.52
CA ILE B 148 25.29 -26.54 -4.36
C ILE B 148 26.26 -25.37 -4.48
N ARG B 149 27.53 -25.63 -4.82
CA ARG B 149 28.45 -24.52 -5.03
C ARG B 149 28.00 -23.64 -6.19
N TYR B 150 27.36 -24.23 -7.19
CA TYR B 150 26.84 -23.46 -8.33
C TYR B 150 25.80 -22.44 -7.87
N VAL B 151 24.86 -22.87 -7.01
CA VAL B 151 23.85 -21.92 -6.52
C VAL B 151 24.54 -20.78 -5.77
N PHE B 152 25.47 -21.13 -4.89
CA PHE B 152 26.14 -20.07 -4.13
C PHE B 152 26.86 -19.10 -5.07
N GLN B 153 27.53 -19.64 -6.09
CA GLN B 153 28.22 -18.78 -7.06
C GLN B 153 27.23 -17.88 -7.79
N GLN B 154 26.09 -18.43 -8.21
CA GLN B 154 25.11 -17.59 -8.89
C GLN B 154 24.64 -16.45 -7.99
N CYS B 155 24.44 -16.75 -6.70
CA CYS B 155 24.07 -15.69 -5.75
C CYS B 155 25.20 -14.67 -5.61
N TRP B 156 26.45 -15.14 -5.47
CA TRP B 156 27.56 -14.22 -5.29
C TRP B 156 27.71 -13.30 -6.50
N ASP B 157 27.58 -13.84 -7.71
CA ASP B 157 27.65 -13.05 -8.94
C ASP B 157 26.65 -11.89 -8.89
N ARG B 158 25.43 -12.18 -8.47
CA ARG B 158 24.39 -11.15 -8.39
C ARG B 158 24.72 -10.14 -7.30
N LEU B 159 25.16 -10.66 -6.15
CA LEU B 159 25.51 -9.80 -5.01
C LEU B 159 26.60 -8.80 -5.39
N LYS B 160 27.66 -9.30 -6.01
CA LYS B 160 28.78 -8.45 -6.42
C LYS B 160 28.32 -7.38 -7.39
N ALA B 161 27.42 -7.72 -8.32
CA ALA B 161 27.11 -6.81 -9.40
C ALA B 161 26.40 -5.55 -8.93
N VAL B 162 25.76 -5.56 -7.75
CA VAL B 162 25.02 -4.38 -7.31
C VAL B 162 25.47 -3.90 -5.95
N SER B 163 26.61 -4.37 -5.46
CA SER B 163 27.08 -4.01 -4.13
C SER B 163 28.46 -3.38 -4.20
N SER B 164 28.70 -2.40 -3.33
CA SER B 164 30.02 -1.80 -3.19
C SER B 164 31.05 -2.84 -2.71
N GLN B 165 32.32 -2.49 -2.87
CA GLN B 165 33.37 -3.35 -2.36
C GLN B 165 33.22 -3.56 -0.85
N GLU B 166 32.82 -2.52 -0.15
CA GLU B 166 32.62 -2.62 1.30
C GLU B 166 31.52 -3.62 1.64
N MET B 167 30.40 -3.57 0.91
CA MET B 167 29.30 -4.50 1.19
C MET B 167 29.62 -5.92 0.74
N GLN B 168 30.45 -6.08 -0.30
CA GLN B 168 30.91 -7.42 -0.66
C GLN B 168 31.73 -8.04 0.47
N GLN B 169 32.65 -7.26 1.05
CA GLN B 169 33.47 -7.77 2.13
C GLN B 169 32.64 -8.06 3.38
N ARG B 170 31.56 -7.32 3.59
CA ARG B 170 30.70 -7.59 4.74
C ARG B 170 30.09 -8.99 4.56
N TRP B 171 29.46 -9.17 3.42
CA TRP B 171 28.87 -10.43 3.00
C TRP B 171 29.87 -11.58 3.24
N ILE B 172 31.07 -11.40 2.70
CA ILE B 172 32.11 -12.40 2.93
C ILE B 172 32.32 -12.65 4.42
N ASP B 173 32.52 -11.57 5.18
CA ASP B 173 32.87 -11.77 6.59
C ASP B 173 31.73 -12.38 7.38
N GLN B 174 30.48 -12.05 7.07
CA GLN B 174 29.38 -12.62 7.84
C GLN B 174 29.17 -14.08 7.47
N HIS B 175 29.42 -14.44 6.21
CA HIS B 175 29.39 -15.86 5.85
C HIS B 175 30.48 -16.63 6.58
N LYS B 176 31.64 -16.01 6.78
CA LYS B 176 32.72 -16.69 7.51
C LYS B 176 32.38 -16.87 8.99
N ARG B 177 31.60 -15.96 9.60
CA ARG B 177 31.14 -16.21 10.96
C ARG B 177 30.30 -17.47 11.03
N TYR B 178 29.53 -17.73 9.97
CA TYR B 178 28.74 -18.96 9.90
C TYR B 178 29.62 -20.18 9.65
N PHE B 179 30.47 -20.12 8.61
CA PHE B 179 31.35 -21.24 8.30
C PHE B 179 32.22 -21.64 9.50
N ASP B 180 32.71 -20.66 10.26
CA ASP B 180 33.59 -20.96 11.39
C ASP B 180 32.89 -21.83 12.42
N GLN B 181 31.64 -21.51 12.76
CA GLN B 181 30.95 -22.32 13.75
C GLN B 181 30.60 -23.70 13.21
N LEU B 182 30.38 -23.83 11.89
CA LEU B 182 30.20 -25.15 11.29
C LEU B 182 31.43 -26.03 11.52
N LEU B 183 32.62 -25.46 11.40
CA LEU B 183 33.81 -26.27 11.64
C LEU B 183 33.96 -26.62 13.11
N VAL B 184 33.61 -25.69 14.00
CA VAL B 184 33.55 -25.99 15.43
C VAL B 184 32.58 -27.13 15.68
N GLN B 185 31.41 -27.08 15.04
CA GLN B 185 30.40 -28.12 15.23
C GLN B 185 30.92 -29.50 14.82
N VAL B 186 31.59 -29.55 13.67
CA VAL B 186 32.15 -30.79 13.17
C VAL B 186 33.07 -31.37 14.23
N ASP B 187 34.04 -30.57 14.65
CA ASP B 187 34.98 -31.00 15.68
C ASP B 187 34.26 -31.61 16.89
N GLN B 188 33.17 -30.99 17.32
CA GLN B 188 32.40 -31.56 18.43
C GLN B 188 31.68 -32.84 18.02
N GLN B 189 31.25 -32.93 16.78
CA GLN B 189 30.55 -34.07 16.27
C GLN B 189 31.48 -35.29 16.33
N VAL B 190 32.75 -35.07 16.02
CA VAL B 190 33.74 -36.14 16.04
C VAL B 190 34.43 -36.24 17.40
N GLY B 191 34.35 -35.17 18.18
CA GLY B 191 34.96 -35.15 19.49
C GLY B 191 34.40 -36.18 20.44
N ASP B 198 27.06 -26.32 29.01
CA ASP B 198 27.25 -24.88 29.15
C ASP B 198 26.32 -24.15 28.19
N VAL B 199 25.32 -23.47 28.74
CA VAL B 199 24.35 -22.75 27.94
C VAL B 199 25.00 -21.68 27.07
N GLU B 200 26.00 -21.00 27.63
CA GLU B 200 26.72 -19.96 26.91
C GLU B 200 27.39 -20.54 25.68
N ALA B 201 28.11 -21.65 25.85
CA ALA B 201 28.80 -22.28 24.73
C ALA B 201 27.80 -22.80 23.70
N TYR B 202 26.65 -23.31 24.17
CA TYR B 202 25.60 -23.75 23.25
C TYR B 202 25.09 -22.59 22.42
N MET B 203 24.74 -21.47 23.07
CA MET B 203 24.25 -20.30 22.35
C MET B 203 25.31 -19.70 21.44
N ASP B 204 26.57 -19.70 21.88
CA ASP B 204 27.65 -19.17 21.04
C ASP B 204 27.73 -19.94 19.72
N LEU B 205 27.73 -21.27 19.79
CA LEU B 205 27.82 -22.08 18.57
C LEU B 205 26.60 -21.87 17.68
N ARG B 206 25.39 -21.92 18.26
CA ARG B 206 24.16 -21.79 17.49
C ARG B 206 24.08 -20.43 16.82
N ARG B 207 24.58 -19.40 17.50
CA ARG B 207 24.56 -18.05 16.97
C ARG B 207 25.16 -18.04 15.58
N GLY B 208 26.27 -18.76 15.43
CA GLY B 208 26.96 -18.86 14.16
C GLY B 208 26.29 -19.86 13.23
N THR B 209 26.00 -21.07 13.71
CA THR B 209 25.48 -22.09 12.79
C THR B 209 24.04 -21.85 12.36
N ILE B 210 23.27 -21.04 13.11
CA ILE B 210 21.88 -20.79 12.71
C ILE B 210 21.79 -20.04 11.38
N GLY B 211 22.87 -19.39 10.96
CA GLY B 211 22.91 -18.68 9.68
C GLY B 211 22.26 -17.32 9.66
N VAL B 212 21.97 -16.77 10.84
CA VAL B 212 21.33 -15.47 10.96
C VAL B 212 22.21 -14.31 10.51
N TYR B 213 23.52 -14.42 10.73
CA TYR B 213 24.42 -13.33 10.34
C TYR B 213 24.50 -13.18 8.83
N PRO B 214 24.75 -14.23 8.03
CA PRO B 214 24.71 -14.05 6.58
C PRO B 214 23.31 -13.74 6.06
N ALA B 215 22.26 -14.21 6.73
CA ALA B 215 20.90 -13.85 6.31
C ALA B 215 20.69 -12.35 6.42
N ILE B 216 21.26 -11.72 7.45
CA ILE B 216 21.16 -10.27 7.56
C ILE B 216 21.94 -9.60 6.42
N SER B 217 23.11 -10.13 6.07
CA SER B 217 23.83 -9.61 4.89
C SER B 217 22.99 -9.76 3.62
N LEU B 218 22.36 -10.93 3.46
CA LEU B 218 21.46 -11.14 2.33
C LEU B 218 20.33 -10.11 2.29
N SER B 219 19.77 -9.77 3.45
CA SER B 219 18.67 -8.81 3.51
C SER B 219 19.14 -7.38 3.26
N GLU B 220 20.36 -7.04 3.68
CA GLU B 220 20.95 -5.77 3.26
C GLU B 220 20.99 -5.66 1.75
N TYR B 221 21.35 -6.75 1.06
CA TYR B 221 21.31 -6.76 -0.40
C TYR B 221 19.87 -6.62 -0.90
N GLY B 222 18.97 -7.44 -0.37
CA GLY B 222 17.61 -7.45 -0.88
C GLY B 222 16.90 -6.12 -0.70
N ALA B 223 17.09 -5.48 0.45
CA ALA B 223 16.44 -4.20 0.72
C ALA B 223 17.22 -3.00 0.19
N GLY B 224 18.41 -3.21 -0.37
CA GLY B 224 19.20 -2.08 -0.84
C GLY B 224 19.63 -1.12 0.25
N VAL B 225 19.99 -1.64 1.41
CA VAL B 225 20.39 -0.83 2.57
C VAL B 225 21.89 -1.01 2.74
N ASN B 226 22.63 0.11 2.76
CA ASN B 226 24.10 0.05 2.85
C ASN B 226 24.58 0.96 4.00
N VAL B 227 24.42 0.50 5.23
CA VAL B 227 24.94 1.24 6.39
C VAL B 227 26.47 1.29 6.32
N PRO B 228 27.11 2.44 6.56
CA PRO B 228 28.59 2.48 6.50
C PRO B 228 29.22 1.55 7.53
N GLN B 229 30.39 1.01 7.19
CA GLN B 229 31.00 -0.02 8.03
C GLN B 229 31.26 0.49 9.45
N HIS B 230 31.72 1.73 9.61
CA HIS B 230 32.05 2.21 10.95
C HIS B 230 30.80 2.29 11.84
N VAL B 231 29.63 2.45 11.23
CA VAL B 231 28.36 2.46 11.97
C VAL B 231 27.89 1.04 12.23
N TYR B 232 27.95 0.20 11.19
CA TYR B 232 27.64 -1.22 11.31
C TYR B 232 28.40 -1.88 12.45
N ASP B 233 29.69 -1.55 12.58
CA ASP B 233 30.53 -2.13 13.60
C ASP B 233 30.26 -1.56 14.98
N HIS B 234 29.38 -0.57 15.12
CA HIS B 234 29.10 -0.07 16.46
C HIS B 234 28.53 -1.20 17.30
N PRO B 235 28.94 -1.33 18.56
CA PRO B 235 28.49 -2.48 19.37
C PRO B 235 26.99 -2.59 19.47
N SER B 236 26.25 -1.47 19.38
CA SER B 236 24.79 -1.56 19.46
C SER B 236 24.22 -2.32 18.27
N LEU B 237 24.70 -2.02 17.06
CA LEU B 237 24.20 -2.74 15.88
C LEU B 237 24.67 -4.19 15.88
N GLN B 238 25.91 -4.45 16.32
CA GLN B 238 26.34 -5.83 16.48
C GLN B 238 25.48 -6.57 17.49
N GLU B 239 25.06 -5.90 18.56
CA GLU B 239 24.18 -6.54 19.53
C GLU B 239 22.79 -6.80 18.95
N CYS B 240 22.30 -5.90 18.10
CA CYS B 240 21.02 -6.15 17.43
C CYS B 240 21.08 -7.41 16.58
N MET B 241 22.18 -7.62 15.85
CA MET B 241 22.33 -8.87 15.08
C MET B 241 22.36 -10.08 16.01
N LYS B 242 23.06 -9.96 17.15
CA LYS B 242 23.17 -11.07 18.10
C LYS B 242 21.82 -11.40 18.72
N VAL B 243 21.01 -10.36 19.01
CA VAL B 243 19.66 -10.58 19.50
C VAL B 243 18.83 -11.29 18.45
N SER B 244 18.94 -10.87 17.19
CA SER B 244 18.23 -11.55 16.12
C SER B 244 18.58 -13.03 16.08
N ALA B 245 19.88 -13.33 16.13
CA ALA B 245 20.32 -14.72 16.05
C ALA B 245 19.89 -15.52 17.27
N ASP B 246 20.00 -14.93 18.47
CA ASP B 246 19.50 -15.60 19.67
C ASP B 246 18.01 -15.89 19.58
N LEU B 247 17.21 -14.93 19.10
CA LEU B 247 15.77 -15.15 19.01
C LEU B 247 15.46 -16.34 18.09
N VAL B 248 16.12 -16.43 16.94
CA VAL B 248 15.86 -17.54 16.02
C VAL B 248 16.26 -18.86 16.68
N THR B 249 17.41 -18.88 17.36
CA THR B 249 17.87 -20.08 18.06
C THR B 249 16.85 -20.51 19.11
N LEU B 250 16.39 -19.56 19.94
CA LEU B 250 15.51 -19.91 21.07
C LEU B 250 14.14 -20.35 20.58
N VAL B 251 13.59 -19.65 19.58
CA VAL B 251 12.32 -20.06 19.00
C VAL B 251 12.42 -21.48 18.44
N ASN B 252 13.49 -21.76 17.70
CA ASN B 252 13.64 -23.10 17.12
C ASN B 252 13.73 -24.16 18.21
N ASP B 253 14.46 -23.87 19.29
CA ASP B 253 14.61 -24.84 20.38
C ASP B 253 13.27 -25.11 21.06
N VAL B 254 12.44 -24.07 21.22
CA VAL B 254 11.11 -24.25 21.79
C VAL B 254 10.25 -25.12 20.88
N LEU B 255 10.16 -24.72 19.60
CA LEU B 255 9.16 -25.33 18.73
C LEU B 255 9.53 -26.76 18.35
N SER B 256 10.82 -27.08 18.34
CA SER B 256 11.28 -28.40 17.93
C SER B 256 11.27 -29.42 19.07
N TYR B 257 10.75 -29.06 20.25
CA TYR B 257 10.83 -29.97 21.40
C TYR B 257 10.04 -31.26 21.15
N ARG B 258 8.80 -31.14 20.68
CA ARG B 258 7.99 -32.33 20.42
C ARG B 258 8.69 -33.26 19.43
N LYS B 259 9.18 -32.68 18.34
CA LYS B 259 9.89 -33.43 17.32
C LYS B 259 11.14 -34.08 17.89
N ASP B 260 11.91 -33.32 18.68
CA ASP B 260 13.13 -33.84 19.29
C ASP B 260 12.83 -35.02 20.22
N LEU B 261 11.75 -34.91 21.02
CA LEU B 261 11.36 -36.00 21.92
C LEU B 261 11.01 -37.25 21.13
N GLU B 262 10.18 -37.09 20.09
CA GLU B 262 9.85 -38.19 19.20
C GLU B 262 11.10 -38.89 18.68
N LEU B 263 12.04 -38.13 18.10
CA LEU B 263 13.25 -38.71 17.53
C LEU B 263 14.28 -39.11 18.56
N GLY B 264 14.13 -38.69 19.81
CA GLY B 264 15.19 -38.89 20.78
C GLY B 264 16.40 -38.01 20.57
N VAL B 265 16.19 -36.76 20.14
CA VAL B 265 17.29 -35.82 20.03
C VAL B 265 17.73 -35.41 21.43
N ASP B 266 19.04 -35.42 21.69
CA ASP B 266 19.54 -35.09 23.02
C ASP B 266 20.43 -33.86 23.15
N HIS B 267 20.87 -33.29 22.04
CA HIS B 267 21.74 -32.13 22.11
C HIS B 267 20.94 -30.87 21.75
N ASN B 268 20.06 -30.48 22.68
CA ASN B 268 19.22 -29.32 22.48
C ASN B 268 19.15 -28.52 23.79
N LEU B 269 18.64 -27.28 23.68
CA LEU B 269 18.65 -26.40 24.84
C LEU B 269 17.77 -26.94 25.95
N MET B 270 16.62 -27.54 25.59
CA MET B 270 15.74 -28.12 26.59
C MET B 270 16.46 -29.19 27.40
N SER B 271 17.16 -30.12 26.73
CA SER B 271 17.87 -31.15 27.48
C SER B 271 18.99 -30.54 28.32
N LEU B 272 19.70 -29.55 27.78
CA LEU B 272 20.78 -28.93 28.53
C LEU B 272 20.26 -28.30 29.81
N LEU B 273 19.13 -27.56 29.72
CA LEU B 273 18.59 -26.88 30.88
C LEU B 273 18.03 -27.88 31.91
N MET B 274 17.27 -28.88 31.44
CA MET B 274 16.75 -29.90 32.35
C MET B 274 17.89 -30.62 33.04
N GLN B 275 18.89 -31.04 32.27
CA GLN B 275 20.05 -31.74 32.85
C GLN B 275 20.77 -30.87 33.86
N ARG B 276 21.07 -29.62 33.48
CA ARG B 276 21.96 -28.79 34.31
C ARG B 276 21.31 -28.41 35.62
N ASP B 277 20.04 -28.00 35.60
CA ASP B 277 19.38 -27.45 36.78
C ASP B 277 18.30 -28.36 37.32
N ASN B 278 18.21 -29.59 36.84
CA ASN B 278 17.26 -30.57 37.34
C ASN B 278 15.83 -30.04 37.22
N LEU B 279 15.46 -29.69 36.00
CA LEU B 279 14.18 -29.06 35.73
C LEU B 279 13.24 -30.02 35.02
N SER B 280 11.95 -29.86 35.27
CA SER B 280 10.96 -30.49 34.39
C SER B 280 10.99 -29.82 33.01
N ALA B 281 10.33 -30.48 32.05
CA ALA B 281 10.18 -29.89 30.73
C ALA B 281 9.47 -28.54 30.79
N GLN B 282 8.44 -28.42 31.62
CA GLN B 282 7.74 -27.14 31.73
C GLN B 282 8.65 -26.07 32.32
N GLN B 283 9.42 -26.42 33.35
CA GLN B 283 10.30 -25.45 33.96
C GLN B 283 11.39 -25.01 32.97
N ALA B 284 11.87 -25.95 32.16
CA ALA B 284 12.92 -25.64 31.18
C ALA B 284 12.39 -24.76 30.06
N VAL B 285 11.19 -25.06 29.58
CA VAL B 285 10.59 -24.29 28.50
C VAL B 285 10.37 -22.85 28.94
N ASP B 286 10.04 -22.69 30.22
CA ASP B 286 9.81 -21.37 30.80
C ASP B 286 11.11 -20.60 30.93
N VAL B 287 12.22 -21.30 31.21
CA VAL B 287 13.52 -20.63 31.22
C VAL B 287 13.87 -20.12 29.82
N ILE B 288 13.57 -20.90 28.79
CA ILE B 288 13.81 -20.40 27.44
C ILE B 288 12.95 -19.15 27.18
N GLY B 289 11.73 -19.15 27.69
CA GLY B 289 10.88 -17.97 27.55
C GLY B 289 11.45 -16.77 28.26
N ASP B 290 12.06 -16.98 29.42
CA ASP B 290 12.79 -15.91 30.09
C ASP B 290 13.94 -15.42 29.23
N MET B 291 14.65 -16.33 28.57
CA MET B 291 15.77 -15.90 27.72
C MET B 291 15.27 -15.11 26.51
N VAL B 292 14.15 -15.54 25.93
CA VAL B 292 13.51 -14.78 24.85
C VAL B 292 13.19 -13.36 25.32
N ASN B 293 12.58 -13.24 26.51
CA ASN B 293 12.23 -11.90 26.98
C ASN B 293 13.47 -11.07 27.27
N GLU B 294 14.55 -11.69 27.75
CA GLU B 294 15.79 -10.96 27.97
C GLU B 294 16.38 -10.47 26.64
N CYS B 295 16.16 -11.19 25.53
CA CYS B 295 16.52 -10.69 24.21
C CYS B 295 15.88 -9.32 23.94
N TYR B 296 14.58 -9.20 24.22
CA TYR B 296 13.91 -7.93 23.99
C TYR B 296 14.52 -6.81 24.83
N ARG B 297 14.85 -7.11 26.09
CA ARG B 297 15.49 -6.11 26.95
C ARG B 297 16.87 -5.71 26.41
N ARG B 298 17.67 -6.69 26.01
CA ARG B 298 18.97 -6.42 25.39
C ARG B 298 18.84 -5.55 24.14
N TRP B 299 17.86 -5.87 23.30
CA TRP B 299 17.55 -5.08 22.09
C TRP B 299 17.46 -3.59 22.40
N TYR B 300 16.58 -3.24 23.35
CA TYR B 300 16.34 -1.83 23.65
C TYR B 300 17.52 -1.20 24.37
N LEU B 301 18.19 -1.96 25.25
CA LEU B 301 19.38 -1.42 25.90
C LEU B 301 20.46 -1.12 24.87
N ALA B 302 20.61 -1.99 23.87
CA ALA B 302 21.54 -1.73 22.78
C ALA B 302 21.16 -0.45 22.03
N LEU B 303 19.88 -0.30 21.68
CA LEU B 303 19.46 0.88 20.92
C LEU B 303 19.65 2.16 21.73
N ALA B 304 19.53 2.08 23.06
CA ALA B 304 19.74 3.28 23.89
C ALA B 304 21.15 3.82 23.73
N GLU B 305 22.14 2.95 23.51
CA GLU B 305 23.54 3.32 23.33
C GLU B 305 23.91 3.67 21.89
N LEU B 306 22.99 3.51 20.95
CA LEU B 306 23.29 3.72 19.54
C LEU B 306 23.35 5.22 19.25
N PRO B 307 24.50 5.75 18.85
CA PRO B 307 24.59 7.19 18.56
C PRO B 307 23.87 7.52 17.28
N SER B 308 23.53 8.79 17.15
CA SER B 308 23.00 9.32 15.89
C SER B 308 24.14 9.77 15.00
N TYR B 309 24.04 9.42 13.71
CA TYR B 309 24.99 9.82 12.68
C TYR B 309 24.39 10.84 11.72
N GLY B 310 23.37 11.58 12.16
CA GLY B 310 22.62 12.46 11.30
C GLY B 310 21.51 11.73 10.55
N GLU B 311 20.53 12.52 10.07
CA GLU B 311 19.31 11.97 9.47
C GLU B 311 19.60 10.98 8.34
N LYS B 312 20.49 11.33 7.40
CA LYS B 312 20.66 10.52 6.20
C LYS B 312 21.15 9.13 6.54
N ILE B 313 22.16 9.03 7.40
CA ILE B 313 22.63 7.71 7.83
C ILE B 313 21.61 7.04 8.75
N ASP B 314 21.06 7.80 9.71
CA ASP B 314 20.13 7.21 10.67
C ASP B 314 18.94 6.58 9.97
N TYR B 315 18.48 7.17 8.88
CA TYR B 315 17.38 6.57 8.10
C TYR B 315 17.69 5.13 7.70
N ASN B 316 18.92 4.89 7.23
CA ASN B 316 19.32 3.53 6.83
C ASN B 316 19.64 2.64 8.04
N VAL B 317 20.15 3.22 9.13
CA VAL B 317 20.33 2.46 10.37
C VAL B 317 19.00 1.90 10.85
N MET B 318 17.95 2.71 10.85
CA MET B 318 16.64 2.21 11.30
C MET B 318 16.15 1.09 10.39
N LYS B 319 16.44 1.17 9.10
CA LYS B 319 16.10 0.07 8.19
C LYS B 319 16.94 -1.17 8.50
N PHE B 320 18.22 -0.99 8.83
CA PHE B 320 19.02 -2.14 9.24
C PHE B 320 18.48 -2.77 10.53
N VAL B 321 18.14 -1.93 11.51
CA VAL B 321 17.55 -2.45 12.75
C VAL B 321 16.29 -3.28 12.43
N GLU B 322 15.46 -2.77 11.52
CA GLU B 322 14.24 -3.49 11.14
C GLU B 322 14.58 -4.82 10.46
N ILE B 323 15.63 -4.85 9.65
CA ILE B 323 16.08 -6.12 9.06
C ILE B 323 16.42 -7.12 10.15
N CYS B 324 17.16 -6.69 11.17
CA CYS B 324 17.48 -7.60 12.28
C CYS B 324 16.20 -8.14 12.91
N ARG B 325 15.22 -7.26 13.14
CA ARG B 325 13.96 -7.68 13.73
C ARG B 325 13.20 -8.60 12.80
N ALA B 326 13.20 -8.26 11.50
CA ALA B 326 12.40 -9.01 10.53
C ALA B 326 12.97 -10.41 10.28
N VAL B 327 14.29 -10.59 10.41
CA VAL B 327 14.85 -11.93 10.23
C VAL B 327 14.32 -12.86 11.31
N ALA B 328 14.26 -12.38 12.55
CA ALA B 328 13.70 -13.19 13.63
C ALA B 328 12.17 -13.35 13.50
N GLN B 329 11.45 -12.26 13.22
CA GLN B 329 10.00 -12.39 13.08
C GLN B 329 9.64 -13.25 11.88
N GLY B 330 10.42 -13.14 10.79
CA GLY B 330 10.25 -14.03 9.66
C GLY B 330 10.39 -15.49 10.03
N ASN B 331 11.47 -15.85 10.74
CA ASN B 331 11.64 -17.23 11.17
C ASN B 331 10.44 -17.71 11.97
N LEU B 332 9.94 -16.87 12.88
CA LEU B 332 8.84 -17.27 13.76
C LEU B 332 7.56 -17.55 12.97
N TYR B 333 7.15 -16.61 12.11
CA TYR B 333 5.90 -16.80 11.37
C TYR B 333 6.07 -17.91 10.33
N TRP B 334 7.25 -18.00 9.73
CA TRP B 334 7.49 -19.07 8.75
C TRP B 334 7.42 -20.44 9.42
N SER B 335 8.04 -20.58 10.60
CA SER B 335 7.96 -21.84 11.34
C SER B 335 6.50 -22.29 11.51
N PHE B 336 5.63 -21.36 11.90
CA PHE B 336 4.23 -21.74 12.15
C PHE B 336 3.45 -21.93 10.85
N GLN B 337 3.61 -21.00 9.90
CA GLN B 337 2.85 -21.06 8.65
C GLN B 337 3.07 -22.39 7.92
N THR B 338 4.30 -22.89 7.92
CA THR B 338 4.65 -24.05 7.12
C THR B 338 4.62 -25.36 7.91
N GLY B 339 4.18 -25.34 9.17
CA GLY B 339 4.13 -26.56 9.95
C GLY B 339 5.50 -27.20 10.14
N ARG B 340 6.55 -26.39 10.13
CA ARG B 340 7.93 -26.87 10.17
C ARG B 340 8.16 -27.89 11.28
N TYR B 341 7.76 -27.55 12.49
CA TYR B 341 8.04 -28.33 13.68
C TYR B 341 6.81 -29.04 14.22
N LEU B 342 5.62 -28.50 13.96
CA LEU B 342 4.41 -28.92 14.64
C LEU B 342 3.30 -29.35 13.68
N GLY B 343 3.56 -29.33 12.37
CA GLY B 343 2.55 -29.69 11.39
C GLY B 343 1.51 -28.60 11.23
N GLU B 345 -1.27 -28.36 12.41
CA GLU B 345 -1.91 -28.16 13.71
C GLU B 345 -1.10 -27.25 14.63
N GLY B 346 0.08 -26.80 14.22
CA GLY B 346 0.92 -25.98 15.08
C GLY B 346 0.33 -24.62 15.38
N HIS B 347 -0.59 -24.13 14.54
CA HIS B 347 -1.26 -22.87 14.83
C HIS B 347 -2.03 -22.93 16.14
N GLU B 348 -2.50 -24.13 16.53
CA GLU B 348 -3.21 -24.26 17.80
C GLU B 348 -2.28 -24.16 19.00
N VAL B 349 -0.99 -24.48 18.83
CA VAL B 349 -0.02 -24.18 19.88
C VAL B 349 0.15 -22.66 20.03
N HIS B 350 0.11 -21.94 18.92
CA HIS B 350 0.11 -20.47 18.97
C HIS B 350 -1.08 -19.95 19.78
N GLU B 351 -2.29 -20.44 19.44
CA GLU B 351 -3.51 -19.90 20.02
C GLU B 351 -3.64 -20.24 21.50
N THR B 352 -3.42 -21.50 21.86
CA THR B 352 -3.64 -21.93 23.23
C THR B 352 -2.37 -21.94 24.08
N GLY B 353 -1.20 -22.06 23.45
CA GLY B 353 0.02 -22.30 24.19
C GLY B 353 0.27 -23.75 24.55
N ILE B 354 -0.64 -24.65 24.18
CA ILE B 354 -0.49 -26.05 24.54
C ILE B 354 0.20 -26.94 23.51
N MET B 355 1.41 -27.40 23.86
CA MET B 355 2.15 -28.31 23.00
C MET B 355 2.00 -29.71 23.58
N TYR B 356 1.08 -30.50 23.02
CA TYR B 356 0.92 -31.87 23.46
C TYR B 356 2.12 -32.71 23.04
N LEU B 357 2.45 -33.69 23.86
CA LEU B 357 3.62 -34.52 23.65
C LEU B 357 3.22 -35.99 23.45
N PRO C 26 23.97 37.11 11.28
CA PRO C 26 24.61 35.87 11.75
C PRO C 26 23.68 34.67 11.74
N PHE C 27 24.12 33.59 12.38
CA PHE C 27 23.43 32.31 12.29
C PHE C 27 23.77 31.47 13.52
N VAL C 28 22.98 30.41 13.71
CA VAL C 28 23.38 29.30 14.57
C VAL C 28 23.32 28.03 13.75
N ARG C 29 24.27 27.13 13.99
CA ARG C 29 24.16 25.76 13.49
C ARG C 29 23.18 25.03 14.39
N VAL C 30 21.99 24.73 13.87
CA VAL C 30 20.93 24.10 14.66
C VAL C 30 21.21 22.61 14.78
N PRO C 31 20.73 22.00 15.83
CA PRO C 31 20.90 20.56 15.92
C PRO C 31 20.09 19.82 14.84
N ASP C 32 20.62 18.71 14.37
CA ASP C 32 19.83 17.87 13.48
C ASP C 32 18.66 17.33 14.30
N LEU C 33 17.44 17.68 13.89
CA LEU C 33 16.25 17.29 14.61
C LEU C 33 15.58 16.06 14.01
N PHE C 34 16.14 15.55 12.92
CA PHE C 34 15.60 14.43 12.14
C PHE C 34 16.41 13.16 12.33
N GLY C 35 17.10 13.01 13.48
CA GLY C 35 17.87 11.81 13.74
C GLY C 35 17.11 10.74 14.49
N SER C 36 17.71 9.57 14.59
CA SER C 36 17.22 8.46 15.43
C SER C 36 15.76 8.14 15.07
N ILE C 37 14.85 8.07 16.04
CA ILE C 37 13.46 7.71 15.78
C ILE C 37 12.72 8.75 14.95
N MET C 38 13.31 9.94 14.78
CA MET C 38 12.75 10.95 13.88
C MET C 38 13.23 10.80 12.43
N SER C 39 14.13 9.86 12.14
CA SER C 39 14.75 9.77 10.82
C SER C 39 13.94 8.99 9.79
N THR C 40 12.89 8.29 10.20
CA THR C 40 12.18 7.44 9.25
C THR C 40 11.26 8.29 8.37
N LYS C 41 10.86 7.71 7.24
CA LYS C 41 9.98 8.39 6.30
C LYS C 41 8.59 8.52 6.91
N PRO C 42 8.04 9.71 7.08
CA PRO C 42 6.74 9.82 7.74
C PRO C 42 5.61 9.29 6.86
N VAL C 43 4.61 8.70 7.51
CA VAL C 43 3.42 8.18 6.85
C VAL C 43 2.27 9.15 7.10
N VAL C 44 1.58 9.56 6.04
CA VAL C 44 0.51 10.54 6.13
C VAL C 44 -0.81 9.88 5.71
N ASN C 45 -1.86 10.15 6.47
CA ASN C 45 -3.18 9.61 6.20
C ASN C 45 -3.62 9.96 4.77
N PRO C 46 -3.96 8.97 3.94
CA PRO C 46 -4.47 9.30 2.60
C PRO C 46 -5.80 10.02 2.60
N ASN C 47 -6.57 9.99 3.70
CA ASN C 47 -7.78 10.78 3.84
C ASN C 47 -7.51 12.26 4.08
N TYR C 48 -6.24 12.67 4.09
CA TYR C 48 -5.88 14.07 4.33
C TYR C 48 -6.70 15.05 3.48
N PHE C 49 -6.79 14.81 2.17
CA PHE C 49 -7.43 15.79 1.29
C PHE C 49 -8.92 15.90 1.58
N ALA C 50 -9.60 14.77 1.70
CA ALA C 50 -11.04 14.79 1.96
C ALA C 50 -11.34 15.41 3.32
N ALA C 51 -10.50 15.12 4.33
CA ALA C 51 -10.78 15.65 5.66
C ALA C 51 -10.49 17.15 5.73
N LYS C 52 -9.41 17.59 5.04
CA LYS C 52 -9.10 19.01 5.03
C LYS C 52 -10.22 19.82 4.40
N ALA C 53 -10.77 19.36 3.28
CA ALA C 53 -11.89 20.06 2.67
C ALA C 53 -13.07 20.16 3.63
N ARG C 54 -13.41 19.05 4.30
CA ARG C 54 -14.56 19.05 5.20
C ARG C 54 -14.30 19.90 6.44
N GLY C 55 -13.11 19.77 7.03
CA GLY C 55 -12.89 20.39 8.34
C GLY C 55 -12.49 21.83 8.29
N ASP C 56 -11.76 22.25 7.26
CA ASP C 56 -11.37 23.66 7.18
C ASP C 56 -12.60 24.55 6.93
N ARG C 57 -13.54 24.09 6.10
CA ARG C 57 -14.71 24.93 5.87
C ARG C 57 -15.64 24.90 7.07
N TRP C 58 -15.78 23.74 7.72
CA TRP C 58 -16.66 23.64 8.88
C TRP C 58 -16.23 24.62 9.97
N ILE C 59 -14.95 24.58 10.36
CA ILE C 59 -14.50 25.51 11.40
C ILE C 59 -14.62 26.95 10.96
N ALA C 60 -14.50 27.21 9.65
CA ALA C 60 -14.70 28.55 9.15
C ALA C 60 -16.15 28.98 9.35
N ARG C 61 -17.09 28.10 8.99
CA ARG C 61 -18.51 28.35 9.25
C ARG C 61 -18.77 28.51 10.75
N VAL C 62 -18.19 27.63 11.57
CA VAL C 62 -18.43 27.67 13.02
C VAL C 62 -17.95 28.97 13.63
N MET C 63 -16.74 29.42 13.26
CA MET C 63 -16.11 30.58 13.89
C MET C 63 -16.36 31.89 13.17
N ASN C 64 -17.12 31.87 12.10
CA ASN C 64 -17.33 33.08 11.33
C ASN C 64 -16.06 33.61 10.75
N PHE C 65 -15.21 32.72 10.28
CA PHE C 65 -14.00 33.13 9.58
C PHE C 65 -14.38 33.84 8.29
N ASN C 66 -13.80 35.01 8.04
CA ASN C 66 -13.98 35.61 6.73
C ASN C 66 -13.12 34.85 5.71
N LYS C 67 -13.16 35.31 4.47
CA LYS C 67 -12.40 34.67 3.39
C LYS C 67 -10.90 34.67 3.64
N ALA C 68 -10.40 35.72 4.29
CA ALA C 68 -8.97 35.83 4.58
C ALA C 68 -8.58 34.94 5.74
N VAL C 69 -9.29 35.05 6.86
CA VAL C 69 -8.93 34.26 8.05
C VAL C 69 -9.02 32.78 7.75
N ALA C 70 -10.08 32.35 7.05
CA ALA C 70 -10.23 30.95 6.71
C ALA C 70 -9.07 30.46 5.84
N ALA C 71 -8.56 31.33 4.96
CA ALA C 71 -7.45 30.93 4.11
C ALA C 71 -6.15 30.84 4.90
N ARG C 72 -5.99 31.74 5.87
CA ARG C 72 -4.81 31.74 6.73
C ARG C 72 -4.83 30.42 7.51
N ASN C 73 -5.98 30.12 8.12
CA ASN C 73 -6.14 28.89 8.88
C ASN C 73 -5.84 27.68 8.01
N SER C 74 -6.38 27.67 6.79
CA SER C 74 -6.11 26.58 5.84
C SER C 74 -4.62 26.41 5.59
N LYS C 75 -3.91 27.53 5.49
CA LYS C 75 -2.47 27.51 5.30
C LYS C 75 -1.80 26.84 6.48
N VAL C 76 -2.24 27.17 7.69
CA VAL C 76 -1.68 26.58 8.90
C VAL C 76 -1.71 25.06 8.80
N ASP C 77 -2.79 24.53 8.23
CA ASP C 77 -2.90 23.12 7.84
C ASP C 77 -2.68 22.17 9.02
N LEU C 78 -3.52 22.36 10.05
CA LEU C 78 -3.54 21.39 11.14
C LEU C 78 -3.98 20.00 10.66
N CYS C 79 -4.61 19.90 9.48
CA CYS C 79 -4.98 18.58 8.99
C CYS C 79 -3.73 17.75 8.69
N PHE C 80 -2.67 18.39 8.18
CA PHE C 80 -1.43 17.69 7.91
C PHE C 80 -0.85 17.10 9.18
N LEU C 81 -0.87 17.89 10.26
CA LEU C 81 -0.41 17.41 11.56
C LEU C 81 -1.21 16.19 12.03
N ALA C 82 -2.55 16.32 12.06
CA ALA C 82 -3.40 15.20 12.47
C ALA C 82 -3.22 13.98 11.57
N SER C 83 -2.98 14.22 10.28
CA SER C 83 -2.82 13.11 9.34
C SER C 83 -1.56 12.29 9.59
N MET C 84 -0.53 12.86 10.24
CA MET C 84 0.61 12.03 10.64
C MET C 84 0.45 11.41 12.02
N TRP C 85 -0.37 11.98 12.90
CA TRP C 85 -0.60 11.39 14.21
C TRP C 85 -1.27 10.02 14.08
N ALA C 86 -2.26 9.91 13.18
CA ALA C 86 -3.01 8.67 13.00
C ALA C 86 -3.20 8.43 11.51
N PRO C 87 -2.20 7.84 10.86
CA PRO C 87 -2.23 7.76 9.38
C PRO C 87 -3.21 6.74 8.82
N ASP C 88 -3.78 5.85 9.62
CA ASP C 88 -4.84 5.00 9.08
C ASP C 88 -6.17 5.20 9.80
N ALA C 89 -6.34 6.36 10.44
CA ALA C 89 -7.67 6.75 10.88
C ALA C 89 -8.60 6.86 9.68
N PRO C 90 -9.82 6.32 9.75
CA PRO C 90 -10.80 6.57 8.69
C PRO C 90 -11.15 8.05 8.62
N GLU C 91 -11.74 8.44 7.47
CA GLU C 91 -11.93 9.86 7.18
C GLU C 91 -12.72 10.57 8.27
N ASP C 92 -13.77 9.93 8.78
CA ASP C 92 -14.64 10.60 9.76
C ASP C 92 -13.89 10.84 11.07
N ARG C 93 -13.07 9.87 11.49
CA ARG C 93 -12.25 10.10 12.67
C ARG C 93 -11.18 11.16 12.40
N LEU C 94 -10.63 11.19 11.18
CA LEU C 94 -9.64 12.21 10.87
C LEU C 94 -10.25 13.60 10.93
N VAL C 95 -11.52 13.73 10.51
CA VAL C 95 -12.18 15.03 10.58
C VAL C 95 -12.36 15.45 12.04
N MET C 96 -12.77 14.51 12.89
CA MET C 96 -12.84 14.82 14.32
C MET C 96 -11.48 15.28 14.85
N MET C 97 -10.40 14.60 14.45
CA MET C 97 -9.06 15.01 14.88
C MET C 97 -8.73 16.41 14.38
N LEU C 98 -9.12 16.74 13.15
CA LEU C 98 -8.93 18.10 12.66
C LEU C 98 -9.75 19.10 13.48
N ASP C 99 -11.01 18.77 13.76
CA ASP C 99 -11.83 19.64 14.60
C ASP C 99 -11.17 19.87 15.95
N TRP C 100 -10.65 18.79 16.57
CA TRP C 100 -9.95 18.92 17.86
C TRP C 100 -8.74 19.84 17.74
N ASN C 101 -7.96 19.70 16.67
CA ASN C 101 -6.79 20.57 16.53
C ASN C 101 -7.20 22.03 16.39
N HIS C 102 -8.29 22.29 15.65
CA HIS C 102 -8.80 23.65 15.58
C HIS C 102 -9.25 24.12 16.96
N TRP C 103 -9.95 23.26 17.69
CA TRP C 103 -10.33 23.59 19.06
C TRP C 103 -9.11 23.99 19.89
N VAL C 104 -8.16 23.07 20.02
CA VAL C 104 -6.96 23.30 20.81
C VAL C 104 -6.31 24.64 20.48
N PHE C 105 -6.10 24.88 19.20
CA PHE C 105 -5.49 26.11 18.72
C PHE C 105 -6.24 27.34 19.20
N LEU C 106 -7.56 27.35 19.01
CA LEU C 106 -8.36 28.50 19.42
C LEU C 106 -8.49 28.57 20.94
N PHE C 107 -8.70 27.42 21.59
CA PHE C 107 -8.78 27.36 23.05
C PHE C 107 -7.49 27.89 23.69
N ASP C 108 -6.34 27.36 23.24
CA ASP C 108 -5.06 27.71 23.85
C ASP C 108 -4.76 29.19 23.72
N ASP C 109 -5.12 29.79 22.58
CA ASP C 109 -4.87 31.21 22.35
C ASP C 109 -5.48 32.07 23.44
N GLN C 110 -6.62 31.67 23.99
CA GLN C 110 -7.25 32.44 25.06
C GLN C 110 -6.31 32.60 26.24
N PHE C 111 -5.44 31.61 26.50
CA PHE C 111 -4.58 31.63 27.67
C PHE C 111 -3.21 32.24 27.41
N ASP C 112 -2.68 32.09 26.19
CA ASP C 112 -1.35 32.61 25.85
C ASP C 112 -1.41 34.08 25.46
N GLU C 113 -2.49 34.50 24.80
CA GLU C 113 -2.57 35.82 24.18
C GLU C 113 -3.91 36.52 24.37
N GLY C 114 -4.97 35.81 24.75
CA GLY C 114 -6.31 36.34 24.74
C GLY C 114 -6.80 36.75 26.11
N HIS C 115 -8.12 36.72 26.29
CA HIS C 115 -8.77 37.33 27.44
C HIS C 115 -8.51 36.62 28.76
N LEU C 116 -7.89 35.44 28.75
CA LEU C 116 -7.57 34.73 29.98
C LEU C 116 -6.10 34.86 30.37
N LYS C 117 -5.29 35.58 29.59
CA LYS C 117 -3.84 35.51 29.73
C LYS C 117 -3.37 35.98 31.10
N GLU C 118 -4.04 36.97 31.68
CA GLU C 118 -3.62 37.54 32.96
C GLU C 118 -4.74 37.52 33.99
N ASP C 119 -5.58 36.49 33.96
CA ASP C 119 -6.80 36.45 34.77
C ASP C 119 -6.97 35.05 35.34
N PRO C 120 -6.32 34.75 36.47
CA PRO C 120 -6.40 33.38 37.00
C PRO C 120 -7.81 32.92 37.31
N ALA C 121 -8.67 33.81 37.81
CA ALA C 121 -10.01 33.40 38.20
C ALA C 121 -10.85 33.03 36.97
N ALA C 122 -10.80 33.87 35.93
CA ALA C 122 -11.54 33.54 34.72
C ALA C 122 -10.95 32.33 34.00
N ALA C 123 -9.62 32.20 34.01
CA ALA C 123 -9.01 31.02 33.40
C ALA C 123 -9.48 29.74 34.08
N ALA C 124 -9.49 29.74 35.42
CA ALA C 124 -9.95 28.56 36.15
C ALA C 124 -11.39 28.24 35.81
N GLU C 125 -12.22 29.25 35.57
CA GLU C 125 -13.64 29.02 35.29
C GLU C 125 -13.82 28.49 33.87
N GLU C 126 -13.03 28.99 32.92
CA GLU C 126 -13.05 28.41 31.58
C GLU C 126 -12.67 26.94 31.61
N VAL C 127 -11.62 26.61 32.35
CA VAL C 127 -11.23 25.21 32.50
C VAL C 127 -12.37 24.42 33.13
N LYS C 128 -12.99 24.98 34.19
CA LYS C 128 -14.08 24.27 34.86
C LYS C 128 -15.23 23.98 33.89
N GLN C 129 -15.62 24.97 33.08
CA GLN C 129 -16.74 24.78 32.16
C GLN C 129 -16.38 23.86 31.00
N THR C 130 -15.11 23.85 30.58
CA THR C 130 -14.73 22.95 29.50
C THR C 130 -14.67 21.51 29.99
N ILE C 131 -14.18 21.29 31.21
CA ILE C 131 -14.23 19.96 31.82
C ILE C 131 -15.66 19.47 31.92
N ALA C 132 -16.62 20.37 32.24
CA ALA C 132 -18.00 19.94 32.43
C ALA C 132 -18.63 19.42 31.15
N ILE C 133 -18.09 19.80 29.99
CA ILE C 133 -18.55 19.24 28.72
C ILE C 133 -18.42 17.73 28.72
N MET C 134 -17.43 17.21 29.44
CA MET C 134 -17.01 15.82 29.32
C MET C 134 -17.77 14.98 30.36
N GLY C 135 -19.04 14.75 30.07
CA GLY C 135 -19.88 13.99 30.97
C GLY C 135 -20.38 14.76 32.18
N GLY C 136 -20.09 16.04 32.28
CA GLY C 136 -20.53 16.85 33.38
C GLY C 136 -21.84 17.54 33.09
N ASN C 137 -22.06 18.69 33.73
CA ASN C 137 -23.34 19.38 33.64
C ASN C 137 -23.34 20.48 32.60
N ALA C 138 -22.62 20.32 31.49
CA ALA C 138 -22.59 21.34 30.48
C ALA C 138 -23.93 21.42 29.74
N PRO C 139 -24.36 22.62 29.36
CA PRO C 139 -25.47 22.73 28.41
C PRO C 139 -25.07 22.17 27.06
N ARG C 140 -26.06 22.06 26.17
CA ARG C 140 -25.79 21.84 24.76
C ARG C 140 -25.36 23.17 24.14
N TYR C 141 -24.10 23.26 23.74
CA TYR C 141 -23.67 24.49 23.10
C TYR C 141 -24.05 24.48 21.63
N THR C 142 -24.05 25.66 21.04
CA THR C 142 -24.20 25.83 19.61
C THR C 142 -23.06 26.72 19.13
N ALA C 143 -22.82 26.72 17.82
CA ALA C 143 -21.81 27.62 17.29
C ALA C 143 -22.09 29.04 17.71
N GLU C 144 -23.37 29.39 17.78
CA GLU C 144 -23.79 30.74 18.15
C GLU C 144 -23.69 31.07 19.64
N SER C 145 -23.89 30.08 20.51
CA SER C 145 -23.84 30.36 21.95
C SER C 145 -22.41 30.37 22.46
N ASN C 146 -21.54 29.48 21.95
CA ASN C 146 -20.15 29.47 22.35
C ASN C 146 -19.39 28.62 21.34
N PRO C 147 -18.74 29.24 20.34
CA PRO C 147 -18.22 28.44 19.23
C PRO C 147 -17.08 27.53 19.63
N ILE C 148 -16.18 27.97 20.51
CA ILE C 148 -15.04 27.15 20.89
C ILE C 148 -15.50 25.96 21.73
N ARG C 149 -16.32 26.23 22.76
CA ARG C 149 -16.85 25.10 23.55
C ARG C 149 -17.73 24.19 22.72
N TYR C 150 -18.45 24.76 21.74
CA TYR C 150 -19.22 23.92 20.83
C TYR C 150 -18.32 22.91 20.12
N VAL C 151 -17.20 23.36 19.57
CA VAL C 151 -16.29 22.44 18.87
C VAL C 151 -15.85 21.32 19.82
N PHE C 152 -15.45 21.68 21.04
CA PHE C 152 -14.98 20.65 21.96
C PHE C 152 -16.09 19.66 22.27
N GLN C 153 -17.31 20.15 22.44
CA GLN C 153 -18.43 19.26 22.72
C GLN C 153 -18.71 18.33 21.54
N GLN C 154 -18.61 18.86 20.32
CA GLN C 154 -18.80 18.00 19.15
C GLN C 154 -17.73 16.91 19.11
N CYS C 155 -16.49 17.25 19.47
CA CYS C 155 -15.46 16.21 19.52
C CYS C 155 -15.76 15.19 20.62
N TRP C 156 -16.20 15.67 21.79
CA TRP C 156 -16.47 14.76 22.90
C TRP C 156 -17.60 13.79 22.57
N ASP C 157 -18.66 14.27 21.90
CA ASP C 157 -19.76 13.39 21.52
C ASP C 157 -19.25 12.21 20.70
N ARG C 158 -18.41 12.50 19.70
CA ARG C 158 -17.90 11.44 18.84
C ARG C 158 -16.91 10.56 19.57
N LEU C 159 -16.13 11.15 20.45
CA LEU C 159 -15.22 10.40 21.27
C LEU C 159 -15.99 9.39 22.12
N LYS C 160 -16.93 9.90 22.91
CA LYS C 160 -17.73 9.07 23.80
C LYS C 160 -18.63 8.04 23.11
N ALA C 161 -18.87 8.20 21.81
CA ALA C 161 -19.74 7.25 21.11
C ALA C 161 -19.01 5.96 20.74
N VAL C 162 -17.68 6.02 20.59
CA VAL C 162 -16.93 4.87 20.09
C VAL C 162 -15.82 4.48 21.06
N SER C 163 -15.87 4.98 22.29
CA SER C 163 -14.84 4.66 23.27
C SER C 163 -15.45 4.07 24.53
N SER C 164 -14.77 3.07 25.08
CA SER C 164 -15.12 2.53 26.39
C SER C 164 -15.08 3.61 27.45
N GLN C 165 -15.70 3.31 28.60
CA GLN C 165 -15.65 4.23 29.74
C GLN C 165 -14.22 4.50 30.18
N GLU C 166 -13.39 3.46 30.20
CA GLU C 166 -11.98 3.62 30.58
C GLU C 166 -11.27 4.58 29.64
N MET C 167 -11.54 4.43 28.35
CA MET C 167 -10.95 5.28 27.33
C MET C 167 -11.44 6.71 27.54
N GLN C 168 -12.75 6.87 27.75
CA GLN C 168 -13.31 8.19 27.98
C GLN C 168 -12.64 8.87 29.16
N GLN C 169 -12.40 8.12 30.23
CA GLN C 169 -11.76 8.67 31.42
C GLN C 169 -10.30 9.02 31.15
N ARG C 170 -9.62 8.24 30.32
CA ARG C 170 -8.24 8.58 29.94
C ARG C 170 -8.21 9.92 29.19
N TRP C 171 -9.11 10.08 28.21
CA TRP C 171 -9.22 11.34 27.50
C TRP C 171 -9.47 12.50 28.47
N ILE C 172 -10.38 12.32 29.42
CA ILE C 172 -10.63 13.35 30.43
C ILE C 172 -9.35 13.66 31.21
N ASP C 173 -8.69 12.60 31.71
CA ASP C 173 -7.53 12.82 32.56
C ASP C 173 -6.35 13.45 31.81
N GLN C 174 -6.17 13.13 30.52
CA GLN C 174 -5.05 13.73 29.80
C GLN C 174 -5.33 15.20 29.48
N HIS C 175 -6.58 15.53 29.16
CA HIS C 175 -6.94 16.94 28.98
C HIS C 175 -6.70 17.72 30.28
N LYS C 176 -7.03 17.12 31.44
CA LYS C 176 -6.79 17.79 32.72
C LYS C 176 -5.30 18.03 32.98
N ARG C 177 -4.42 17.17 32.47
CA ARG C 177 -3.00 17.47 32.60
C ARG C 177 -2.64 18.70 31.79
N TYR C 178 -3.27 18.87 30.63
CA TYR C 178 -3.09 20.09 29.84
C TYR C 178 -3.68 21.30 30.57
N PHE C 179 -4.94 21.20 31.02
CA PHE C 179 -5.59 22.35 31.66
C PHE C 179 -4.85 22.78 32.92
N ASP C 180 -4.34 21.81 33.70
CA ASP C 180 -3.66 22.14 34.94
C ASP C 180 -2.44 23.03 34.70
N GLN C 181 -1.66 22.76 33.64
CA GLN C 181 -0.50 23.59 33.40
C GLN C 181 -0.87 24.91 32.75
N LEU C 182 -1.96 24.96 31.98
CA LEU C 182 -2.46 26.24 31.53
C LEU C 182 -2.72 27.17 32.71
N LEU C 183 -3.28 26.62 33.79
CA LEU C 183 -3.58 27.44 34.96
C LEU C 183 -2.31 27.84 35.68
N VAL C 184 -1.34 26.93 35.77
CA VAL C 184 -0.02 27.29 36.30
C VAL C 184 0.59 28.41 35.47
N GLN C 185 0.40 28.37 34.15
CA GLN C 185 0.99 29.39 33.29
C GLN C 185 0.38 30.78 33.56
N VAL C 186 -0.96 30.84 33.65
CA VAL C 186 -1.63 32.10 33.95
C VAL C 186 -1.17 32.65 35.30
N ASP C 187 -1.03 31.79 36.31
CA ASP C 187 -0.54 32.26 37.60
C ASP C 187 0.86 32.85 37.49
N GLN C 188 1.70 32.26 36.63
CA GLN C 188 3.04 32.81 36.45
C GLN C 188 3.03 34.07 35.62
N GLN C 189 2.09 34.18 34.67
CA GLN C 189 2.01 35.38 33.84
C GLN C 189 1.71 36.61 34.69
N VAL C 190 0.61 36.57 35.45
CA VAL C 190 0.23 37.72 36.26
C VAL C 190 1.04 37.75 37.55
N GLY C 191 1.27 36.60 38.16
CA GLY C 191 1.90 36.53 39.46
C GLY C 191 3.29 37.12 39.51
N ASP C 198 14.06 28.08 35.48
CA ASP C 198 14.62 26.78 35.85
C ASP C 198 14.23 25.80 34.76
N VAL C 199 15.23 25.17 34.14
CA VAL C 199 14.97 24.33 32.97
C VAL C 199 13.99 23.21 33.31
N GLU C 200 14.21 22.53 34.43
CA GLU C 200 13.31 21.44 34.82
C GLU C 200 11.90 21.95 35.03
N ALA C 201 11.76 23.11 35.67
CA ALA C 201 10.44 23.71 35.87
C ALA C 201 9.83 24.14 34.55
N TYR C 202 10.65 24.68 33.64
CA TYR C 202 10.14 25.09 32.34
C TYR C 202 9.65 23.88 31.56
N MET C 203 10.44 22.82 31.50
CA MET C 203 10.04 21.62 30.77
C MET C 203 8.80 20.99 31.37
N ASP C 204 8.70 21.01 32.71
CA ASP C 204 7.51 20.48 33.40
C ASP C 204 6.25 21.22 32.96
N LEU C 205 6.32 22.55 32.94
CA LEU C 205 5.18 23.35 32.51
C LEU C 205 4.84 23.08 31.04
N ARG C 206 5.85 23.13 30.17
CA ARG C 206 5.63 22.93 28.73
C ARG C 206 5.07 21.55 28.43
N ARG C 207 5.45 20.56 29.25
CA ARG C 207 4.97 19.19 29.06
C ARG C 207 3.45 19.21 29.00
N GLY C 208 2.84 19.94 29.93
CA GLY C 208 1.39 20.06 29.97
C GLY C 208 0.88 21.00 28.90
N THR C 209 1.40 22.24 28.86
CA THR C 209 0.78 23.26 28.01
C THR C 209 0.95 22.98 26.52
N ILE C 210 1.95 22.17 26.13
CA ILE C 210 2.16 21.89 24.71
C ILE C 210 0.99 21.10 24.12
N GLY C 211 0.18 20.45 24.96
CA GLY C 211 -0.99 19.75 24.49
C GLY C 211 -0.72 18.37 23.92
N VAL C 212 0.50 17.84 24.09
CA VAL C 212 0.82 16.53 23.54
C VAL C 212 0.09 15.40 24.29
N TYR C 213 -0.14 15.54 25.59
CA TYR C 213 -0.87 14.47 26.28
C TYR C 213 -2.29 14.27 25.74
N PRO C 214 -3.14 15.30 25.60
CA PRO C 214 -4.45 15.04 24.98
C PRO C 214 -4.36 14.72 23.50
N ALA C 215 -3.31 15.21 22.82
CA ALA C 215 -3.09 14.82 21.43
C ALA C 215 -2.89 13.33 21.31
N ILE C 216 -2.22 12.73 22.32
CA ILE C 216 -2.02 11.29 22.31
C ILE C 216 -3.34 10.58 22.55
N SER C 217 -4.16 11.09 23.48
CA SER C 217 -5.52 10.55 23.62
C SER C 217 -6.32 10.69 22.33
N LEU C 218 -6.20 11.83 21.66
CA LEU C 218 -6.92 12.01 20.40
C LEU C 218 -6.48 10.97 19.38
N SER C 219 -5.18 10.66 19.35
CA SER C 219 -4.67 9.68 18.40
C SER C 219 -5.05 8.27 18.78
N GLU C 220 -5.14 7.96 20.08
CA GLU C 220 -5.71 6.67 20.47
C GLU C 220 -7.09 6.50 19.87
N TYR C 221 -7.85 7.58 19.82
CA TYR C 221 -9.19 7.57 19.24
C TYR C 221 -9.15 7.43 17.73
N GLY C 222 -8.31 8.22 17.06
CA GLY C 222 -8.21 8.17 15.62
C GLY C 222 -7.73 6.82 15.12
N ALA C 223 -6.72 6.25 15.78
CA ALA C 223 -6.14 4.98 15.37
C ALA C 223 -6.88 3.77 15.90
N GLY C 224 -7.87 3.96 16.76
CA GLY C 224 -8.59 2.81 17.30
C GLY C 224 -7.76 1.92 18.20
N VAL C 225 -6.85 2.51 18.97
CA VAL C 225 -5.93 1.79 19.83
C VAL C 225 -6.42 1.94 21.28
N ASN C 226 -6.55 0.83 21.99
CA ASN C 226 -7.06 0.85 23.37
C ASN C 226 -6.17 -0.04 24.24
N VAL C 227 -4.97 0.46 24.55
CA VAL C 227 -4.09 -0.17 25.55
C VAL C 227 -4.82 -0.19 26.90
N PRO C 228 -4.82 -1.31 27.64
CA PRO C 228 -5.46 -1.32 28.97
C PRO C 228 -4.80 -0.33 29.93
N GLN C 229 -5.62 0.25 30.81
CA GLN C 229 -5.14 1.31 31.70
C GLN C 229 -3.96 0.86 32.55
N HIS C 230 -4.00 -0.36 33.11
CA HIS C 230 -2.88 -0.75 33.98
C HIS C 230 -1.58 -0.86 33.20
N VAL C 231 -1.65 -1.13 31.89
CA VAL C 231 -0.44 -1.12 31.06
C VAL C 231 -0.04 0.31 30.69
N TYR C 232 -1.01 1.10 30.27
CA TYR C 232 -0.79 2.53 30.00
C TYR C 232 -0.10 3.21 31.17
N ASP C 233 -0.48 2.87 32.41
CA ASP C 233 0.08 3.47 33.59
C ASP C 233 1.48 2.98 33.92
N HIS C 234 2.03 2.03 33.17
CA HIS C 234 3.39 1.60 33.46
C HIS C 234 4.33 2.78 33.27
N PRO C 235 5.33 2.93 34.14
CA PRO C 235 6.22 4.10 34.04
C PRO C 235 6.90 4.22 32.68
N SER C 236 7.13 3.10 31.99
CA SER C 236 7.78 3.13 30.67
C SER C 236 6.90 3.85 29.65
N LEU C 237 5.62 3.49 29.60
CA LEU C 237 4.72 4.15 28.66
C LEU C 237 4.47 5.60 29.06
N GLN C 238 4.35 5.86 30.37
CA GLN C 238 4.30 7.25 30.81
C GLN C 238 5.54 8.02 30.37
N GLU C 239 6.71 7.37 30.36
CA GLU C 239 7.93 8.07 29.93
C GLU C 239 7.94 8.29 28.41
N CYS C 240 7.40 7.34 27.63
CA CYS C 240 7.26 7.56 26.19
C CYS C 240 6.40 8.79 25.89
N MET C 241 5.33 9.01 26.67
CA MET C 241 4.53 10.21 26.47
C MET C 241 5.32 11.45 26.82
N LYS C 242 6.11 11.35 27.90
CA LYS C 242 6.93 12.46 28.34
C LYS C 242 7.95 12.81 27.26
N VAL C 243 8.56 11.78 26.68
CA VAL C 243 9.55 11.99 25.63
C VAL C 243 8.91 12.67 24.43
N SER C 244 7.71 12.21 24.07
CA SER C 244 6.97 12.83 22.97
C SER C 244 6.73 14.30 23.24
N ALA C 245 6.25 14.63 24.44
CA ALA C 245 5.99 16.02 24.77
C ALA C 245 7.27 16.85 24.81
N ASP C 246 8.36 16.27 25.34
CA ASP C 246 9.63 17.00 25.36
C ASP C 246 10.14 17.27 23.95
N LEU C 247 10.02 16.29 23.04
CA LEU C 247 10.54 16.49 21.70
C LEU C 247 9.80 17.60 21.00
N VAL C 248 8.49 17.68 21.21
CA VAL C 248 7.71 18.75 20.60
C VAL C 248 8.12 20.10 21.17
N THR C 249 8.25 20.19 22.50
CA THR C 249 8.70 21.44 23.12
C THR C 249 10.06 21.87 22.58
N LEU C 250 11.00 20.94 22.55
CA LEU C 250 12.37 21.27 22.18
C LEU C 250 12.45 21.70 20.71
N VAL C 251 11.80 20.95 19.82
CA VAL C 251 11.78 21.34 18.40
C VAL C 251 11.17 22.74 18.24
N ASN C 252 10.05 23.00 18.91
CA ASN C 252 9.43 24.32 18.80
C ASN C 252 10.36 25.41 19.30
N ASP C 253 11.08 25.14 20.39
CA ASP C 253 11.97 26.16 20.95
C ASP C 253 13.15 26.43 20.04
N VAL C 254 13.63 25.41 19.32
CA VAL C 254 14.67 25.62 18.31
C VAL C 254 14.12 26.45 17.16
N LEU C 255 13.01 25.99 16.57
CA LEU C 255 12.54 26.59 15.32
C LEU C 255 11.99 27.99 15.54
N SER C 256 11.46 28.27 16.72
CA SER C 256 10.88 29.58 16.97
C SER C 256 11.91 30.63 17.37
N TYR C 257 13.19 30.29 17.40
CA TYR C 257 14.16 31.23 17.95
C TYR C 257 14.25 32.49 17.10
N ARG C 258 14.34 32.35 15.76
CA ARG C 258 14.43 33.52 14.90
C ARG C 258 13.21 34.43 15.07
N LYS C 259 12.03 33.81 15.09
CA LYS C 259 10.79 34.54 15.26
C LYS C 259 10.78 35.24 16.61
N ASP C 260 11.12 34.50 17.66
CA ASP C 260 11.17 35.07 19.01
C ASP C 260 12.17 36.22 19.08
N LEU C 261 13.31 36.05 18.41
CA LEU C 261 14.30 37.12 18.37
C LEU C 261 13.75 38.35 17.66
N GLU C 262 13.07 38.14 16.53
CA GLU C 262 12.44 39.24 15.80
C GLU C 262 11.47 40.00 16.70
N LEU C 263 10.52 39.28 17.32
CA LEU C 263 9.50 39.89 18.15
C LEU C 263 9.90 40.03 19.62
N GLY C 264 11.19 39.88 19.93
CA GLY C 264 11.75 40.15 21.25
C GLY C 264 11.11 39.48 22.46
N VAL C 265 10.65 38.24 22.30
CA VAL C 265 10.03 37.51 23.40
C VAL C 265 11.10 37.05 24.40
N ASP C 266 10.66 36.56 25.56
CA ASP C 266 11.57 36.08 26.59
C ASP C 266 11.24 34.70 27.13
N HIS C 267 9.99 34.25 27.04
CA HIS C 267 9.55 33.03 27.69
C HIS C 267 9.77 31.83 26.76
N ASN C 268 11.03 31.43 26.64
CA ASN C 268 11.36 30.28 25.80
C ASN C 268 12.70 29.70 26.27
N LEU C 269 12.95 28.45 25.86
CA LEU C 269 14.08 27.70 26.42
C LEU C 269 15.42 28.30 26.00
N MET C 270 15.53 28.77 24.75
CA MET C 270 16.75 29.47 24.31
C MET C 270 17.08 30.63 25.25
N SER C 271 16.09 31.51 25.51
CA SER C 271 16.36 32.63 26.39
C SER C 271 16.71 32.16 27.79
N LEU C 272 16.04 31.12 28.24
CA LEU C 272 16.27 30.55 29.56
C LEU C 272 17.71 30.02 29.72
N LEU C 273 18.19 29.31 28.71
CA LEU C 273 19.55 28.75 28.75
C LEU C 273 20.60 29.83 28.60
N MET C 274 20.33 30.81 27.74
CA MET C 274 21.29 31.89 27.55
C MET C 274 21.44 32.72 28.82
N GLN C 275 20.33 33.06 29.46
CA GLN C 275 20.38 33.90 30.65
C GLN C 275 20.98 33.17 31.83
N ARG C 276 20.77 31.84 31.90
CA ARG C 276 21.17 31.07 33.08
C ARG C 276 22.68 31.13 33.31
N ASP C 277 23.47 30.90 32.26
CA ASP C 277 24.93 30.83 32.38
C ASP C 277 25.61 31.78 31.41
N ASN C 278 24.86 32.75 30.89
CA ASN C 278 25.35 33.70 29.89
C ASN C 278 25.88 32.97 28.67
N LEU C 279 25.11 31.99 28.20
CA LEU C 279 25.48 31.27 26.98
C LEU C 279 25.21 32.13 25.76
N SER C 280 26.03 31.97 24.74
CA SER C 280 25.70 32.48 23.42
C SER C 280 24.53 31.69 22.83
N ALA C 281 23.90 32.24 21.79
CA ALA C 281 22.82 31.50 21.12
C ALA C 281 23.32 30.15 20.63
N GLN C 282 24.55 30.10 20.12
CA GLN C 282 25.06 28.84 19.59
C GLN C 282 25.26 27.83 20.71
N GLN C 283 25.84 28.25 21.83
CA GLN C 283 26.01 27.37 22.98
C GLN C 283 24.67 26.90 23.51
N ALA C 284 23.68 27.80 23.56
CA ALA C 284 22.37 27.42 24.06
C ALA C 284 21.69 26.41 23.14
N VAL C 285 21.69 26.65 21.86
CA VAL C 285 21.07 25.74 20.94
C VAL C 285 21.75 24.36 20.97
N ASP C 286 23.06 24.35 21.17
CA ASP C 286 23.79 23.08 21.35
C ASP C 286 23.26 22.30 22.54
N VAL C 287 22.99 22.98 23.66
CA VAL C 287 22.40 22.31 24.83
C VAL C 287 21.04 21.73 24.46
N ILE C 288 20.25 22.46 23.67
CA ILE C 288 18.96 21.89 23.29
C ILE C 288 19.17 20.64 22.44
N GLY C 289 20.21 20.66 21.58
CA GLY C 289 20.56 19.46 20.85
C GLY C 289 20.87 18.28 21.76
N ASP C 290 21.59 18.53 22.86
CA ASP C 290 21.86 17.47 23.84
C ASP C 290 20.56 16.92 24.44
N MET C 291 19.63 17.81 24.80
CA MET C 291 18.37 17.37 25.35
C MET C 291 17.55 16.59 24.35
N VAL C 292 17.62 16.96 23.06
CA VAL C 292 16.91 16.17 22.06
C VAL C 292 17.47 14.77 22.00
N ASN C 293 18.80 14.67 21.94
CA ASN C 293 19.41 13.35 21.88
C ASN C 293 19.17 12.55 23.16
N GLU C 294 19.08 13.24 24.32
CA GLU C 294 18.74 12.55 25.57
C GLU C 294 17.29 12.05 25.57
N CYS C 295 16.38 12.74 24.87
CA CYS C 295 15.03 12.18 24.68
C CYS C 295 15.08 10.79 24.06
N TYR C 296 15.94 10.59 23.06
CA TYR C 296 16.01 9.29 22.38
C TYR C 296 16.58 8.21 23.31
N ARG C 297 17.61 8.57 24.07
CA ARG C 297 18.15 7.65 25.06
C ARG C 297 17.09 7.25 26.08
N ARG C 298 16.36 8.23 26.61
CA ARG C 298 15.29 7.95 27.55
C ARG C 298 14.24 7.04 26.94
N TRP C 299 13.88 7.30 25.68
CA TRP C 299 12.93 6.48 24.95
C TRP C 299 13.29 5.00 25.01
N TYR C 300 14.51 4.67 24.58
CA TYR C 300 14.90 3.26 24.51
C TYR C 300 15.08 2.67 25.91
N LEU C 301 15.61 3.45 26.86
CA LEU C 301 15.75 2.93 28.22
C LEU C 301 14.39 2.63 28.84
N ALA C 302 13.39 3.47 28.54
CA ALA C 302 12.03 3.18 29.00
C ALA C 302 11.50 1.90 28.36
N LEU C 303 11.71 1.74 27.05
CA LEU C 303 11.20 0.54 26.40
C LEU C 303 11.89 -0.71 26.93
N ALA C 304 13.17 -0.61 27.32
CA ALA C 304 13.83 -1.80 27.85
C ALA C 304 13.16 -2.30 29.11
N GLU C 305 12.62 -1.39 29.93
CA GLU C 305 11.99 -1.72 31.20
C GLU C 305 10.52 -2.12 31.05
N LEU C 306 9.97 -2.04 29.85
CA LEU C 306 8.56 -2.31 29.63
C LEU C 306 8.36 -3.80 29.44
N PRO C 307 7.68 -4.49 30.35
CA PRO C 307 7.50 -5.93 30.18
C PRO C 307 6.46 -6.25 29.12
N SER C 308 6.58 -7.46 28.59
CA SER C 308 5.52 -8.00 27.74
C SER C 308 4.29 -8.32 28.58
N TYR C 309 3.13 -8.07 27.99
CA TYR C 309 1.84 -8.48 28.55
C TYR C 309 1.18 -9.52 27.66
N GLY C 310 1.99 -10.24 26.87
CA GLY C 310 1.46 -11.17 25.90
C GLY C 310 1.17 -10.50 24.58
N GLU C 311 1.14 -11.32 23.53
CA GLU C 311 1.00 -10.83 22.16
C GLU C 311 -0.18 -9.88 21.98
N LYS C 312 -1.35 -10.26 22.51
CA LYS C 312 -2.57 -9.51 22.19
C LYS C 312 -2.46 -8.07 22.70
N ILE C 313 -2.02 -7.91 23.94
CA ILE C 313 -1.85 -6.56 24.48
C ILE C 313 -0.63 -5.87 23.84
N ASP C 314 0.47 -6.61 23.66
CA ASP C 314 1.69 -6.00 23.13
C ASP C 314 1.47 -5.40 21.75
N TYR C 315 0.66 -6.06 20.92
CA TYR C 315 0.33 -5.55 19.60
C TYR C 315 -0.16 -4.11 19.70
N ASN C 316 -1.08 -3.86 20.64
CA ASN C 316 -1.59 -2.50 20.82
C ASN C 316 -0.60 -1.59 21.54
N VAL C 317 0.24 -2.14 22.42
CA VAL C 317 1.27 -1.32 23.05
C VAL C 317 2.25 -0.78 22.02
N MET C 318 2.63 -1.59 21.05
CA MET C 318 3.54 -1.07 20.03
C MET C 318 2.87 0.01 19.18
N LYS C 319 1.57 -0.12 18.92
CA LYS C 319 0.86 0.94 18.19
C LYS C 319 0.80 2.22 19.02
N PHE C 320 0.62 2.08 20.33
CA PHE C 320 0.64 3.24 21.21
C PHE C 320 2.01 3.90 21.20
N VAL C 321 3.08 3.08 21.28
CA VAL C 321 4.44 3.61 21.18
C VAL C 321 4.63 4.35 19.86
N GLU C 322 4.05 3.82 18.78
CA GLU C 322 4.15 4.52 17.49
C GLU C 322 3.38 5.84 17.51
N ILE C 323 2.22 5.87 18.18
CA ILE C 323 1.49 7.13 18.31
C ILE C 323 2.35 8.19 19.00
N CYS C 324 3.00 7.83 20.11
CA CYS C 324 3.88 8.78 20.80
C CYS C 324 4.96 9.30 19.85
N ARG C 325 5.58 8.41 19.08
CA ARG C 325 6.61 8.83 18.13
C ARG C 325 6.01 9.72 17.05
N ALA C 326 4.82 9.35 16.56
CA ALA C 326 4.22 10.06 15.43
C ALA C 326 3.74 11.46 15.82
N VAL C 327 3.31 11.65 17.06
CA VAL C 327 2.94 12.99 17.50
C VAL C 327 4.16 13.91 17.42
N ALA C 328 5.32 13.45 17.89
CA ALA C 328 6.53 14.27 17.80
C ALA C 328 7.01 14.42 16.35
N GLN C 329 7.03 13.32 15.58
CA GLN C 329 7.51 13.44 14.20
C GLN C 329 6.54 14.26 13.35
N GLY C 330 5.22 14.10 13.60
CA GLY C 330 4.25 14.95 12.94
C GLY C 330 4.47 16.43 13.23
N ASN C 331 4.66 16.79 14.50
CA ASN C 331 4.97 18.18 14.83
C ASN C 331 6.19 18.68 14.07
N LEU C 332 7.23 17.84 13.99
CA LEU C 332 8.49 18.24 13.34
C LEU C 332 8.28 18.50 11.85
N TYR C 333 7.69 17.55 11.14
CA TYR C 333 7.49 17.74 9.70
C TYR C 333 6.48 18.85 9.42
N TRP C 334 5.42 18.93 10.22
CA TRP C 334 4.41 19.96 10.01
C TRP C 334 5.02 21.35 10.18
N SER C 335 5.90 21.52 11.16
CA SER C 335 6.52 22.82 11.41
C SER C 335 7.31 23.30 10.19
N PHE C 336 8.10 22.40 9.59
CA PHE C 336 8.87 22.77 8.41
C PHE C 336 7.97 22.89 7.18
N GLN C 337 6.98 22.00 7.04
CA GLN C 337 6.13 22.00 5.85
C GLN C 337 5.39 23.32 5.71
N THR C 338 4.76 23.78 6.78
CA THR C 338 3.84 24.90 6.74
C THR C 338 4.50 26.25 6.95
N GLY C 339 5.84 26.30 7.02
CA GLY C 339 6.49 27.58 7.30
C GLY C 339 6.05 28.21 8.60
N ARG C 340 5.67 27.39 9.59
CA ARG C 340 5.13 27.88 10.85
C ARG C 340 6.05 28.88 11.52
N TYR C 341 7.35 28.57 11.59
CA TYR C 341 8.32 29.39 12.30
C TYR C 341 9.35 30.03 11.39
N LEU C 342 9.57 29.46 10.20
CA LEU C 342 10.68 29.84 9.35
C LEU C 342 10.23 30.26 7.95
N GLY C 343 8.93 30.43 7.75
CA GLY C 343 8.40 30.86 6.48
C GLY C 343 8.60 29.81 5.41
N PRO C 344 8.17 30.11 4.18
CA PRO C 344 8.22 29.12 3.11
C PRO C 344 9.62 28.63 2.78
N GLU C 345 10.64 29.38 3.20
CA GLU C 345 12.03 29.00 2.91
C GLU C 345 12.76 28.30 4.06
N GLY C 346 12.03 27.96 5.11
CA GLY C 346 12.63 27.28 6.26
C GLY C 346 13.17 25.90 5.96
N HIS C 347 12.86 25.33 4.80
CA HIS C 347 13.37 24.01 4.47
C HIS C 347 14.87 24.03 4.27
N GLU C 348 15.46 25.18 3.92
CA GLU C 348 16.91 25.27 3.81
C GLU C 348 17.58 25.06 5.16
N VAL C 349 16.91 25.44 6.26
CA VAL C 349 17.42 25.10 7.59
C VAL C 349 17.55 23.60 7.75
N HIS C 350 16.54 22.85 7.30
CA HIS C 350 16.60 21.38 7.31
C HIS C 350 17.82 20.89 6.54
N GLU C 351 17.98 21.36 5.30
CA GLU C 351 19.02 20.81 4.42
C GLU C 351 20.42 21.18 4.91
N THR C 352 20.62 22.42 5.34
CA THR C 352 21.94 22.93 5.71
C THR C 352 22.25 22.84 7.20
N GLY C 353 21.24 22.88 8.07
CA GLY C 353 21.49 23.02 9.49
C GLY C 353 21.82 24.42 9.94
N ILE C 354 21.68 25.42 9.08
CA ILE C 354 22.00 26.79 9.43
C ILE C 354 20.70 27.58 9.50
N MET C 355 20.52 28.30 10.61
CA MET C 355 19.34 29.13 10.82
C MET C 355 19.81 30.59 10.93
N TYR C 356 19.85 31.29 9.81
CA TYR C 356 20.30 32.67 9.77
C TYR C 356 19.34 33.55 10.55
N LEU C 357 19.86 34.66 11.06
CA LEU C 357 19.08 35.54 11.93
C LEU C 357 19.00 36.96 11.37
N PHE D 27 -30.11 29.89 -10.54
CA PHE D 27 -29.00 28.96 -10.50
C PHE D 27 -29.17 27.96 -11.63
N VAL D 28 -28.12 27.16 -11.85
CA VAL D 28 -28.20 25.99 -12.71
C VAL D 28 -27.83 24.78 -11.89
N ARG D 29 -28.56 23.69 -12.09
CA ARG D 29 -28.14 22.38 -11.60
C ARG D 29 -27.08 21.85 -12.57
N VAL D 30 -25.83 21.76 -12.11
CA VAL D 30 -24.75 21.31 -12.98
C VAL D 30 -24.83 19.78 -13.08
N PRO D 31 -24.44 19.20 -14.22
CA PRO D 31 -24.47 17.74 -14.31
C PRO D 31 -23.47 17.12 -13.36
N ASP D 32 -23.70 15.85 -13.05
CA ASP D 32 -22.74 15.06 -12.29
C ASP D 32 -21.49 14.85 -13.14
N LEU D 33 -20.37 15.41 -12.69
CA LEU D 33 -19.12 15.28 -13.43
C LEU D 33 -18.26 14.12 -12.90
N PHE D 34 -18.74 13.42 -11.87
CA PHE D 34 -17.97 12.38 -11.21
C PHE D 34 -18.52 10.99 -11.52
N GLY D 35 -19.15 10.83 -12.69
CA GLY D 35 -19.68 9.55 -13.09
C GLY D 35 -18.68 8.71 -13.87
N SER D 36 -19.06 7.45 -14.10
CA SER D 36 -18.35 6.55 -15.04
C SER D 36 -16.89 6.47 -14.65
N ILE D 37 -15.94 6.62 -15.58
CA ILE D 37 -14.53 6.52 -15.29
C ILE D 37 -14.01 7.62 -14.38
N MET D 38 -14.80 8.65 -14.10
CA MET D 38 -14.43 9.66 -13.12
C MET D 38 -14.89 9.29 -11.70
N SER D 39 -15.62 8.19 -11.53
CA SER D 39 -16.24 7.91 -10.24
C SER D 39 -15.34 7.15 -9.28
N THR D 40 -14.16 6.72 -9.72
CA THR D 40 -13.29 5.96 -8.85
C THR D 40 -12.67 6.86 -7.79
N LYS D 41 -12.18 6.24 -6.72
CA LYS D 41 -11.52 6.99 -5.66
C LYS D 41 -10.16 7.42 -6.20
N PRO D 42 -9.87 8.72 -6.14
CA PRO D 42 -8.61 9.21 -6.69
C PRO D 42 -7.41 8.74 -5.86
N VAL D 43 -6.34 8.35 -6.54
CA VAL D 43 -5.08 8.03 -5.90
C VAL D 43 -4.15 9.24 -6.06
N VAL D 44 -3.57 9.70 -4.96
CA VAL D 44 -2.72 10.88 -4.97
C VAL D 44 -1.31 10.46 -4.57
N ASN D 45 -0.32 10.92 -5.30
CA ASN D 45 1.08 10.62 -5.04
C ASN D 45 1.43 10.89 -3.57
N PRO D 46 1.96 9.91 -2.83
CA PRO D 46 2.38 10.18 -1.45
C PRO D 46 3.52 11.18 -1.36
N ASN D 47 4.26 11.42 -2.45
CA ASN D 47 5.34 12.41 -2.45
C ASN D 47 4.85 13.85 -2.59
N TYR D 48 3.52 14.03 -2.57
CA TYR D 48 2.88 15.35 -2.69
C TYR D 48 3.49 16.37 -1.73
N PHE D 49 3.59 16.02 -0.44
CA PHE D 49 4.00 17.00 0.56
C PHE D 49 5.45 17.44 0.33
N ALA D 50 6.34 16.47 0.13
CA ALA D 50 7.74 16.79 -0.08
C ALA D 50 7.95 17.59 -1.35
N ALA D 51 7.23 17.24 -2.42
CA ALA D 51 7.43 17.92 -3.70
C ALA D 51 6.86 19.33 -3.65
N LYS D 52 5.71 19.50 -2.99
CA LYS D 52 5.12 20.83 -2.84
C LYS D 52 6.04 21.76 -2.06
N ALA D 53 6.66 21.25 -1.00
CA ALA D 53 7.57 22.07 -0.19
C ALA D 53 8.73 22.59 -1.03
N ARG D 54 9.31 21.72 -1.86
CA ARG D 54 10.44 22.12 -2.72
C ARG D 54 9.97 23.05 -3.84
N GLY D 55 8.98 22.63 -4.62
CA GLY D 55 8.68 23.33 -5.86
C GLY D 55 7.97 24.67 -5.68
N ASP D 56 7.11 24.79 -4.67
CA ASP D 56 6.38 26.03 -4.50
C ASP D 56 7.33 27.17 -4.15
N ARG D 57 8.24 26.94 -3.20
CA ARG D 57 9.19 27.98 -2.84
C ARG D 57 10.19 28.23 -3.96
N TRP D 58 10.53 27.18 -4.72
CA TRP D 58 11.43 27.35 -5.86
C TRP D 58 10.83 28.29 -6.92
N ILE D 59 9.55 28.10 -7.27
CA ILE D 59 8.98 28.96 -8.30
C ILE D 59 8.82 30.40 -7.79
N ALA D 60 8.48 30.56 -6.50
CA ALA D 60 8.36 31.91 -5.94
C ALA D 60 9.68 32.66 -6.08
N ARG D 61 10.80 31.96 -5.86
CA ARG D 61 12.12 32.56 -5.98
C ARG D 61 12.46 32.85 -7.45
N VAL D 62 12.22 31.89 -8.34
CA VAL D 62 12.53 32.09 -9.75
C VAL D 62 11.77 33.30 -10.29
N MET D 63 10.50 33.41 -9.95
CA MET D 63 9.63 34.45 -10.48
C MET D 63 9.62 35.73 -9.66
N ASN D 64 10.37 35.79 -8.55
CA ASN D 64 10.37 36.95 -7.66
C ASN D 64 8.95 37.29 -7.19
N PHE D 65 8.16 36.26 -6.84
CA PHE D 65 6.84 36.48 -6.26
C PHE D 65 6.96 37.20 -4.93
N ASN D 66 6.18 38.27 -4.73
CA ASN D 66 6.06 38.76 -3.36
C ASN D 66 5.26 37.75 -2.51
N LYS D 67 5.32 37.95 -1.20
CA LYS D 67 4.68 37.06 -0.23
C LYS D 67 3.22 36.72 -0.50
N ALA D 68 2.44 37.71 -0.94
CA ALA D 68 1.02 37.50 -1.19
C ALA D 68 0.81 36.67 -2.46
N VAL D 69 1.62 36.95 -3.49
CA VAL D 69 1.50 36.23 -4.75
C VAL D 69 1.97 34.79 -4.59
N ALA D 70 3.07 34.59 -3.86
CA ALA D 70 3.54 33.24 -3.56
C ALA D 70 2.50 32.46 -2.78
N ALA D 71 1.88 33.08 -1.77
CA ALA D 71 0.83 32.40 -1.01
C ALA D 71 -0.34 32.04 -1.90
N ARG D 72 -0.74 32.95 -2.79
CA ARG D 72 -1.82 32.65 -3.73
C ARG D 72 -1.46 31.48 -4.62
N ASN D 73 -0.21 31.42 -5.07
CA ASN D 73 0.22 30.34 -5.95
C ASN D 73 0.19 29.00 -5.24
N SER D 74 0.65 28.96 -3.99
CA SER D 74 0.62 27.72 -3.22
C SER D 74 -0.82 27.24 -3.02
N LYS D 75 -1.73 28.18 -2.74
CA LYS D 75 -3.14 27.83 -2.65
C LYS D 75 -3.69 27.29 -3.96
N VAL D 76 -3.19 27.78 -5.11
CA VAL D 76 -3.64 27.22 -6.38
C VAL D 76 -3.30 25.73 -6.43
N ASP D 77 -2.20 25.34 -5.80
CA ASP D 77 -1.78 23.95 -5.54
C ASP D 77 -1.77 23.10 -6.81
N LEU D 78 -0.95 23.52 -7.79
CA LEU D 78 -0.69 22.68 -8.93
C LEU D 78 0.01 21.36 -8.54
N CYS D 79 0.60 21.27 -7.35
CA CYS D 79 1.19 20.00 -6.95
C CYS D 79 0.14 18.91 -6.80
N PHE D 80 -1.04 19.25 -6.27
CA PHE D 80 -2.13 18.28 -6.14
C PHE D 80 -2.54 17.74 -7.50
N LEU D 81 -2.66 18.62 -8.48
CA LEU D 81 -2.96 18.22 -9.85
C LEU D 81 -1.94 17.21 -10.37
N ALA D 82 -0.65 17.58 -10.33
CA ALA D 82 0.42 16.69 -10.80
C ALA D 82 0.45 15.39 -10.01
N SER D 83 0.11 15.43 -8.73
CA SER D 83 0.17 14.23 -7.89
C SER D 83 -0.91 13.22 -8.23
N MET D 84 -1.99 13.66 -8.88
CA MET D 84 -2.99 12.72 -9.36
C MET D 84 -2.69 12.23 -10.77
N TRP D 85 -1.99 13.04 -11.58
CA TRP D 85 -1.60 12.59 -12.92
C TRP D 85 -0.68 11.37 -12.87
N ALA D 86 0.28 11.37 -11.96
CA ALA D 86 1.27 10.31 -11.88
C ALA D 86 1.46 9.94 -10.42
N PRO D 87 0.56 9.14 -9.85
CA PRO D 87 0.58 8.90 -8.40
C PRO D 87 1.74 8.05 -7.93
N ASP D 88 2.46 7.34 -8.80
CA ASP D 88 3.64 6.62 -8.33
C ASP D 88 4.95 7.19 -8.89
N ALA D 89 4.93 8.41 -9.42
CA ALA D 89 6.16 9.10 -9.76
C ALA D 89 7.05 9.24 -8.52
N PRO D 90 8.34 8.96 -8.63
CA PRO D 90 9.25 9.26 -7.51
C PRO D 90 9.30 10.77 -7.26
N GLU D 91 9.81 11.14 -6.08
CA GLU D 91 9.73 12.54 -5.66
C GLU D 91 10.41 13.48 -6.66
N ASP D 92 11.60 13.12 -7.14
CA ASP D 92 12.31 14.01 -8.06
C ASP D 92 11.49 14.25 -9.33
N ARG D 93 10.83 13.20 -9.85
CA ARG D 93 10.01 13.40 -11.04
C ARG D 93 8.79 14.24 -10.73
N LEU D 94 8.17 14.04 -9.57
CA LEU D 94 7.00 14.84 -9.21
C LEU D 94 7.36 16.32 -9.11
N VAL D 95 8.52 16.64 -8.55
CA VAL D 95 8.98 18.02 -8.54
C VAL D 95 9.12 18.57 -9.96
N MET D 96 9.64 17.72 -10.85
CA MET D 96 9.78 18.10 -12.25
C MET D 96 8.39 18.43 -12.81
N MET D 97 7.41 17.58 -12.51
CA MET D 97 6.04 17.80 -12.96
C MET D 97 5.46 19.07 -12.35
N LEU D 98 5.80 19.35 -11.08
CA LEU D 98 5.31 20.58 -10.47
C LEU D 98 5.95 21.81 -11.12
N ASP D 99 7.26 21.78 -11.37
CA ASP D 99 7.90 22.84 -12.14
C ASP D 99 7.19 23.06 -13.48
N TRP D 100 6.93 21.96 -14.21
CA TRP D 100 6.28 22.06 -15.52
C TRP D 100 4.92 22.74 -15.40
N ASN D 101 4.13 22.35 -14.40
CA ASN D 101 2.80 22.93 -14.26
C ASN D 101 2.88 24.42 -13.96
N HIS D 102 3.84 24.84 -13.13
CA HIS D 102 4.03 26.28 -12.93
C HIS D 102 4.44 26.95 -14.23
N TRP D 103 5.29 26.28 -15.01
CA TRP D 103 5.71 26.84 -16.30
C TRP D 103 4.50 27.07 -17.20
N VAL D 104 3.65 26.06 -17.37
CA VAL D 104 2.58 26.18 -18.35
C VAL D 104 1.55 27.20 -17.90
N PHE D 105 1.39 27.33 -16.58
CA PHE D 105 0.47 28.31 -16.02
C PHE D 105 0.95 29.73 -16.35
N LEU D 106 2.24 29.98 -16.15
CA LEU D 106 2.83 31.29 -16.43
C LEU D 106 2.89 31.53 -17.93
N PHE D 107 3.34 30.53 -18.69
CA PHE D 107 3.45 30.63 -20.15
C PHE D 107 2.10 30.91 -20.79
N ASP D 108 1.09 30.08 -20.47
CA ASP D 108 -0.22 30.20 -21.08
C ASP D 108 -0.85 31.57 -20.82
N ASP D 109 -0.57 32.16 -19.65
CA ASP D 109 -1.16 33.45 -19.31
C ASP D 109 -0.63 34.57 -20.20
N GLN D 110 0.60 34.42 -20.71
CA GLN D 110 1.12 35.40 -21.67
C GLN D 110 0.25 35.50 -22.92
N PHE D 111 -0.44 34.43 -23.28
CA PHE D 111 -1.27 34.39 -24.47
C PHE D 111 -2.75 34.65 -24.18
N ASP D 112 -3.23 34.30 -22.99
CA ASP D 112 -4.63 34.49 -22.63
C ASP D 112 -4.89 35.89 -22.09
N GLU D 113 -3.89 36.51 -21.48
CA GLU D 113 -4.05 37.85 -20.92
C GLU D 113 -2.81 38.74 -20.91
N GLY D 114 -1.62 38.14 -21.06
CA GLY D 114 -0.41 38.93 -21.05
C GLY D 114 -0.09 39.61 -22.38
N HIS D 115 1.21 39.86 -22.59
CA HIS D 115 1.65 40.73 -23.66
C HIS D 115 1.52 40.12 -25.05
N LEU D 116 1.23 38.83 -25.17
CA LEU D 116 1.12 38.17 -26.46
C LEU D 116 -0.32 37.95 -26.88
N LYS D 117 -1.28 38.51 -26.13
CA LYS D 117 -2.69 38.18 -26.37
C LYS D 117 -3.17 38.66 -27.73
N GLU D 118 -2.69 39.78 -28.22
CA GLU D 118 -3.13 40.28 -29.49
C GLU D 118 -1.96 40.72 -30.32
N ASP D 119 -0.91 39.94 -30.29
CA ASP D 119 0.37 40.22 -30.97
C ASP D 119 0.83 38.95 -31.67
N PRO D 120 0.30 38.68 -32.87
CA PRO D 120 0.68 37.43 -33.56
C PRO D 120 2.15 37.36 -33.90
N ALA D 121 2.79 38.48 -34.22
CA ALA D 121 4.20 38.44 -34.57
C ALA D 121 5.05 38.04 -33.37
N ALA D 122 4.71 38.54 -32.18
CA ALA D 122 5.50 38.21 -30.99
C ALA D 122 5.13 36.83 -30.43
N ALA D 123 3.85 36.47 -30.48
CA ALA D 123 3.44 35.13 -30.07
C ALA D 123 4.16 34.07 -30.89
N ALA D 124 4.30 34.30 -32.20
CA ALA D 124 5.04 33.37 -33.03
C ALA D 124 6.51 33.32 -32.66
N GLU D 125 7.07 34.45 -32.21
CA GLU D 125 8.47 34.46 -31.83
C GLU D 125 8.68 33.73 -30.50
N GLU D 126 7.76 33.91 -29.54
CA GLU D 126 7.87 33.22 -28.27
C GLU D 126 7.85 31.70 -28.47
N VAL D 127 6.91 31.22 -29.29
CA VAL D 127 6.82 29.79 -29.59
C VAL D 127 8.11 29.28 -30.22
N LYS D 128 8.68 30.06 -31.15
CA LYS D 128 9.92 29.65 -31.79
C LYS D 128 11.04 29.50 -30.77
N GLN D 129 11.18 30.48 -29.87
CA GLN D 129 12.26 30.43 -28.89
C GLN D 129 12.02 29.33 -27.85
N THR D 130 10.76 29.06 -27.52
CA THR D 130 10.46 27.97 -26.60
C THR D 130 10.76 26.62 -27.24
N ILE D 131 10.39 26.43 -28.51
CA ILE D 131 10.70 25.18 -29.20
C ILE D 131 12.21 24.95 -29.25
N ALA D 132 12.98 26.01 -29.48
CA ALA D 132 14.43 25.88 -29.61
C ALA D 132 15.07 25.35 -28.33
N ILE D 133 14.38 25.48 -27.20
CA ILE D 133 14.89 24.93 -25.93
C ILE D 133 15.01 23.42 -26.03
N MET D 134 14.14 22.78 -26.80
CA MET D 134 13.98 21.33 -26.83
C MET D 134 14.89 20.73 -27.89
N GLY D 135 16.19 20.75 -27.59
CA GLY D 135 17.20 20.22 -28.48
C GLY D 135 17.71 21.17 -29.54
N GLY D 136 17.17 22.39 -29.64
CA GLY D 136 17.54 23.33 -30.66
C GLY D 136 18.72 24.21 -30.29
N ASN D 137 18.70 25.44 -30.81
CA ASN D 137 19.82 26.37 -30.70
C ASN D 137 19.70 27.33 -29.52
N ALA D 138 18.76 27.08 -28.62
CA ALA D 138 18.45 28.05 -27.57
C ALA D 138 19.67 28.31 -26.69
N PRO D 139 19.75 29.50 -26.10
CA PRO D 139 20.81 29.75 -25.12
C PRO D 139 20.51 29.10 -23.79
N ARG D 140 21.56 28.99 -22.98
CA ARG D 140 21.46 28.54 -21.59
C ARG D 140 20.77 29.63 -20.79
N TYR D 141 19.46 29.45 -20.58
CA TYR D 141 18.69 30.46 -19.88
C TYR D 141 18.98 30.43 -18.38
N THR D 142 18.75 31.56 -17.73
CA THR D 142 18.84 31.67 -16.28
C THR D 142 17.53 32.26 -15.76
N ALA D 143 17.36 32.21 -14.45
CA ALA D 143 16.18 32.85 -13.86
C ALA D 143 16.20 34.36 -14.08
N GLU D 144 17.38 34.93 -14.21
CA GLU D 144 17.54 36.36 -14.41
C GLU D 144 17.28 36.83 -15.85
N SER D 145 17.74 36.07 -16.84
CA SER D 145 17.56 36.45 -18.23
C SER D 145 16.13 36.21 -18.72
N ASN D 146 15.54 35.07 -18.38
CA ASN D 146 14.18 34.78 -18.82
C ASN D 146 13.59 33.70 -17.90
N PRO D 147 12.87 34.09 -16.85
CA PRO D 147 12.47 33.10 -15.83
C PRO D 147 11.56 32.01 -16.35
N ILE D 148 10.54 32.35 -17.14
CA ILE D 148 9.63 31.35 -17.67
C ILE D 148 10.37 30.38 -18.60
N ARG D 149 11.16 30.92 -19.54
CA ARG D 149 11.96 30.06 -20.39
C ARG D 149 12.95 29.24 -19.59
N TYR D 150 13.46 29.79 -18.48
CA TYR D 150 14.38 29.02 -17.64
C TYR D 150 13.70 27.80 -17.04
N VAL D 151 12.48 27.95 -16.53
CA VAL D 151 11.78 26.81 -15.93
C VAL D 151 11.57 25.72 -16.96
N PHE D 152 11.02 26.09 -18.13
CA PHE D 152 10.82 25.09 -19.19
C PHE D 152 12.11 24.40 -19.57
N GLN D 153 13.22 25.17 -19.64
CA GLN D 153 14.51 24.57 -19.96
C GLN D 153 14.97 23.61 -18.89
N GLN D 154 14.73 23.93 -17.61
CA GLN D 154 15.08 22.99 -16.54
C GLN D 154 14.27 21.70 -16.64
N CYS D 155 12.99 21.82 -17.02
CA CYS D 155 12.17 20.61 -17.18
C CYS D 155 12.66 19.76 -18.34
N TRP D 156 12.99 20.40 -19.47
CA TRP D 156 13.44 19.66 -20.65
C TRP D 156 14.73 18.90 -20.36
N ASP D 157 15.67 19.51 -19.64
CA ASP D 157 16.92 18.82 -19.27
C ASP D 157 16.62 17.54 -18.50
N ARG D 158 15.72 17.62 -17.52
CA ARG D 158 15.40 16.42 -16.77
C ARG D 158 14.68 15.39 -17.63
N LEU D 159 13.77 15.86 -18.49
CA LEU D 159 13.04 14.95 -19.37
C LEU D 159 14.01 14.19 -20.29
N LYS D 160 14.90 14.93 -20.94
CA LYS D 160 15.90 14.35 -21.85
C LYS D 160 16.93 13.43 -21.19
N ALA D 161 17.15 13.60 -19.89
CA ALA D 161 18.13 12.76 -19.18
C ALA D 161 17.65 11.34 -18.94
N VAL D 162 16.34 11.12 -18.88
CA VAL D 162 15.84 9.80 -18.49
C VAL D 162 14.87 9.25 -19.52
N SER D 163 14.79 9.87 -20.69
CA SER D 163 13.82 9.47 -21.70
C SER D 163 14.53 9.08 -23.00
N SER D 164 14.04 8.00 -23.61
CA SER D 164 14.54 7.58 -24.91
C SER D 164 14.44 8.72 -25.93
N GLN D 165 15.14 8.55 -27.05
CA GLN D 165 15.00 9.53 -28.12
C GLN D 165 13.57 9.57 -28.63
N GLU D 166 12.92 8.41 -28.69
CA GLU D 166 11.54 8.37 -29.14
C GLU D 166 10.61 9.14 -28.20
N MET D 167 10.79 8.97 -26.89
CA MET D 167 9.93 9.69 -25.95
C MET D 167 10.25 11.18 -25.95
N GLN D 168 11.52 11.54 -26.17
CA GLN D 168 11.86 12.96 -26.32
C GLN D 168 11.09 13.59 -27.47
N GLN D 169 11.03 12.90 -28.62
CA GLN D 169 10.34 13.46 -29.78
C GLN D 169 8.84 13.56 -29.54
N ARG D 170 8.27 12.59 -28.83
CA ARG D 170 6.85 12.67 -28.52
C ARG D 170 6.54 13.89 -27.66
N TRP D 171 7.35 14.12 -26.62
CA TRP D 171 7.23 15.32 -25.80
C TRP D 171 7.26 16.58 -26.68
N ILE D 172 8.26 16.68 -27.56
CA ILE D 172 8.36 17.87 -28.42
C ILE D 172 7.10 18.04 -29.24
N ASP D 173 6.62 16.94 -29.83
CA ASP D 173 5.50 17.02 -30.76
C ASP D 173 4.20 17.35 -30.05
N GLN D 174 4.01 16.85 -28.82
CA GLN D 174 2.77 17.19 -28.13
C GLN D 174 2.80 18.63 -27.66
N HIS D 175 3.99 19.17 -27.38
CA HIS D 175 4.06 20.58 -27.01
C HIS D 175 3.73 21.46 -28.22
N LYS D 176 4.06 20.99 -29.43
CA LYS D 176 3.72 21.77 -30.62
C LYS D 176 2.24 21.71 -30.95
N ARG D 177 1.55 20.58 -30.70
CA ARG D 177 0.09 20.61 -30.80
C ARG D 177 -0.47 21.69 -29.87
N TYR D 178 0.21 21.94 -28.75
CA TYR D 178 -0.23 22.99 -27.84
C TYR D 178 0.15 24.37 -28.36
N PHE D 179 1.42 24.56 -28.73
CA PHE D 179 1.86 25.87 -29.21
C PHE D 179 1.09 26.31 -30.44
N ASP D 180 0.69 25.36 -31.29
CA ASP D 180 0.00 25.69 -32.54
C ASP D 180 -1.34 26.33 -32.26
N GLN D 181 -2.15 25.68 -31.43
CA GLN D 181 -3.47 26.23 -31.11
C GLN D 181 -3.35 27.55 -30.37
N LEU D 182 -2.24 27.79 -29.70
CA LEU D 182 -2.01 29.11 -29.09
C LEU D 182 -1.94 30.19 -30.17
N LEU D 183 -1.16 29.94 -31.23
CA LEU D 183 -1.05 30.92 -32.31
C LEU D 183 -2.39 31.10 -33.03
N VAL D 184 -3.11 30.00 -33.28
CA VAL D 184 -4.47 30.11 -33.80
C VAL D 184 -5.33 30.97 -32.87
N GLN D 185 -5.13 30.82 -31.56
CA GLN D 185 -5.93 31.60 -30.61
C GLN D 185 -5.62 33.09 -30.69
N VAL D 186 -4.34 33.43 -30.88
CA VAL D 186 -3.97 34.84 -30.97
C VAL D 186 -4.53 35.45 -32.25
N ASP D 187 -4.50 34.71 -33.35
CA ASP D 187 -5.06 35.21 -34.60
C ASP D 187 -6.54 35.53 -34.46
N GLN D 188 -7.28 34.66 -33.76
CA GLN D 188 -8.70 34.95 -33.53
C GLN D 188 -8.92 36.09 -32.55
N GLN D 189 -7.86 36.63 -31.95
CA GLN D 189 -7.96 37.84 -31.15
C GLN D 189 -7.71 39.10 -31.99
N VAL D 190 -6.62 39.09 -32.75
CA VAL D 190 -6.30 40.21 -33.63
C VAL D 190 -7.29 40.21 -34.80
N GLY D 191 -7.39 39.07 -35.47
CA GLY D 191 -8.31 38.90 -36.59
C GLY D 191 -9.73 39.28 -36.24
N ASP D 198 -19.63 27.43 -34.00
CA ASP D 198 -19.42 26.03 -34.35
C ASP D 198 -18.79 25.33 -33.14
N VAL D 199 -19.55 24.44 -32.50
CA VAL D 199 -19.07 23.71 -31.34
C VAL D 199 -17.83 22.90 -31.68
N GLU D 200 -17.74 22.40 -32.91
CA GLU D 200 -16.59 21.60 -33.28
C GLU D 200 -15.32 22.44 -33.36
N ALA D 201 -15.42 23.64 -33.92
CA ALA D 201 -14.26 24.53 -33.94
C ALA D 201 -13.90 24.95 -32.52
N TYR D 202 -14.91 25.20 -31.68
CA TYR D 202 -14.66 25.56 -30.29
C TYR D 202 -13.94 24.44 -29.56
N MET D 203 -14.45 23.21 -29.66
CA MET D 203 -13.81 22.08 -28.98
C MET D 203 -12.41 21.84 -29.51
N ASP D 204 -12.21 21.98 -30.83
CA ASP D 204 -10.91 21.70 -31.42
C ASP D 204 -9.85 22.68 -30.94
N LEU D 205 -10.22 23.94 -30.75
CA LEU D 205 -9.27 24.92 -30.23
C LEU D 205 -8.95 24.65 -28.77
N ARG D 206 -9.99 24.39 -27.98
CA ARG D 206 -9.83 24.11 -26.57
C ARG D 206 -8.93 22.91 -26.34
N ARG D 207 -9.14 21.85 -27.13
CA ARG D 207 -8.33 20.64 -27.00
C ARG D 207 -6.84 20.94 -27.14
N GLY D 208 -6.50 21.81 -28.05
CA GLY D 208 -5.15 22.18 -28.25
C GLY D 208 -4.72 23.14 -27.17
N THR D 209 -5.51 24.16 -26.87
CA THR D 209 -5.13 25.17 -25.88
C THR D 209 -5.05 24.80 -24.39
N ILE D 210 -5.88 23.86 -23.93
CA ILE D 210 -5.92 23.49 -22.51
C ILE D 210 -4.63 22.84 -21.99
N GLY D 211 -3.85 22.25 -22.89
CA GLY D 211 -2.63 21.59 -22.52
C GLY D 211 -2.67 20.16 -22.07
N VAL D 212 -3.79 19.49 -22.31
CA VAL D 212 -3.96 18.09 -21.93
C VAL D 212 -2.96 17.20 -22.64
N TYR D 213 -2.70 17.48 -23.92
CA TYR D 213 -1.74 16.66 -24.66
C TYR D 213 -0.32 16.75 -24.10
N PRO D 214 0.27 17.93 -23.87
CA PRO D 214 1.59 17.93 -23.23
C PRO D 214 1.56 17.42 -21.80
N ALA D 215 0.46 17.62 -21.08
CA ALA D 215 0.33 17.05 -19.73
C ALA D 215 0.39 15.53 -19.76
N ILE D 216 -0.13 14.89 -20.83
CA ILE D 216 -0.04 13.43 -20.93
C ILE D 216 1.41 13.02 -21.18
N SER D 217 2.12 13.83 -21.93
CA SER D 217 3.53 13.59 -22.20
C SER D 217 4.27 13.69 -20.85
N LEU D 218 3.97 14.73 -20.08
CA LEU D 218 4.58 14.91 -18.76
C LEU D 218 4.31 13.71 -17.87
N SER D 219 3.09 13.18 -17.93
CA SER D 219 2.73 12.03 -17.09
C SER D 219 3.41 10.75 -17.55
N GLU D 220 3.62 10.58 -18.85
CA GLU D 220 4.42 9.44 -19.32
C GLU D 220 5.81 9.47 -18.72
N TYR D 221 6.41 10.66 -18.62
CA TYR D 221 7.68 10.82 -17.93
C TYR D 221 7.54 10.51 -16.45
N GLY D 222 6.58 11.14 -15.78
CA GLY D 222 6.44 10.96 -14.33
C GLY D 222 6.25 9.51 -13.94
N ALA D 223 5.40 8.79 -14.68
CA ALA D 223 5.06 7.41 -14.39
C ALA D 223 6.06 6.41 -14.98
N GLY D 224 6.99 6.83 -15.83
CA GLY D 224 7.91 5.85 -16.38
C GLY D 224 7.29 4.92 -17.40
N VAL D 225 6.31 5.39 -18.16
CA VAL D 225 5.56 4.58 -19.12
C VAL D 225 5.96 5.02 -20.52
N ASN D 226 6.44 4.07 -21.34
CA ASN D 226 6.99 4.37 -22.66
C ASN D 226 6.34 3.43 -23.69
N VAL D 227 5.07 3.67 -24.01
CA VAL D 227 4.39 2.86 -25.03
C VAL D 227 5.05 3.12 -26.39
N PRO D 228 5.31 2.09 -27.20
CA PRO D 228 5.93 2.29 -28.51
C PRO D 228 5.10 3.22 -29.39
N GLN D 229 5.80 4.02 -30.22
CA GLN D 229 5.14 5.06 -30.99
C GLN D 229 4.06 4.49 -31.92
N HIS D 230 4.30 3.31 -32.51
CA HIS D 230 3.32 2.79 -33.46
C HIS D 230 2.04 2.37 -32.75
N VAL D 231 2.14 2.02 -31.46
CA VAL D 231 0.95 1.75 -30.66
C VAL D 231 0.31 3.06 -30.20
N TYR D 232 1.13 3.97 -29.66
CA TYR D 232 0.68 5.32 -29.30
C TYR D 232 -0.12 5.98 -30.42
N ASP D 233 0.34 5.86 -31.67
CA ASP D 233 -0.33 6.48 -32.80
C ASP D 233 -1.58 5.71 -33.27
N HIS D 234 -1.88 4.54 -32.71
CA HIS D 234 -3.11 3.88 -33.11
C HIS D 234 -4.31 4.78 -32.83
N PRO D 235 -5.30 4.84 -33.73
CA PRO D 235 -6.44 5.75 -33.53
C PRO D 235 -7.15 5.59 -32.19
N SER D 236 -7.17 4.38 -31.62
CA SER D 236 -7.83 4.19 -30.33
C SER D 236 -7.15 4.99 -29.23
N LEU D 237 -5.82 4.94 -29.16
CA LEU D 237 -5.13 5.64 -28.09
C LEU D 237 -5.15 7.14 -28.32
N GLN D 238 -5.09 7.56 -29.60
CA GLN D 238 -5.26 8.98 -29.90
C GLN D 238 -6.64 9.45 -29.49
N GLU D 239 -7.67 8.60 -29.66
CA GLU D 239 -9.00 9.00 -29.19
C GLU D 239 -9.06 9.05 -27.67
N CYS D 240 -8.35 8.16 -26.97
CA CYS D 240 -8.28 8.24 -25.51
C CYS D 240 -7.71 9.59 -25.06
N MET D 241 -6.67 10.07 -25.74
CA MET D 241 -6.13 11.39 -25.45
C MET D 241 -7.13 12.48 -25.78
N LYS D 242 -7.82 12.34 -26.91
CA LYS D 242 -8.84 13.31 -27.29
C LYS D 242 -9.98 13.34 -26.28
N VAL D 243 -10.42 12.17 -25.82
CA VAL D 243 -11.45 12.10 -24.78
C VAL D 243 -10.99 12.82 -23.51
N SER D 244 -9.75 12.60 -23.09
CA SER D 244 -9.24 13.23 -21.90
C SER D 244 -9.25 14.76 -22.04
N ALA D 245 -8.78 15.26 -23.19
CA ALA D 245 -8.80 16.70 -23.43
C ALA D 245 -10.22 17.25 -23.44
N ASP D 246 -11.16 16.55 -24.09
CA ASP D 246 -12.54 17.04 -24.11
C ASP D 246 -13.12 17.08 -22.70
N LEU D 247 -12.87 16.05 -21.89
CA LEU D 247 -13.38 16.05 -20.52
C LEU D 247 -12.86 17.26 -19.74
N VAL D 248 -11.58 17.59 -19.91
CA VAL D 248 -11.02 18.72 -19.18
C VAL D 248 -11.66 20.02 -19.64
N THR D 249 -11.80 20.18 -20.96
CA THR D 249 -12.47 21.35 -21.53
C THR D 249 -13.90 21.48 -21.00
N LEU D 250 -14.65 20.37 -21.03
CA LEU D 250 -16.05 20.42 -20.62
C LEU D 250 -16.21 20.72 -19.14
N VAL D 251 -15.35 20.13 -18.30
CA VAL D 251 -15.45 20.38 -16.87
C VAL D 251 -15.12 21.85 -16.55
N ASN D 252 -14.10 22.40 -17.22
CA ASN D 252 -13.76 23.81 -17.03
C ASN D 252 -14.92 24.72 -17.41
N ASP D 253 -15.54 24.43 -18.56
CA ASP D 253 -16.67 25.23 -19.04
C ASP D 253 -17.83 25.24 -18.04
N VAL D 254 -18.13 24.07 -17.48
CA VAL D 254 -19.22 23.94 -16.52
C VAL D 254 -18.92 24.73 -15.25
N LEU D 255 -17.71 24.56 -14.71
CA LEU D 255 -17.40 25.10 -13.39
C LEU D 255 -17.14 26.59 -13.44
N SER D 256 -16.71 27.12 -14.58
CA SER D 256 -16.36 28.53 -14.70
C SER D 256 -17.54 29.40 -15.11
N ARG D 258 -20.12 30.35 -13.39
CA ARG D 258 -20.34 31.35 -12.35
C ARG D 258 -19.33 32.49 -12.46
N LYS D 259 -18.05 32.15 -12.59
CA LYS D 259 -17.03 33.17 -12.73
C LYS D 259 -17.17 33.92 -14.06
N ASP D 260 -17.52 33.19 -15.13
CA ASP D 260 -17.69 33.82 -16.43
C ASP D 260 -18.85 34.81 -16.44
N GLU D 262 -20.27 36.47 -13.80
CA GLU D 262 -19.95 37.62 -12.97
C GLU D 262 -18.58 38.22 -13.32
N LEU D 263 -18.01 37.86 -14.46
CA LEU D 263 -16.87 38.55 -15.04
C LEU D 263 -17.16 39.08 -16.44
N GLY D 264 -18.36 38.85 -16.96
CA GLY D 264 -18.82 39.46 -18.20
C GLY D 264 -18.40 38.75 -19.48
N VAL D 265 -17.53 37.76 -19.39
CA VAL D 265 -17.01 37.05 -20.55
C VAL D 265 -18.10 36.36 -21.37
N ASP D 266 -17.82 36.12 -22.65
CA ASP D 266 -18.77 35.45 -23.52
C ASP D 266 -18.15 34.35 -24.39
N HIS D 267 -16.83 34.26 -24.45
CA HIS D 267 -16.13 33.25 -25.25
C HIS D 267 -16.13 31.90 -24.50
N ASN D 268 -17.30 31.27 -24.43
CA ASN D 268 -17.40 29.99 -23.71
C ASN D 268 -18.46 29.10 -24.34
N LEU D 269 -18.52 27.85 -23.86
CA LEU D 269 -19.39 26.84 -24.46
C LEU D 269 -20.85 27.09 -24.13
N MET D 270 -21.15 27.53 -22.91
CA MET D 270 -22.54 27.80 -22.55
C MET D 270 -23.16 28.86 -23.45
N SER D 271 -22.41 29.92 -23.73
CA SER D 271 -22.91 30.99 -24.60
C SER D 271 -23.18 30.47 -26.01
N LEU D 272 -22.24 29.71 -26.55
CA LEU D 272 -22.36 29.16 -27.89
C LEU D 272 -23.59 28.27 -28.04
N LEU D 273 -23.90 27.49 -27.01
CA LEU D 273 -25.05 26.59 -27.07
C LEU D 273 -26.37 27.32 -26.85
N MET D 274 -26.39 28.36 -26.02
CA MET D 274 -27.63 29.11 -25.85
C MET D 274 -27.98 29.92 -27.10
N GLN D 275 -26.97 30.52 -27.73
CA GLN D 275 -27.22 31.25 -28.97
C GLN D 275 -27.68 30.31 -30.08
N ARG D 276 -26.93 29.23 -30.32
CA ARG D 276 -27.18 28.40 -31.49
C ARG D 276 -28.57 27.77 -31.43
N ASP D 277 -28.97 27.25 -30.28
CA ASP D 277 -30.17 26.43 -30.17
C ASP D 277 -31.28 27.11 -29.37
N ASN D 278 -31.11 28.37 -28.99
CA ASN D 278 -32.10 29.11 -28.20
C ASN D 278 -32.48 28.33 -26.95
N LEU D 279 -31.48 28.10 -26.11
CA LEU D 279 -31.62 27.31 -24.90
C LEU D 279 -31.42 28.19 -23.67
N SER D 280 -32.14 27.86 -22.60
CA SER D 280 -31.84 28.45 -21.32
C SER D 280 -30.49 27.95 -20.81
N ALA D 281 -30.00 28.58 -19.74
CA ALA D 281 -28.75 28.12 -19.15
C ALA D 281 -28.87 26.68 -18.67
N GLN D 282 -29.96 26.37 -17.96
CA GLN D 282 -30.20 25.00 -17.50
C GLN D 282 -30.19 24.02 -18.66
N GLN D 283 -30.90 24.34 -19.74
CA GLN D 283 -30.89 23.49 -20.93
C GLN D 283 -29.48 23.38 -21.51
N ALA D 284 -28.74 24.48 -21.49
CA ALA D 284 -27.38 24.46 -22.04
C ALA D 284 -26.46 23.61 -21.18
N VAL D 285 -26.57 23.79 -19.87
CA VAL D 285 -25.76 23.04 -18.93
C VAL D 285 -26.08 21.55 -19.07
N ASP D 286 -27.34 21.24 -19.35
CA ASP D 286 -27.76 19.86 -19.52
C ASP D 286 -27.18 19.27 -20.80
N VAL D 287 -27.04 20.09 -21.85
CA VAL D 287 -26.42 19.59 -23.08
C VAL D 287 -24.94 19.32 -22.86
N ILE D 288 -24.26 20.15 -22.05
CA ILE D 288 -22.86 19.89 -21.75
C ILE D 288 -22.71 18.58 -20.99
N GLY D 289 -23.62 18.32 -20.05
CA GLY D 289 -23.62 17.02 -19.37
C GLY D 289 -23.79 15.86 -20.34
N ASP D 290 -24.61 16.06 -21.38
CA ASP D 290 -24.73 15.05 -22.42
C ASP D 290 -23.41 14.88 -23.17
N MET D 291 -22.72 15.98 -23.43
CA MET D 291 -21.40 15.89 -24.06
C MET D 291 -20.40 15.17 -23.16
N VAL D 292 -20.45 15.42 -21.85
CA VAL D 292 -19.54 14.73 -20.94
C VAL D 292 -19.81 13.24 -20.95
N ASN D 293 -21.07 12.86 -20.91
CA ASN D 293 -21.39 11.44 -20.94
C ASN D 293 -21.08 10.81 -22.29
N GLU D 294 -21.14 11.61 -23.37
CA GLU D 294 -20.72 11.08 -24.66
C GLU D 294 -19.21 10.81 -24.70
N CYS D 295 -18.42 11.57 -23.93
CA CYS D 295 -16.99 11.30 -23.84
C CYS D 295 -16.72 9.88 -23.34
N TYR D 296 -17.48 9.44 -22.33
CA TYR D 296 -17.24 8.12 -21.75
C TYR D 296 -17.62 7.03 -22.75
N ARG D 297 -18.72 7.21 -23.47
CA ARG D 297 -19.08 6.26 -24.52
C ARG D 297 -17.98 6.18 -25.58
N ARG D 298 -17.45 7.34 -25.99
CA ARG D 298 -16.35 7.36 -26.97
C ARG D 298 -15.13 6.61 -26.43
N TRP D 299 -14.81 6.84 -25.16
CA TRP D 299 -13.71 6.15 -24.48
C TRP D 299 -13.79 4.64 -24.71
N TYR D 300 -14.92 4.04 -24.32
CA TYR D 300 -15.05 2.59 -24.40
C TYR D 300 -15.12 2.08 -25.83
N LEU D 301 -15.73 2.85 -26.74
CA LEU D 301 -15.76 2.46 -28.16
C LEU D 301 -14.36 2.50 -28.76
N ALA D 302 -13.57 3.50 -28.38
CA ALA D 302 -12.15 3.52 -28.77
C ALA D 302 -11.41 2.29 -28.24
N LEU D 303 -11.61 1.96 -26.96
CA LEU D 303 -10.90 0.81 -26.39
C LEU D 303 -11.36 -0.51 -27.03
N ALA D 304 -12.62 -0.59 -27.48
CA ALA D 304 -13.07 -1.79 -28.17
C ALA D 304 -12.26 -2.04 -29.44
N GLU D 305 -11.79 -0.98 -30.10
CA GLU D 305 -11.03 -1.12 -31.33
C GLU D 305 -9.54 -1.27 -31.11
N LEU D 306 -9.06 -1.14 -29.88
CA LEU D 306 -7.62 -1.16 -29.63
C LEU D 306 -7.09 -2.58 -29.74
N PRO D 307 -6.19 -2.88 -30.66
CA PRO D 307 -5.71 -4.26 -30.81
C PRO D 307 -4.69 -4.60 -29.74
N SER D 308 -4.52 -5.91 -29.52
CA SER D 308 -3.53 -6.39 -28.59
C SER D 308 -2.18 -6.51 -29.27
N TYR D 309 -1.14 -6.05 -28.58
CA TYR D 309 0.24 -6.22 -29.03
C TYR D 309 0.99 -7.24 -28.19
N GLY D 310 0.26 -8.10 -27.49
CA GLY D 310 0.87 -9.04 -26.58
C GLY D 310 0.98 -8.49 -25.17
N GLU D 311 1.07 -9.42 -24.21
CA GLU D 311 1.09 -9.07 -22.79
C GLU D 311 2.06 -7.94 -22.47
N LYS D 312 3.31 -8.14 -22.87
CA LYS D 312 4.40 -7.20 -22.59
C LYS D 312 4.04 -5.75 -22.87
N ILE D 313 3.61 -5.50 -24.10
CA ILE D 313 3.25 -4.15 -24.53
C ILE D 313 1.89 -3.74 -23.96
N ASP D 314 0.92 -4.65 -23.97
CA ASP D 314 -0.41 -4.32 -23.45
C ASP D 314 -0.33 -3.86 -22.00
N TYR D 315 0.57 -4.44 -21.20
CA TYR D 315 0.71 -4.02 -19.81
C TYR D 315 0.95 -2.53 -19.69
N ASN D 316 1.85 -2.01 -20.55
CA ASN D 316 2.14 -0.58 -20.53
C ASN D 316 1.04 0.23 -21.21
N VAL D 317 0.36 -0.34 -22.19
CA VAL D 317 -0.77 0.37 -22.81
C VAL D 317 -1.87 0.62 -21.76
N MET D 318 -2.18 -0.38 -20.94
CA MET D 318 -3.18 -0.17 -19.90
C MET D 318 -2.76 0.94 -18.95
N LYS D 319 -1.46 1.04 -18.67
CA LYS D 319 -0.98 2.15 -17.85
C LYS D 319 -1.15 3.48 -18.57
N PHE D 320 -0.94 3.51 -19.89
CA PHE D 320 -1.12 4.74 -20.65
C PHE D 320 -2.59 5.16 -20.67
N VAL D 321 -3.50 4.20 -20.82
CA VAL D 321 -4.92 4.50 -20.72
C VAL D 321 -5.24 5.10 -19.35
N GLU D 322 -4.64 4.56 -18.29
CA GLU D 322 -4.90 5.11 -16.96
C GLU D 322 -4.37 6.54 -16.83
N ILE D 323 -3.21 6.82 -17.46
CA ILE D 323 -2.69 8.18 -17.49
C ILE D 323 -3.68 9.15 -18.13
N CYS D 324 -4.24 8.77 -19.29
CA CYS D 324 -5.24 9.62 -19.92
C CYS D 324 -6.41 9.88 -18.99
N ARG D 325 -6.90 8.82 -18.33
CA ARG D 325 -8.01 8.97 -17.40
C ARG D 325 -7.62 9.84 -16.22
N ALA D 326 -6.39 9.66 -15.72
CA ALA D 326 -5.96 10.38 -14.52
C ALA D 326 -5.73 11.86 -14.79
N VAL D 327 -5.26 12.23 -15.99
CA VAL D 327 -5.13 13.65 -16.30
C VAL D 327 -6.49 14.34 -16.22
N ALA D 328 -7.54 13.70 -16.74
CA ALA D 328 -8.89 14.26 -16.62
C ALA D 328 -9.42 14.20 -15.20
N GLN D 329 -9.24 13.06 -14.51
CA GLN D 329 -9.74 13.00 -13.15
C GLN D 329 -8.97 13.94 -12.23
N GLY D 330 -7.66 14.08 -12.45
CA GLY D 330 -6.87 15.03 -11.67
C GLY D 330 -7.38 16.45 -11.83
N ASN D 331 -7.62 16.87 -13.07
CA ASN D 331 -8.15 18.21 -13.32
C ASN D 331 -9.48 18.42 -12.59
N LEU D 332 -10.33 17.39 -12.59
CA LEU D 332 -11.65 17.50 -11.96
C LEU D 332 -11.54 17.69 -10.46
N TYR D 333 -10.79 16.82 -9.78
CA TYR D 333 -10.68 16.94 -8.32
C TYR D 333 -9.93 18.20 -7.93
N TRP D 334 -8.86 18.52 -8.65
CA TRP D 334 -8.11 19.75 -8.39
C TRP D 334 -9.00 20.97 -8.52
N SER D 335 -9.78 21.04 -9.62
CA SER D 335 -10.70 22.15 -9.82
C SER D 335 -11.59 22.39 -8.61
N PHE D 336 -12.11 21.31 -8.01
CA PHE D 336 -13.01 21.43 -6.86
C PHE D 336 -12.24 21.69 -5.56
N GLN D 337 -11.08 21.04 -5.38
CA GLN D 337 -10.36 21.08 -4.10
C GLN D 337 -9.80 22.45 -3.78
N THR D 338 -9.48 23.24 -4.82
CA THR D 338 -8.73 24.47 -4.63
C THR D 338 -9.58 25.71 -4.80
N GLY D 339 -10.89 25.56 -4.88
CA GLY D 339 -11.76 26.71 -5.11
C GLY D 339 -11.43 27.46 -6.37
N ARG D 340 -10.72 26.83 -7.31
CA ARG D 340 -10.27 27.48 -8.54
C ARG D 340 -11.40 28.17 -9.28
N TYR D 341 -12.61 27.61 -9.20
CA TYR D 341 -13.77 28.11 -9.90
C TYR D 341 -14.90 28.51 -8.98
N LEU D 342 -14.96 27.97 -7.76
CA LEU D 342 -16.13 28.10 -6.91
C LEU D 342 -15.82 28.52 -5.48
N GLY D 343 -14.55 28.68 -5.13
CA GLY D 343 -14.17 29.00 -3.77
C GLY D 343 -14.36 27.80 -2.85
N GLY D 346 -17.33 25.23 -3.24
CA GLY D 346 -17.45 24.39 -4.41
C GLY D 346 -17.62 22.93 -4.07
N HIS D 347 -17.00 22.51 -2.95
CA HIS D 347 -17.25 21.18 -2.41
C HIS D 347 -18.71 20.98 -2.03
N GLU D 348 -19.46 22.07 -1.85
CA GLU D 348 -20.91 21.98 -1.70
C GLU D 348 -21.60 21.83 -3.04
N VAL D 349 -21.05 22.43 -4.09
CA VAL D 349 -21.58 22.21 -5.45
C VAL D 349 -21.36 20.75 -5.85
N HIS D 350 -20.23 20.16 -5.46
CA HIS D 350 -20.01 18.73 -5.66
C HIS D 350 -21.13 17.91 -5.02
N GLU D 351 -21.39 18.14 -3.73
CA GLU D 351 -22.30 17.28 -2.99
C GLU D 351 -23.76 17.48 -3.41
N THR D 352 -24.14 18.72 -3.70
CA THR D 352 -25.55 19.04 -3.96
C THR D 352 -25.87 19.26 -5.43
N GLY D 353 -24.88 19.55 -6.26
CA GLY D 353 -25.11 19.70 -7.68
C GLY D 353 -25.75 20.99 -8.12
N MET D 355 -25.42 25.13 -8.62
CA MET D 355 -24.44 26.20 -8.80
C MET D 355 -25.16 27.54 -8.77
#